data_5TJ5
#
_entry.id   5TJ5
#
loop_
_entity.id
_entity.type
_entity.pdbx_description
1 polymer 'V-type proton ATPase subunit a'
2 polymer "V-type proton ATPase subunit c''"
3 polymer "V-type proton ATPase subunit c'"
4 polymer 'V-type proton ATPase subunit c'
5 polymer 'V-type proton ATPase subunit e'
6 polymer 'V-type proton ATPase subunit f'
7 polymer 'V-type proton ATPase subunit d'
#
loop_
_entity_poly.entity_id
_entity_poly.type
_entity_poly.pdbx_seq_one_letter_code
_entity_poly.pdbx_strand_id
1 'polypeptide(L)'
;(UNK)(UNK)(UNK)(UNK)(UNK)(UNK)(UNK)(UNK)(UNK)(UNK)(UNK)(UNK)(UNK)(UNK)(UNK)(UNK)
(UNK)(UNK)(UNK)(UNK)(UNK)(UNK)(UNK)(UNK)(UNK)(UNK)(UNK)(UNK)(UNK)(UNK)(UNK)(UNK)
(UNK)(UNK)(UNK)(UNK)(UNK)(UNK)(UNK)(UNK)(UNK)(UNK)(UNK)(UNK)(UNK)(UNK)(UNK)(UNK)
(UNK)(UNK)(UNK)(UNK)(UNK)(UNK)(UNK)(UNK)(UNK)(UNK)(UNK)(UNK)(UNK)(UNK)(UNK)(UNK)
(UNK)(UNK)(UNK)(UNK)(UNK)(UNK)(UNK)(UNK)(UNK)(UNK)(UNK)(UNK)(UNK)(UNK)(UNK)(UNK)
(UNK)(UNK)(UNK)(UNK)(UNK)(UNK)(UNK)(UNK)(UNK)(UNK)(UNK)(UNK)(UNK)(UNK)(UNK)(UNK)
(UNK)(UNK)(UNK)(UNK)(UNK)(UNK)(UNK)(UNK)(UNK)(UNK)(UNK)(UNK)(UNK)(UNK)(UNK)(UNK)
(UNK)(UNK)(UNK)(UNK)(UNK)(UNK)(UNK)(UNK)(UNK)(UNK)(UNK)(UNK)(UNK)(UNK)(UNK)(UNK)
(UNK)(UNK)(UNK)(UNK)(UNK)(UNK)(UNK)(UNK)(UNK)(UNK)(UNK)(UNK)(UNK)(UNK)(UNK)(UNK)
(UNK)(UNK)(UNK)(UNK)(UNK)(UNK)(UNK)(UNK)(UNK)(UNK)(UNK)(UNK)(UNK)(UNK)(UNK)(UNK)
(UNK)(UNK)(UNK)(UNK)(UNK)(UNK)(UNK)(UNK)(UNK)(UNK)(UNK)(UNK)(UNK)(UNK)(UNK)(UNK)
(UNK)(UNK)(UNK)(UNK)(UNK)(UNK)(UNK)(UNK)(UNK)(UNK)(UNK)(UNK)(UNK)(UNK)(UNK)(UNK)
(UNK)(UNK)(UNK)(UNK)(UNK)(UNK)(UNK)(UNK)(UNK)(UNK)(UNK)(UNK)(UNK)(UNK)(UNK)(UNK)
(UNK)(UNK)(UNK)(UNK)(UNK)(UNK)(UNK)(UNK)(UNK)(UNK)(UNK)(UNK)(UNK)(UNK)(UNK)(UNK)
(UNK)(UNK)(UNK)(UNK)(UNK)(UNK)(UNK)(UNK)(UNK)(UNK)(UNK)(UNK)(UNK)(UNK)(UNK)(UNK)
(UNK)(UNK)(UNK)(UNK)(UNK)(UNK)(UNK)(UNK)(UNK)(UNK)AQYREINAGLPTIVTFPFMFAIMFGDMGHG
FLMTLAALSLVLNEKKINKMKRGEIFDMAFTGRYIILLMGVFSMYTGFLYNDIFSKTMTIFKSGWKWPDHWKKGESITAT
SVGTYPIGLDWAWHGTENALLFSNSYKMKLSILMGFIHMTYSYFFSLANHLYFNSMIDIIGNFIPGLLFMQGIFGYLSVC
IVYKWAVDWVKDGKPAPGLLNMLINMFLSPGTIDDELYPHQAKVQVFLLLMALVCIPWLLLVKPLHFKFTHKKKSHEPLP
STEADASSEDLEAQQLISAMDADDAEEEEVGSGSHGEDFGDIMIHQVIHTIEFCLNCVSHTASYLRLWALSLAHAQLSSV
LWTMTIQIAFGFRGFVGVFMTVALFAMWFALTCAVLVLMEGTSAMLHSLRLHWVESMSKFFVGEGLPYEPFAFEYKDMEV
;
A
2 'polypeptide(L)'
;MNKESKDDDMSLGKFSFSHFLYYLVLIVVIVYGLYKLFTGHGSDINFGKFLLRTSPYMWANLGIALCVGLSVVGAAWGIF
ITGSSMIGAGVRAPRITTKNLISIIFCEVVAIYGLIIAIVFSSKLTVATAENMYSKSNLYTGYSLFWAGITVGASNLICG
IAVGITGATAAISDAADSALFVKILVIEIFGSILGLLGLIVGLLMAGKASEFQ
;
B
3 'polypeptide(L)'
;FFGFAGCAAAMVLSCLGAAIGTAKSGIGIAGIGTFKPELIMKSLIPVVMSGILAIYGLVVAVLIAGNLSPTEDYTLFNGF
MHLSCGLCVGFACLSSGYAIGMVGDVGVRKYMHQPRLFVGIVLILIFSEVLGLYGMIVALILNTRGS
;
D
4 'polypeptide(L)'
;APFFGAIGCASAIIFTSLGAAYGTAKSGVGICATCVLRPDLLFKNIVPVIMAGIIAIYGLVVSVLVCYSLGQKQALYTGF
IQLGAGLSVGLSGLAAGFAIGIVGDAGVRGSSQQPRLFVGMILILIFAEVLGLYGLIVALLLNSRATQDV
;
E,F,G,H,I,J,M,N
5 'polypeptide(L)' YTVVGVFIVVSAMSVLFWIMAPKNNQAVWRSTVILTLAMMFLMWAITFLCQLHPLVA L
6 'polypeptide(L)'
;(UNK)(UNK)(UNK)(UNK)(UNK)(UNK)(UNK)(UNK)(UNK)(UNK)(UNK)(UNK)(UNK)(UNK)(UNK)(UNK)
(UNK)(UNK)(UNK)(UNK)(UNK)(UNK)(UNK)(UNK)(UNK)(UNK)(UNK)(UNK)(UNK)(UNK)(UNK)(UNK)
(UNK)(UNK)(UNK)(UNK)(UNK)(UNK)(UNK)(UNK)(UNK)(UNK)(UNK)(UNK)(UNK)(UNK)(UNK)(UNK)
(UNK)(UNK)(UNK)(UNK)(UNK)(UNK)
;
O
7 'polypeptide(L)'
;VYFNIDNGFIEGVVRGYRNGLLSNNQYINLTQCDTLEDLKLQLSSTDYGNFLSSVSSESLTTSLIQEYASSKLYHEFNYI
RDQSSGSTRKFMDYITYGYMIDNVALMITGTIHDRDKGEILQRCHPLGWFDTLPTLSVATDLESLYETVLVD(UNK)
(UNK)(UNK)(UNK)(UNK)(UNK)(UNK)(UNK)(UNK)(UNK)(UNK)(UNK)(UNK)(UNK)(UNK)(UNK)(UNK)
(UNK)(UNK)(UNK)NIEIIRNKLYKAYLEDFYNFVTEEIP(UNK)(UNK)(UNK)(UNK)(UNK)(UNK)(UNK)
(UNK)(UNK)(UNK)(UNK)(UNK)(UNK)(UNK)(UNK)(UNK)(UNK)(UNK)(UNK)(UNK)(UNK)(UNK)(UNK)
(UNK)(UNK)(UNK)(UNK)(UNK)(UNK)(UNK)(UNK)(UNK)(UNK)(UNK)(UNK)(UNK)(UNK)(UNK)(UNK)
(UNK)(UNK)LEDHFYQLEMELCRDAFTQQFAISTVWAWMKSKEQEVRNITWIAECIAQNQRERINNY
;
P
#
# COMPACT_ATOMS: atom_id res chain seq x y z
N UNK A 1 -16.07 -28.77 -36.94
CA UNK A 1 -17.44 -29.10 -36.60
C UNK A 1 -18.02 -30.07 -37.62
N UNK A 2 -19.13 -29.67 -38.23
CA UNK A 2 -19.79 -30.53 -39.21
C UNK A 2 -20.85 -29.72 -39.96
N UNK A 3 -21.62 -30.44 -40.77
CA UNK A 3 -22.81 -30.09 -41.54
C UNK A 3 -22.56 -29.39 -42.89
N UNK A 4 -21.44 -28.72 -43.08
CA UNK A 4 -20.93 -28.61 -44.44
C UNK A 4 -19.41 -28.68 -44.38
N UNK A 5 -18.84 -29.82 -44.78
CA UNK A 5 -17.40 -30.04 -44.75
C UNK A 5 -16.68 -29.58 -46.01
N UNK A 6 -17.21 -29.89 -47.19
CA UNK A 6 -16.64 -29.36 -48.42
C UNK A 6 -16.83 -27.86 -48.49
N UNK A 7 -17.98 -27.39 -48.02
CA UNK A 7 -18.09 -25.97 -47.72
C UNK A 7 -17.10 -25.60 -46.62
N UNK A 8 -17.03 -26.39 -45.55
CA UNK A 8 -15.94 -26.18 -44.61
C UNK A 8 -14.61 -26.27 -45.33
N UNK A 9 -14.51 -27.22 -46.26
CA UNK A 9 -13.35 -27.24 -47.13
C UNK A 9 -13.35 -26.03 -48.05
N UNK A 10 -14.52 -25.63 -48.54
CA UNK A 10 -14.58 -24.35 -49.25
C UNK A 10 -14.24 -23.22 -48.31
N UNK A 11 -14.82 -23.24 -47.11
CA UNK A 11 -14.36 -22.36 -46.05
C UNK A 11 -12.87 -22.51 -45.88
N UNK A 12 -12.39 -23.76 -45.77
CA UNK A 12 -10.96 -23.97 -45.83
C UNK A 12 -10.41 -23.42 -47.14
N UNK A 13 -10.98 -23.85 -48.27
CA UNK A 13 -10.55 -23.31 -49.55
C UNK A 13 -10.54 -21.80 -49.51
N UNK A 14 -11.56 -21.21 -48.87
CA UNK A 14 -11.45 -19.81 -48.53
C UNK A 14 -10.33 -19.59 -47.53
N UNK A 15 -10.37 -20.29 -46.40
CA UNK A 15 -9.40 -20.05 -45.34
C UNK A 15 -7.98 -20.24 -45.85
N UNK A 16 -7.72 -21.37 -46.50
CA UNK A 16 -6.43 -21.56 -47.14
C UNK A 16 -6.12 -20.36 -48.02
N UNK A 17 -7.06 -19.99 -48.88
CA UNK A 17 -6.88 -18.78 -49.67
C UNK A 17 -6.73 -17.57 -48.76
N UNK A 18 -7.56 -17.49 -47.73
CA UNK A 18 -7.47 -16.35 -46.83
C UNK A 18 -6.07 -16.22 -46.28
N UNK A 19 -5.56 -17.28 -45.65
CA UNK A 19 -4.16 -17.29 -45.26
C UNK A 19 -3.28 -17.07 -46.47
N UNK A 20 -3.59 -17.74 -47.60
CA UNK A 20 -2.78 -17.56 -48.80
C UNK A 20 -2.74 -16.09 -49.18
N UNK A 21 -3.91 -15.47 -49.34
CA UNK A 21 -3.91 -14.03 -49.57
C UNK A 21 -3.21 -13.31 -48.42
N UNK A 22 -3.47 -13.74 -47.18
CA UNK A 22 -2.84 -13.10 -46.04
C UNK A 22 -1.33 -13.16 -46.16
N UNK A 23 -0.79 -14.31 -46.54
CA UNK A 23 0.65 -14.38 -46.79
C UNK A 23 1.02 -13.37 -47.85
N UNK A 24 0.32 -13.41 -48.99
CA UNK A 24 0.57 -12.41 -50.02
C UNK A 24 0.38 -11.01 -49.49
N UNK A 25 -0.31 -10.84 -48.36
CA UNK A 25 -0.40 -9.52 -47.75
C UNK A 25 0.88 -9.18 -47.01
N UNK A 26 1.45 -10.15 -46.30
CA UNK A 26 2.69 -9.89 -45.60
C UNK A 26 3.78 -9.49 -46.57
N UNK A 27 4.04 -10.33 -47.57
CA UNK A 27 5.05 -10.02 -48.56
C UNK A 27 4.79 -8.65 -49.18
N UNK A 28 3.53 -8.31 -49.40
CA UNK A 28 3.20 -6.97 -49.87
C UNK A 28 3.70 -5.93 -48.89
N UNK A 29 3.33 -6.04 -47.63
CA UNK A 29 3.91 -5.16 -46.63
C UNK A 29 5.40 -5.38 -46.49
N UNK A 30 5.90 -6.55 -46.85
CA UNK A 30 7.32 -6.80 -46.74
C UNK A 30 8.12 -5.90 -47.67
N UNK A 31 7.72 -5.82 -48.93
CA UNK A 31 8.54 -5.11 -49.90
C UNK A 31 8.73 -3.63 -49.50
N UNK A 32 7.75 -2.71 -49.52
CA UNK A 32 6.46 -2.72 -50.20
C UNK A 32 6.73 -2.02 -51.53
N UNK A 33 6.09 -2.34 -52.65
CA UNK A 33 4.78 -3.00 -52.85
C UNK A 33 3.65 -2.21 -52.21
N UNK A 34 3.39 -1.03 -52.77
CA UNK A 34 2.20 -0.24 -52.50
C UNK A 34 2.02 -0.07 -50.96
N UNK A 35 0.88 -0.01 -50.25
CA UNK A 35 -0.59 0.00 -50.53
C UNK A 35 -1.24 -1.19 -51.22
N UNK A 36 -2.25 -0.94 -52.05
CA UNK A 36 -2.93 -2.05 -52.70
C UNK A 36 -3.19 -1.84 -54.21
N UNK A 37 -3.98 -0.85 -54.65
CA UNK A 37 -4.78 0.07 -53.86
C UNK A 37 -6.21 -0.01 -54.36
N UNK A 38 -7.17 0.22 -53.48
CA UNK A 38 -8.57 0.13 -53.86
C UNK A 38 -9.44 1.04 -53.02
N UNK A 39 -19.44 -17.56 -60.28
CA UNK A 39 -18.36 -17.55 -61.25
C UNK A 39 -17.41 -18.70 -60.96
N UNK A 40 -16.25 -18.70 -61.60
CA UNK A 40 -15.21 -19.61 -61.17
C UNK A 40 -14.55 -18.97 -59.96
N UNK A 41 -14.75 -19.60 -58.81
CA UNK A 41 -14.10 -19.17 -57.58
C UNK A 41 -12.77 -19.88 -57.49
N UNK A 42 -12.80 -21.21 -57.55
CA UNK A 42 -11.58 -22.00 -57.51
C UNK A 42 -10.55 -21.46 -58.48
N UNK A 43 -10.99 -20.77 -59.53
CA UNK A 43 -10.06 -19.97 -60.31
C UNK A 43 -9.19 -19.12 -59.41
N UNK A 44 -9.81 -18.41 -58.47
CA UNK A 44 -9.04 -17.70 -57.46
C UNK A 44 -8.26 -18.68 -56.59
N UNK A 45 -8.93 -19.75 -56.14
CA UNK A 45 -8.24 -20.75 -55.35
C UNK A 45 -7.05 -21.31 -56.10
N UNK A 46 -7.27 -21.78 -57.33
CA UNK A 46 -6.15 -22.25 -58.14
C UNK A 46 -5.09 -21.18 -58.26
N UNK A 47 -5.50 -19.92 -58.37
CA UNK A 47 -4.51 -18.85 -58.42
C UNK A 47 -3.79 -18.70 -57.10
N UNK A 48 -4.45 -19.03 -55.99
CA UNK A 48 -3.84 -18.82 -54.68
C UNK A 48 -2.59 -19.66 -54.52
N UNK A 49 -2.67 -20.95 -54.82
CA UNK A 49 -1.50 -21.80 -54.78
C UNK A 49 -0.41 -21.28 -55.71
N UNK A 50 -0.70 -21.22 -57.01
CA UNK A 50 0.28 -20.86 -58.02
C UNK A 50 1.07 -19.63 -57.60
N UNK A 51 0.36 -18.53 -57.36
CA UNK A 51 0.98 -17.37 -56.74
C UNK A 51 1.82 -17.77 -55.54
N UNK A 52 1.18 -18.35 -54.52
CA UNK A 52 1.90 -18.73 -53.31
C UNK A 52 3.09 -19.61 -53.64
N UNK A 53 2.88 -20.63 -54.48
CA UNK A 53 3.96 -21.52 -54.84
C UNK A 53 5.12 -20.73 -55.42
N UNK A 54 4.85 -19.95 -56.47
CA UNK A 54 5.90 -19.10 -56.99
C UNK A 54 6.45 -18.19 -55.90
N UNK A 55 5.62 -17.81 -54.93
CA UNK A 55 6.05 -16.81 -53.95
C UNK A 55 7.24 -17.32 -53.16
N UNK A 56 7.07 -18.42 -52.44
CA UNK A 56 8.19 -18.95 -51.67
C UNK A 56 9.33 -19.37 -52.59
N UNK A 57 8.99 -19.98 -53.73
CA UNK A 57 10.01 -20.30 -54.73
C UNK A 57 10.79 -19.06 -55.11
N UNK A 58 10.11 -17.92 -55.20
CA UNK A 58 10.84 -16.66 -55.32
C UNK A 58 11.46 -16.28 -53.99
N UNK A 59 10.61 -16.05 -52.98
CA UNK A 59 11.02 -15.42 -51.72
C UNK A 59 12.29 -16.00 -51.13
N UNK A 60 12.20 -17.21 -50.61
CA UNK A 60 13.34 -17.77 -49.89
C UNK A 60 14.57 -17.83 -50.78
N UNK A 61 14.38 -18.17 -52.05
CA UNK A 61 15.50 -18.30 -52.95
C UNK A 61 16.36 -17.04 -52.94
N UNK A 62 15.74 -15.89 -53.19
CA UNK A 62 16.48 -14.63 -53.08
C UNK A 62 16.95 -14.42 -51.65
N UNK A 63 16.09 -14.69 -50.68
CA UNK A 63 16.46 -14.55 -49.28
C UNK A 63 17.68 -15.40 -48.96
N UNK A 64 17.77 -16.58 -49.53
CA UNK A 64 18.97 -17.40 -49.38
C UNK A 64 20.16 -16.62 -49.87
N UNK A 65 20.24 -16.41 -51.19
CA UNK A 65 21.34 -15.65 -51.76
C UNK A 65 21.51 -14.32 -51.06
N UNK A 66 20.44 -13.78 -50.50
CA UNK A 66 20.57 -12.57 -49.69
C UNK A 66 21.56 -12.78 -48.56
N UNK A 67 21.33 -13.80 -47.74
CA UNK A 67 22.17 -14.01 -46.57
C UNK A 67 23.62 -14.22 -46.97
N UNK A 68 23.85 -14.98 -48.04
CA UNK A 68 25.19 -15.25 -48.53
C UNK A 68 25.96 -13.95 -48.64
N UNK A 69 25.53 -13.08 -49.56
CA UNK A 69 26.15 -11.77 -49.66
C UNK A 69 26.12 -11.06 -48.32
N UNK A 70 24.96 -11.06 -47.66
CA UNK A 70 24.83 -10.35 -46.39
C UNK A 70 25.89 -10.83 -45.40
N UNK A 71 26.09 -12.14 -45.32
CA UNK A 71 27.20 -12.64 -44.53
C UNK A 71 28.52 -12.27 -45.17
N UNK A 72 28.63 -12.47 -46.49
CA UNK A 72 29.84 -12.08 -47.20
C UNK A 72 30.12 -10.59 -47.02
N UNK A 73 29.07 -9.80 -46.82
CA UNK A 73 29.27 -8.39 -46.49
C UNK A 73 30.04 -8.25 -45.19
N UNK A 74 29.56 -8.89 -44.13
CA UNK A 74 30.27 -8.86 -42.86
C UNK A 74 31.74 -9.23 -43.05
N UNK A 75 32.00 -10.24 -43.88
CA UNK A 75 33.36 -10.70 -44.09
C UNK A 75 34.23 -9.60 -44.68
N UNK A 76 33.83 -9.07 -45.84
CA UNK A 76 34.62 -8.03 -46.47
C UNK A 76 34.59 -6.73 -45.68
N UNK A 77 33.59 -6.56 -44.81
CA UNK A 77 33.51 -5.35 -44.00
C UNK A 77 34.56 -5.33 -42.91
N UNK A 78 34.60 -6.39 -42.09
CA UNK A 78 35.44 -6.39 -40.91
C UNK A 78 36.92 -6.16 -41.22
N UNK A 79 37.33 -6.37 -42.46
CA UNK A 79 38.71 -6.15 -42.85
C UNK A 79 39.01 -4.67 -42.97
N UNK A 80 38.20 -13.77 -43.40
CA UNK A 80 39.45 -14.49 -43.23
C UNK A 80 40.07 -14.22 -41.87
N UNK A 81 39.54 -14.87 -40.84
CA UNK A 81 38.44 -15.82 -40.98
C UNK A 81 37.15 -15.18 -40.49
N UNK A 82 36.11 -15.27 -41.30
CA UNK A 82 34.89 -14.50 -41.11
C UNK A 82 34.02 -15.09 -40.02
N UNK A 83 33.75 -14.30 -39.00
CA UNK A 83 32.67 -14.51 -38.05
C UNK A 83 32.73 -15.91 -37.37
N UNK A 84 31.64 -16.56 -36.93
CA UNK A 84 30.41 -15.93 -36.43
C UNK A 84 30.27 -16.09 -34.92
N UNK A 85 44.77 -15.21 -33.82
CA UNK A 85 43.59 -14.51 -34.32
C UNK A 85 43.88 -13.82 -35.65
N UNK A 86 44.03 -14.65 -36.68
CA UNK A 86 44.44 -14.29 -38.03
C UNK A 86 45.73 -13.48 -37.98
N UNK A 87 45.94 -12.60 -38.97
CA UNK A 87 47.14 -11.77 -39.07
C UNK A 87 47.26 -11.04 -40.40
N UNK A 88 48.10 -10.01 -40.42
CA UNK A 88 49.05 -9.78 -41.51
C UNK A 88 48.44 -10.04 -42.87
N UNK A 89 47.31 -9.41 -43.14
CA UNK A 89 46.62 -9.69 -44.39
C UNK A 89 47.15 -8.71 -45.44
N UNK A 90 47.94 -9.24 -46.37
CA UNK A 90 48.32 -8.52 -47.56
C UNK A 90 47.47 -8.87 -48.78
N UNK A 91 46.62 -9.91 -48.69
CA UNK A 91 45.87 -10.38 -49.84
C UNK A 91 44.41 -10.63 -49.52
N UNK A 92 44.15 -11.55 -48.60
CA UNK A 92 42.87 -12.25 -48.52
C UNK A 92 41.69 -11.30 -48.63
N UNK A 93 41.67 -10.23 -47.85
CA UNK A 93 40.57 -9.30 -47.95
C UNK A 93 40.50 -8.69 -49.34
N UNK A 94 41.67 -8.35 -49.91
CA UNK A 94 41.67 -7.89 -51.30
C UNK A 94 41.02 -8.93 -52.19
N UNK A 95 41.21 -10.20 -51.86
CA UNK A 95 40.48 -11.24 -52.57
C UNK A 95 39.04 -11.33 -52.07
N UNK A 96 38.82 -10.98 -50.80
CA UNK A 96 37.49 -11.14 -50.22
C UNK A 96 36.45 -10.29 -50.96
N UNK A 97 36.82 -9.09 -51.36
CA UNK A 97 35.91 -8.19 -52.04
C UNK A 97 35.36 -8.79 -53.33
N UNK A 98 36.24 -9.02 -54.31
CA UNK A 98 35.82 -9.34 -55.66
C UNK A 98 34.74 -10.41 -55.69
N UNK A 99 34.88 -11.43 -54.84
CA UNK A 99 33.81 -12.39 -54.68
C UNK A 99 32.55 -11.67 -54.27
N UNK A 100 32.52 -11.20 -53.02
CA UNK A 100 31.34 -10.53 -52.51
C UNK A 100 30.96 -9.36 -53.41
N UNK A 101 31.94 -8.78 -54.09
CA UNK A 101 31.65 -7.76 -55.07
C UNK A 101 30.71 -8.32 -56.12
N UNK A 102 31.22 -9.22 -56.95
CA UNK A 102 30.38 -9.82 -57.96
C UNK A 102 29.17 -10.52 -57.35
N UNK A 103 29.23 -10.85 -56.06
CA UNK A 103 28.08 -11.45 -55.39
C UNK A 103 26.94 -10.45 -55.26
N UNK A 104 27.26 -9.22 -54.85
CA UNK A 104 26.24 -8.21 -54.62
C UNK A 104 25.30 -8.07 -55.81
N UNK A 105 25.82 -8.20 -57.03
CA UNK A 105 24.96 -8.07 -58.19
C UNK A 105 23.99 -9.23 -58.32
N UNK A 106 24.27 -10.37 -57.70
CA UNK A 106 23.46 -11.55 -57.94
C UNK A 106 22.04 -11.36 -57.42
N UNK A 107 21.89 -11.10 -56.13
CA UNK A 107 20.55 -10.89 -55.58
C UNK A 107 19.91 -9.65 -56.18
N UNK A 108 20.72 -8.64 -56.49
CA UNK A 108 20.22 -7.51 -57.26
C UNK A 108 19.53 -8.01 -58.52
N UNK A 109 20.25 -8.80 -59.32
CA UNK A 109 19.60 -9.44 -60.46
C UNK A 109 18.41 -10.26 -60.00
N UNK A 110 18.56 -10.99 -58.89
CA UNK A 110 17.49 -11.85 -58.39
C UNK A 110 16.21 -11.11 -58.02
N UNK A 111 16.25 -10.35 -56.92
CA UNK A 111 15.02 -9.92 -56.27
C UNK A 111 14.15 -9.05 -57.16
N UNK A 112 14.71 -8.52 -58.24
CA UNK A 112 13.96 -7.64 -59.12
C UNK A 112 12.70 -8.31 -59.62
N UNK A 113 12.87 -9.29 -60.50
CA UNK A 113 11.72 -9.93 -61.15
C UNK A 113 10.68 -10.36 -60.14
N UNK A 114 11.12 -10.78 -58.95
CA UNK A 114 10.17 -11.20 -57.93
C UNK A 114 9.30 -10.04 -57.49
N UNK A 115 9.91 -8.87 -57.28
CA UNK A 115 9.14 -7.74 -56.79
C UNK A 115 8.01 -7.37 -57.74
N UNK A 116 8.25 -7.50 -59.05
CA UNK A 116 7.24 -7.07 -60.02
C UNK A 116 5.99 -7.92 -59.92
N UNK A 117 6.17 -9.24 -59.78
CA UNK A 117 5.02 -10.12 -59.62
C UNK A 117 4.16 -9.70 -58.45
N UNK A 118 4.77 -9.57 -57.27
CA UNK A 118 4.06 -9.00 -56.14
C UNK A 118 3.48 -7.64 -56.49
N UNK A 119 4.28 -6.79 -57.15
CA UNK A 119 3.77 -5.51 -57.61
C UNK A 119 2.57 -5.70 -58.51
N UNK A 120 2.61 -6.70 -59.38
CA UNK A 120 1.43 -7.01 -60.17
C UNK A 120 0.30 -7.47 -59.27
N UNK A 121 0.59 -8.41 -58.38
CA UNK A 121 -0.44 -8.98 -57.50
C UNK A 121 -1.16 -7.91 -56.71
N UNK A 122 -0.56 -6.72 -56.60
CA UNK A 122 -1.15 -5.63 -55.83
C UNK A 122 -2.63 -5.46 -56.15
N UNK A 123 -2.94 -5.15 -57.40
CA UNK A 123 -4.33 -4.96 -57.79
C UNK A 123 -5.15 -6.21 -57.51
N UNK A 124 -4.83 -7.31 -58.19
CA UNK A 124 -5.73 -8.47 -58.23
C UNK A 124 -5.97 -9.10 -56.87
N UNK A 125 -5.10 -8.84 -55.89
CA UNK A 125 -5.36 -9.35 -54.55
C UNK A 125 -6.66 -8.81 -54.00
N UNK A 126 -6.63 -7.54 -53.61
CA UNK A 126 -7.71 -6.97 -52.81
C UNK A 126 -9.05 -7.14 -53.50
N UNK A 127 -9.14 -6.69 -54.75
CA UNK A 127 -10.35 -6.85 -55.53
C UNK A 127 -10.87 -8.26 -55.40
N UNK A 128 -10.07 -9.24 -55.82
CA UNK A 128 -10.42 -10.62 -55.52
C UNK A 128 -10.59 -10.82 -54.02
N UNK A 129 -9.57 -10.44 -53.23
CA UNK A 129 -9.53 -10.79 -51.81
C UNK A 129 -10.85 -10.49 -51.12
N UNK A 130 -11.23 -9.21 -51.10
CA UNK A 130 -12.49 -8.84 -50.49
C UNK A 130 -13.60 -9.74 -50.98
N UNK A 131 -13.70 -9.91 -52.30
CA UNK A 131 -14.79 -10.72 -52.85
C UNK A 131 -14.78 -12.10 -52.24
N UNK A 132 -13.61 -12.68 -52.06
CA UNK A 132 -13.55 -14.00 -51.46
C UNK A 132 -14.21 -14.00 -50.09
N UNK A 133 -13.76 -13.11 -49.21
CA UNK A 133 -14.34 -13.02 -47.87
C UNK A 133 -15.85 -12.96 -47.96
N UNK A 134 -16.36 -12.19 -48.93
CA UNK A 134 -17.79 -12.18 -49.18
C UNK A 134 -18.23 -13.62 -49.39
N UNK A 135 -17.78 -14.21 -50.50
CA UNK A 135 -18.11 -15.61 -50.74
C UNK A 135 -17.78 -16.44 -49.51
N UNK A 136 -16.66 -16.14 -48.85
CA UNK A 136 -16.34 -16.86 -47.62
C UNK A 136 -17.48 -16.77 -46.64
N UNK A 137 -18.06 -15.59 -46.50
CA UNK A 137 -19.28 -15.53 -45.72
C UNK A 137 -20.42 -16.22 -46.44
N UNK A 138 -20.47 -16.08 -47.76
CA UNK A 138 -21.63 -16.56 -48.51
C UNK A 138 -21.97 -17.98 -48.13
N UNK A 139 -20.96 -18.81 -47.95
CA UNK A 139 -21.21 -20.12 -47.40
C UNK A 139 -21.52 -20.03 -45.91
N UNK A 140 -20.69 -19.32 -45.16
CA UNK A 140 -20.72 -19.39 -43.70
C UNK A 140 -22.13 -19.28 -43.17
N UNK A 141 -22.90 -18.35 -43.71
CA UNK A 141 -24.31 -18.31 -43.36
C UNK A 141 -24.98 -19.63 -43.69
N UNK A 142 -24.83 -20.08 -44.94
CA UNK A 142 -25.55 -21.28 -45.37
C UNK A 142 -25.27 -22.45 -44.44
N UNK A 143 -24.11 -22.44 -43.79
CA UNK A 143 -23.83 -23.45 -42.77
C UNK A 143 -24.95 -23.50 -41.76
N UNK A 144 -25.52 -22.35 -41.42
CA UNK A 144 -26.54 -22.33 -40.40
C UNK A 144 -27.82 -23.02 -40.82
N UNK A 145 -27.95 -23.42 -42.08
CA UNK A 145 -29.20 -24.02 -42.54
C UNK A 145 -29.45 -25.39 -41.91
N UNK A 146 -33.38 -25.17 -53.19
CA UNK A 146 -32.31 -26.12 -52.92
C UNK A 146 -31.09 -25.76 -53.74
N UNK A 147 -31.10 -26.16 -55.01
CA UNK A 147 -30.18 -25.55 -55.94
C UNK A 147 -30.54 -24.08 -56.07
N UNK A 148 -29.60 -23.30 -56.59
CA UNK A 148 -29.59 -21.85 -56.48
C UNK A 148 -29.21 -21.42 -55.07
N UNK A 149 -28.89 -22.36 -54.19
CA UNK A 149 -28.65 -22.05 -52.78
C UNK A 149 -27.74 -20.83 -52.64
N UNK A 150 -26.58 -20.88 -53.27
CA UNK A 150 -25.74 -19.69 -53.26
C UNK A 150 -26.49 -18.50 -53.84
N UNK A 151 -27.17 -18.70 -54.97
CA UNK A 151 -27.77 -17.59 -55.69
C UNK A 151 -28.73 -16.81 -54.81
N UNK A 152 -29.33 -17.49 -53.85
CA UNK A 152 -30.14 -16.78 -52.88
C UNK A 152 -29.29 -16.18 -51.77
N UNK A 153 -28.22 -16.87 -51.37
CA UNK A 153 -27.40 -16.41 -50.26
C UNK A 153 -26.92 -15.00 -50.53
N UNK A 154 -26.04 -14.86 -51.52
CA UNK A 154 -25.64 -13.52 -51.94
C UNK A 154 -26.85 -12.65 -52.20
N UNK A 155 -27.91 -13.21 -52.78
CA UNK A 155 -29.14 -12.44 -52.93
C UNK A 155 -29.62 -11.97 -51.58
N UNK A 156 -29.80 -12.89 -50.65
CA UNK A 156 -30.09 -12.49 -49.29
C UNK A 156 -28.98 -11.62 -48.73
N UNK A 157 -27.76 -11.71 -49.26
CA UNK A 157 -26.70 -10.88 -48.73
C UNK A 157 -26.92 -9.40 -49.04
N UNK A 158 -27.91 -9.07 -49.85
CA UNK A 158 -28.40 -7.70 -49.83
C UNK A 158 -28.96 -7.33 -48.47
N UNK A 159 -29.29 -8.34 -47.65
CA UNK A 159 -29.25 -8.20 -46.21
C UNK A 159 -30.33 -7.34 -45.59
N UNK A 160 -31.16 -6.73 -46.43
CA UNK A 160 -32.34 -5.98 -46.05
C UNK A 160 -32.72 -6.03 -44.55
N UNK A 161 -5.85 -4.72 -43.89
CA UNK A 161 -6.65 -4.90 -45.09
C UNK A 161 -8.13 -4.89 -44.74
N UNK A 162 -8.73 -3.70 -44.72
CA UNK A 162 -10.11 -3.57 -44.28
C UNK A 162 -11.05 -4.29 -45.23
N UNK A 163 -12.08 -4.91 -44.66
CA UNK A 163 -12.99 -5.74 -45.45
C UNK A 163 -13.98 -4.90 -46.25
N UNK A 164 -14.62 -3.92 -45.61
CA UNK A 164 -15.72 -3.17 -46.22
C UNK A 164 -16.82 -4.13 -46.68
N UNK A 165 -17.16 -5.06 -45.81
CA UNK A 165 -17.97 -6.20 -46.17
C UNK A 165 -19.44 -5.85 -46.30
N UNK A 166 -20.16 -6.67 -47.06
CA UNK A 166 -21.60 -6.60 -47.10
C UNK A 166 -22.13 -7.59 -46.07
N UNK A 167 -22.62 -7.06 -44.96
CA UNK A 167 -23.02 -7.88 -43.84
C UNK A 167 -24.43 -8.40 -44.03
N UNK A 168 -24.74 -9.53 -43.38
CA UNK A 168 -26.09 -10.06 -43.34
C UNK A 168 -26.85 -9.78 -42.05
N UNK A 169 -26.24 -9.13 -41.06
CA UNK A 169 -26.76 -9.11 -39.69
C UNK A 169 -28.18 -8.60 -39.58
N UNK A 170 -28.36 -7.29 -39.79
CA UNK A 170 -29.64 -6.60 -39.78
C UNK A 170 -30.24 -6.45 -38.37
N UNK A 171 -29.62 -7.08 -37.38
CA UNK A 171 -30.00 -6.84 -35.99
C UNK A 171 -28.82 -7.13 -35.10
N UNK A 172 -28.71 -6.38 -34.01
CA UNK A 172 -27.76 -6.61 -32.94
C UNK A 172 -28.40 -7.33 -31.75
N UNK A 173 -29.63 -7.77 -31.90
CA UNK A 173 -30.51 -7.94 -30.77
C UNK A 173 -29.98 -8.93 -29.77
N UNK A 174 -30.49 -8.82 -28.56
CA UNK A 174 -30.30 -9.83 -27.55
C UNK A 174 -30.78 -11.16 -28.08
N UNK A 175 -42.40 -19.96 -54.36
CA UNK A 175 -41.97 -21.12 -53.60
C UNK A 175 -41.29 -20.67 -52.33
N UNK A 176 -40.16 -20.00 -52.51
CA UNK A 176 -39.29 -19.66 -51.40
C UNK A 176 -39.94 -18.62 -50.49
N UNK A 177 -39.37 -18.49 -49.30
CA UNK A 177 -39.39 -17.29 -48.48
C UNK A 177 -40.62 -17.11 -47.60
N UNK A 178 -41.59 -18.01 -47.62
CA UNK A 178 -42.82 -17.77 -46.90
C UNK A 178 -42.70 -18.18 -45.43
N UNK A 179 -43.86 -18.28 -44.78
CA UNK A 179 -44.01 -18.97 -43.51
C UNK A 179 -43.36 -18.25 -42.33
N UNK A 180 -43.61 -16.96 -42.22
CA UNK A 180 -43.77 -16.31 -40.93
C UNK A 180 -42.82 -16.77 -39.83
N UNK A 181 -41.54 -16.53 -40.03
CA UNK A 181 -40.52 -16.49 -38.98
C UNK A 181 -39.68 -15.21 -39.15
N UNK A 182 -39.02 -15.00 -40.31
CA UNK A 182 -39.16 -15.78 -41.55
C UNK A 182 -37.92 -15.71 -42.37
N UNK A 183 -37.63 -16.76 -43.14
CA UNK A 183 -36.62 -16.68 -44.18
C UNK A 183 -36.52 -17.99 -44.93
N UNK A 184 -35.96 -17.90 -46.13
CA UNK A 184 -35.24 -18.96 -46.78
C UNK A 184 -36.08 -20.17 -47.18
N UNK A 185 -37.37 -20.20 -46.87
CA UNK A 185 -38.23 -21.34 -47.24
C UNK A 185 -37.63 -22.59 -46.60
N UNK A 186 -37.07 -23.52 -47.38
CA UNK A 186 -36.71 -24.87 -46.96
C UNK A 186 -36.05 -24.95 -45.60
N UNK A 187 -35.02 -24.14 -45.35
CA UNK A 187 -34.28 -24.21 -44.10
C UNK A 187 -34.01 -22.79 -43.63
N UNK A 188 -33.16 -22.66 -42.61
CA UNK A 188 -32.54 -21.38 -42.30
C UNK A 188 -33.46 -20.25 -41.89
N UNK A 189 -33.97 -20.29 -40.66
CA UNK A 189 -34.47 -19.07 -40.03
C UNK A 189 -33.40 -17.98 -39.98
N UNK A 190 -32.14 -18.37 -39.76
CA UNK A 190 -30.95 -17.53 -39.93
C UNK A 190 -30.85 -16.32 -39.01
N UNK A 191 -30.52 -15.19 -39.60
CA UNK A 191 -30.37 -13.92 -38.90
C UNK A 191 -31.59 -13.02 -39.01
N UNK A 192 -32.68 -13.47 -39.61
CA UNK A 192 -33.89 -12.67 -39.63
C UNK A 192 -34.64 -12.75 -38.31
N UNK A 193 -34.89 -13.97 -37.82
CA UNK A 193 -35.26 -14.21 -36.43
C UNK A 193 -36.49 -13.33 -36.01
N UNK A 194 -36.65 -12.70 -34.83
CA UNK A 194 -35.74 -12.49 -33.69
C UNK A 194 -36.45 -12.48 -32.36
N UNK A 195 -35.72 -12.03 -31.35
CA UNK A 195 -36.20 -11.66 -30.04
C UNK A 195 -36.70 -12.84 -29.23
N UNK A 196 -36.99 -13.97 -29.85
CA UNK A 196 -37.48 -15.14 -29.14
C UNK A 196 -37.72 -16.25 -30.14
N UNK A 197 -37.78 -17.48 -29.65
CA UNK A 197 -37.91 -18.62 -30.55
C UNK A 197 -39.35 -18.97 -30.84
N UNK A 198 -40.31 -18.22 -30.34
CA UNK A 198 -41.71 -18.49 -30.64
C UNK A 198 -41.97 -18.32 -32.13
N UNK A 199 -41.91 3.54 -42.37
CA UNK A 199 -41.86 2.42 -41.45
C UNK A 199 -42.16 2.86 -40.02
N UNK A 200 -41.29 2.49 -39.10
CA UNK A 200 -41.40 2.89 -37.72
C UNK A 200 -40.01 3.17 -37.19
N UNK A 201 -39.94 3.73 -35.99
CA UNK A 201 -38.65 4.11 -35.42
C UNK A 201 -38.67 3.76 -33.94
N UNK A 202 -37.67 4.23 -33.21
CA UNK A 202 -37.70 4.19 -31.77
C UNK A 202 -38.75 5.18 -31.35
N UNK A 203 -39.60 4.90 -30.36
CA UNK A 203 -39.52 3.80 -29.41
C UNK A 203 -39.74 2.41 -29.97
N UNK A 204 -39.34 1.42 -29.19
CA UNK A 204 -39.47 -0.02 -29.45
C UNK A 204 -38.79 -0.39 -30.77
N UNK A 205 -39.28 -1.40 -31.49
CA UNK A 205 -38.60 -1.79 -32.72
C UNK A 205 -39.53 -1.86 -33.98
N UNK A 206 -40.39 -2.87 -34.26
CA UNK A 206 -40.47 -4.24 -33.75
C UNK A 206 -40.66 -5.24 -34.90
N UNK A 207 -40.38 -6.52 -34.63
CA UNK A 207 -40.67 -7.68 -35.46
C UNK A 207 -39.61 -7.98 -36.52
N UNK A 208 -38.73 -7.04 -36.83
CA UNK A 208 -37.47 -7.34 -37.52
C UNK A 208 -37.49 -8.14 -38.84
N UNK A 209 -37.93 -7.55 -39.94
CA UNK A 209 -38.69 -6.33 -39.91
C UNK A 209 -39.97 -6.63 -40.64
N UNK A 210 -41.08 -6.73 -39.92
CA UNK A 210 -42.34 -7.07 -40.56
C UNK A 210 -42.61 -6.11 -41.70
N UNK A 211 -42.08 -4.90 -41.61
CA UNK A 211 -42.05 -4.01 -42.76
C UNK A 211 -41.23 -4.61 -43.88
N UNK A 212 -39.98 -4.94 -43.60
CA UNK A 212 -39.11 -5.45 -44.64
C UNK A 212 -39.64 -6.72 -45.27
N UNK A 213 -40.66 -7.34 -44.68
CA UNK A 213 -41.22 -8.59 -45.18
C UNK A 213 -41.44 -8.51 -46.67
N UNK A 214 -42.43 -7.71 -47.08
CA UNK A 214 -42.69 -7.53 -48.50
C UNK A 214 -41.43 -7.15 -49.24
N UNK A 215 -40.64 -6.25 -48.65
CA UNK A 215 -39.38 -5.87 -49.25
C UNK A 215 -38.55 -7.10 -49.57
N UNK A 216 -38.32 -7.93 -48.56
CA UNK A 216 -37.72 -9.23 -48.82
C UNK A 216 -38.51 -9.95 -49.91
N UNK A 217 -39.82 -10.09 -49.71
CA UNK A 217 -40.66 -10.78 -50.69
C UNK A 217 -40.48 -10.17 -52.07
N UNK A 218 -40.52 -8.86 -52.16
CA UNK A 218 -40.21 -8.21 -53.42
C UNK A 218 -38.75 -8.47 -53.82
N UNK A 219 -37.81 -8.05 -52.98
CA UNK A 219 -36.42 -8.07 -53.39
C UNK A 219 -35.93 -9.50 -53.62
N UNK A 220 -36.52 -10.47 -52.94
CA UNK A 220 -36.18 -11.84 -53.25
C UNK A 220 -36.64 -12.21 -54.66
N UNK A 221 -37.86 -11.80 -54.99
CA UNK A 221 -38.51 -12.28 -56.22
C UNK A 221 -37.59 -12.13 -57.43
N UNK A 222 -36.92 -11.00 -57.53
CA UNK A 222 -36.02 -10.80 -58.66
C UNK A 222 -34.94 -11.86 -58.69
N UNK A 223 -34.31 -12.11 -57.54
CA UNK A 223 -33.28 -13.13 -57.49
C UNK A 223 -33.79 -14.43 -58.08
N UNK A 224 -34.99 -14.84 -57.69
CA UNK A 224 -35.64 -15.96 -58.35
C UNK A 224 -35.68 -15.72 -59.85
N UNK A 225 -36.15 -14.54 -60.24
CA UNK A 225 -36.24 -14.22 -61.66
C UNK A 225 -34.87 -14.28 -62.31
N UNK A 226 -33.81 -14.02 -61.57
CA UNK A 226 -32.49 -14.16 -62.13
C UNK A 226 -32.03 -15.61 -61.99
N UNK A 227 25.66 -8.19 -27.34
CA UNK A 227 25.66 -9.22 -26.31
C UNK A 227 27.06 -9.72 -26.05
N UNK A 228 28.03 -8.81 -26.04
CA UNK A 228 29.40 -9.18 -25.76
C UNK A 228 29.59 -9.69 -24.34
N UNK A 229 28.56 -9.58 -23.50
CA UNK A 229 28.65 -10.01 -22.11
C UNK A 229 29.05 -11.44 -21.97
N UNK A 230 29.02 -12.19 -23.06
CA UNK A 230 29.37 -13.61 -23.06
C UNK A 230 30.84 -13.80 -23.36
N UNK A 231 31.31 -13.39 -24.55
CA UNK A 231 32.69 -13.65 -24.95
C UNK A 231 33.65 -13.31 -23.83
N UNK A 232 33.46 -12.16 -23.20
CA UNK A 232 34.22 -11.83 -22.01
C UNK A 232 33.90 -12.74 -20.85
N UNK A 233 32.62 -13.07 -20.63
CA UNK A 233 32.27 -14.01 -19.58
C UNK A 233 32.94 -15.36 -19.79
N UNK A 234 32.97 -15.83 -21.04
CA UNK A 234 33.82 -16.97 -21.34
C UNK A 234 35.28 -16.62 -21.16
N UNK A 235 35.73 -15.51 -21.77
CA UNK A 235 37.09 -15.07 -21.55
C UNK A 235 37.39 -14.87 -20.08
N UNK A 236 36.37 -14.62 -19.27
CA UNK A 236 36.54 -14.68 -17.83
C UNK A 236 36.91 -16.08 -17.37
N UNK A 237 36.86 -17.07 -18.25
CA UNK A 237 37.38 -18.39 -17.96
C UNK A 237 38.50 -18.73 -18.93
N UNK A 238 43.64 -23.67 -27.31
CA UNK A 238 42.41 -23.24 -26.64
C UNK A 238 41.42 -22.71 -27.64
N UNK A 239 41.95 -22.29 -28.80
CA UNK A 239 41.11 -21.73 -29.85
C UNK A 239 39.92 -22.63 -30.11
N UNK A 240 40.13 -23.94 -29.98
CA UNK A 240 39.02 -24.87 -30.04
C UNK A 240 37.89 -24.41 -29.13
N UNK A 241 38.20 -24.24 -27.85
CA UNK A 241 37.19 -23.74 -26.93
C UNK A 241 36.74 -22.35 -27.34
N UNK A 242 37.67 -21.52 -27.78
CA UNK A 242 37.32 -20.15 -28.14
C UNK A 242 36.31 -20.14 -29.26
N UNK A 243 36.68 -20.71 -30.40
CA UNK A 243 35.73 -20.84 -31.48
C UNK A 243 34.48 -21.54 -31.00
N UNK A 244 34.64 -22.50 -30.09
CA UNK A 244 33.48 -23.16 -29.52
C UNK A 244 32.63 -22.17 -28.76
N UNK A 245 33.24 -21.42 -27.84
CA UNK A 245 32.50 -20.48 -27.03
C UNK A 245 31.66 -19.56 -27.91
N UNK A 246 32.19 -19.21 -29.08
CA UNK A 246 31.45 -18.33 -29.97
C UNK A 246 30.15 -18.97 -30.42
N UNK A 247 30.23 -20.20 -30.91
CA UNK A 247 29.05 -20.86 -31.46
C UNK A 247 27.93 -20.88 -30.44
N UNK A 248 28.23 -21.30 -29.22
CA UNK A 248 27.19 -21.38 -28.20
C UNK A 248 26.53 -20.03 -27.94
N UNK A 249 27.27 -18.94 -28.13
CA UNK A 249 26.70 -17.61 -28.11
C UNK A 249 26.40 -17.07 -29.50
N UNK A 250 26.63 -17.89 -30.53
CA UNK A 250 26.36 -17.49 -31.91
C UNK A 250 27.21 -16.30 -32.32
N ALA A 251 -29.65 -4.16 -26.10
CA ALA A 251 -29.85 -4.19 -24.67
C ALA A 251 -31.21 -3.64 -24.31
N GLN A 252 -32.18 -3.79 -25.21
CA GLN A 252 -33.52 -3.23 -25.05
C GLN A 252 -34.60 -4.22 -24.63
N TYR A 253 -34.27 -5.50 -24.46
CA TYR A 253 -35.29 -6.57 -24.49
C TYR A 253 -35.97 -6.44 -25.85
N ARG A 254 -37.28 -6.63 -25.95
CA ARG A 254 -37.97 -6.40 -27.20
C ARG A 254 -39.08 -5.39 -26.95
N GLU A 255 -39.54 -4.77 -28.02
CA GLU A 255 -40.54 -3.72 -27.91
C GLU A 255 -39.97 -2.66 -26.98
N ILE A 256 -40.66 -2.28 -25.91
CA ILE A 256 -40.34 -1.07 -25.15
C ILE A 256 -39.16 -1.23 -24.22
N ASN A 257 -38.47 -0.15 -23.88
CA ASN A 257 -38.66 1.16 -24.50
C ASN A 257 -37.29 1.77 -24.74
N ALA A 258 -36.95 2.05 -25.98
CA ALA A 258 -35.57 2.42 -26.29
C ALA A 258 -35.22 3.74 -25.62
N GLY A 259 -33.93 3.99 -25.52
CA GLY A 259 -33.45 5.07 -24.69
C GLY A 259 -33.73 6.46 -25.20
N LEU A 260 -34.53 6.58 -26.26
CA LEU A 260 -34.78 7.83 -26.98
C LEU A 260 -34.98 9.06 -26.11
N PRO A 261 -35.70 8.99 -24.98
CA PRO A 261 -35.73 10.14 -24.08
C PRO A 261 -34.35 10.62 -23.71
N THR A 262 -33.36 9.75 -23.89
CA THR A 262 -31.98 10.15 -23.65
C THR A 262 -31.70 11.47 -24.32
N ILE A 263 -32.14 11.60 -25.56
CA ILE A 263 -31.59 12.52 -26.54
C ILE A 263 -31.57 13.94 -26.00
N VAL A 264 -32.32 14.18 -24.95
CA VAL A 264 -32.30 15.43 -24.24
C VAL A 264 -31.72 15.27 -22.86
N THR A 265 -32.31 14.41 -22.04
CA THR A 265 -31.87 14.20 -20.67
C THR A 265 -30.35 14.16 -20.58
N PHE A 266 -29.77 13.14 -21.17
CA PHE A 266 -28.34 12.98 -21.09
C PHE A 266 -27.60 14.25 -21.48
N PRO A 267 -27.75 14.76 -22.69
CA PRO A 267 -27.02 15.98 -23.02
C PRO A 267 -27.50 17.16 -22.25
N PHE A 268 -28.71 17.12 -21.71
CA PHE A 268 -29.09 18.27 -20.91
C PHE A 268 -28.46 18.21 -19.54
N MET A 269 -28.56 17.04 -18.87
CA MET A 269 -27.96 16.91 -17.55
C MET A 269 -26.55 17.42 -17.58
N PHE A 270 -25.88 17.23 -18.71
CA PHE A 270 -24.64 17.91 -18.97
C PHE A 270 -24.76 19.40 -18.68
N ALA A 271 -25.81 20.03 -19.20
CA ALA A 271 -25.83 21.49 -19.18
C ALA A 271 -25.94 22.05 -17.77
N ILE A 272 -26.40 21.26 -16.81
CA ILE A 272 -26.40 21.72 -15.44
C ILE A 272 -25.00 22.04 -14.97
N MET A 273 -24.00 21.62 -15.72
CA MET A 273 -22.62 21.68 -15.28
C MET A 273 -21.85 22.89 -15.79
N PHE A 274 -22.49 23.87 -16.42
CA PHE A 274 -21.69 24.87 -17.10
C PHE A 274 -22.29 26.26 -17.05
N GLY A 278 -21.23 30.04 -19.51
CA GLY A 278 -21.24 30.42 -20.90
C GLY A 278 -20.11 29.85 -21.73
N HIS A 279 -19.42 28.84 -21.21
CA HIS A 279 -18.30 28.27 -21.92
C HIS A 279 -18.74 27.48 -23.15
N GLY A 280 -19.71 26.60 -22.96
CA GLY A 280 -20.01 25.57 -23.94
C GLY A 280 -20.22 26.12 -25.32
N PHE A 281 -20.50 27.42 -25.37
CA PHE A 281 -20.44 28.12 -26.64
C PHE A 281 -19.18 27.74 -27.37
N LEU A 282 -18.09 27.56 -26.64
CA LEU A 282 -16.89 26.99 -27.24
C LEU A 282 -17.19 25.65 -27.88
N MET A 283 -17.85 24.75 -27.15
CA MET A 283 -18.17 23.46 -27.75
C MET A 283 -19.06 23.64 -28.96
N THR A 284 -20.07 24.50 -28.85
CA THR A 284 -21.01 24.68 -29.94
C THR A 284 -20.30 24.97 -31.25
N LEU A 285 -19.27 25.80 -31.19
CA LEU A 285 -18.44 26.00 -32.37
C LEU A 285 -17.77 24.68 -32.75
N ALA A 286 -16.99 24.11 -31.83
CA ALA A 286 -16.38 22.82 -32.09
C ALA A 286 -17.42 21.81 -32.54
N ALA A 287 -18.63 21.94 -32.04
CA ALA A 287 -19.73 21.24 -32.65
C ALA A 287 -19.96 21.76 -34.06
N LEU A 288 -20.26 23.06 -34.17
CA LEU A 288 -20.67 23.62 -35.45
C LEU A 288 -19.65 23.33 -36.53
N SER A 289 -18.43 22.97 -36.15
CA SER A 289 -17.53 22.32 -37.07
C SER A 289 -18.25 21.22 -37.83
N LEU A 290 -18.94 20.38 -37.11
CA LEU A 290 -19.44 19.17 -37.74
C LEU A 290 -20.69 19.41 -38.55
N VAL A 291 -21.20 20.63 -38.56
CA VAL A 291 -22.01 21.07 -39.68
C VAL A 291 -21.12 20.97 -40.91
N LEU A 292 -20.15 21.87 -40.99
CA LEU A 292 -19.32 21.99 -42.17
C LEU A 292 -18.64 20.67 -42.51
N ASN A 293 -17.68 20.29 -41.69
CA ASN A 293 -16.79 19.20 -42.08
C ASN A 293 -17.50 17.87 -42.24
N GLU A 294 -18.77 17.77 -41.88
CA GLU A 294 -19.47 16.49 -41.85
C GLU A 294 -19.20 15.68 -43.11
N LYS A 295 -19.70 16.16 -44.25
CA LYS A 295 -19.56 15.42 -45.49
C LYS A 295 -18.09 15.13 -45.79
N LYS A 296 -17.27 16.19 -45.86
CA LYS A 296 -15.87 16.00 -46.18
C LYS A 296 -15.20 15.08 -45.17
N ILE A 297 -15.26 15.44 -43.88
CA ILE A 297 -14.61 14.62 -42.87
C ILE A 297 -15.23 13.24 -42.77
N ASN A 298 -16.44 13.05 -43.28
CA ASN A 298 -17.10 11.76 -43.15
C ASN A 298 -16.23 10.62 -43.63
N LYS A 299 -15.36 10.89 -44.61
CA LYS A 299 -14.52 9.83 -45.14
C LYS A 299 -13.29 9.58 -44.29
N MET A 300 -12.69 10.64 -43.75
CA MET A 300 -11.40 10.48 -43.07
C MET A 300 -11.55 9.58 -41.86
N LYS A 301 -12.35 10.00 -40.87
CA LYS A 301 -12.72 9.20 -39.70
C LYS A 301 -11.52 8.50 -39.07
N ARG A 302 -10.37 9.15 -39.10
CA ARG A 302 -9.20 8.59 -38.43
C ARG A 302 -9.33 8.82 -36.92
N GLY A 303 -8.32 8.40 -36.17
CA GLY A 303 -8.20 8.75 -34.77
C GLY A 303 -9.10 7.92 -33.89
N GLU A 304 -8.69 7.67 -32.65
CA GLU A 304 -9.56 6.99 -31.70
C GLU A 304 -10.34 7.95 -30.80
N ILE A 305 -9.87 9.17 -30.62
CA ILE A 305 -10.73 10.19 -30.05
C ILE A 305 -11.56 10.83 -31.14
N PHE A 306 -10.94 11.12 -32.29
CA PHE A 306 -11.58 11.80 -33.39
C PHE A 306 -12.76 10.99 -33.89
N ASP A 307 -12.56 9.69 -34.07
CA ASP A 307 -13.64 8.83 -34.51
C ASP A 307 -14.77 8.99 -33.51
N MET A 308 -14.45 8.71 -32.26
CA MET A 308 -15.42 8.94 -31.20
C MET A 308 -15.97 10.36 -31.26
N ALA A 309 -15.14 11.33 -31.64
CA ALA A 309 -15.60 12.71 -31.61
C ALA A 309 -16.76 12.91 -32.57
N PHE A 310 -16.54 12.67 -33.86
CA PHE A 310 -17.63 12.86 -34.80
C PHE A 310 -18.73 11.86 -34.54
N THR A 311 -18.38 10.71 -33.96
CA THR A 311 -19.38 9.70 -33.66
C THR A 311 -20.56 10.34 -32.97
N GLY A 312 -20.29 11.15 -31.97
CA GLY A 312 -21.34 11.84 -31.27
C GLY A 312 -21.51 13.26 -31.74
N ARG A 313 -21.12 13.52 -32.98
CA ARG A 313 -21.01 14.89 -33.47
C ARG A 313 -22.19 15.71 -33.00
N TYR A 314 -23.38 15.34 -33.45
CA TYR A 314 -24.56 16.06 -33.03
C TYR A 314 -24.75 15.99 -31.53
N ILE A 315 -24.49 14.84 -30.91
CA ILE A 315 -24.91 14.72 -29.53
C ILE A 315 -24.10 15.65 -28.65
N ILE A 316 -22.90 16.01 -29.07
CA ILE A 316 -22.26 17.05 -28.28
C ILE A 316 -22.77 18.40 -28.71
N LEU A 317 -23.20 18.53 -29.96
CA LEU A 317 -23.72 19.81 -30.43
C LEU A 317 -24.88 20.23 -29.55
N LEU A 318 -25.95 19.46 -29.62
CA LEU A 318 -27.06 19.69 -28.72
C LEU A 318 -26.57 19.82 -27.29
N MET A 319 -25.70 18.91 -26.87
CA MET A 319 -25.08 19.03 -25.56
C MET A 319 -24.49 20.41 -25.36
N GLY A 320 -23.97 21.00 -26.41
CA GLY A 320 -23.52 22.36 -26.30
C GLY A 320 -24.71 23.28 -26.19
N VAL A 321 -25.66 23.15 -27.12
CA VAL A 321 -26.73 24.12 -27.23
C VAL A 321 -27.34 24.38 -25.86
N PHE A 322 -27.68 23.31 -25.14
CA PHE A 322 -28.24 23.49 -23.82
C PHE A 322 -27.29 24.23 -22.92
N SER A 323 -26.00 23.94 -23.04
CA SER A 323 -25.02 24.49 -22.12
C SER A 323 -25.19 26.01 -22.02
N MET A 324 -25.00 26.69 -23.15
CA MET A 324 -25.12 28.14 -23.16
C MET A 324 -26.39 28.59 -22.47
N TYR A 325 -27.49 27.90 -22.73
CA TYR A 325 -28.77 28.23 -22.13
C TYR A 325 -28.67 28.21 -20.62
N THR A 326 -28.50 27.03 -20.04
CA THR A 326 -28.25 26.97 -18.61
C THR A 326 -27.12 27.89 -18.24
N GLY A 327 -26.11 27.98 -19.10
CA GLY A 327 -25.04 28.92 -18.87
C GLY A 327 -25.61 30.31 -18.75
N PHE A 328 -26.32 30.77 -19.77
CA PHE A 328 -26.95 32.07 -19.67
C PHE A 328 -27.87 32.16 -18.48
N LEU A 329 -28.35 31.02 -17.99
CA LEU A 329 -29.29 31.10 -16.90
C LEU A 329 -28.61 31.32 -15.56
N TYR A 330 -27.45 30.74 -15.34
CA TYR A 330 -26.79 30.98 -14.07
C TYR A 330 -26.24 32.39 -14.03
N ASN A 331 -25.24 32.64 -14.84
CA ASN A 331 -24.50 33.89 -14.75
C ASN A 331 -25.37 35.08 -15.11
N GLY A 375 -28.31 39.12 -9.97
CA GLY A 375 -27.07 39.81 -10.28
C GLY A 375 -26.21 40.06 -9.06
N THR A 376 -25.54 39.01 -8.58
CA THR A 376 -24.76 39.07 -7.34
C THR A 376 -23.40 38.44 -7.54
N GLU A 377 -22.35 39.25 -7.44
CA GLU A 377 -20.97 38.79 -7.39
C GLU A 377 -20.40 38.74 -5.98
N ASN A 378 -21.20 39.02 -4.96
CA ASN A 378 -20.77 39.06 -3.57
C ASN A 378 -20.89 37.66 -2.95
N ALA A 379 -20.91 37.57 -1.61
CA ALA A 379 -20.84 36.30 -0.91
C ALA A 379 -21.84 35.28 -1.44
N LEU A 380 -21.31 34.11 -1.83
CA LEU A 380 -21.98 33.12 -2.64
C LEU A 380 -22.67 32.04 -1.85
N LEU A 381 -22.74 32.17 -0.52
CA LEU A 381 -23.35 31.14 0.32
C LEU A 381 -24.76 30.87 -0.15
N PHE A 382 -25.23 31.72 -0.98
CA PHE A 382 -26.52 31.67 -1.63
C PHE A 382 -26.58 30.67 -2.76
N SER A 383 -25.75 30.81 -3.78
CA SER A 383 -25.96 30.12 -5.03
C SER A 383 -26.29 28.65 -4.83
N ASN A 384 -25.45 27.95 -4.06
CA ASN A 384 -25.66 26.51 -3.90
C ASN A 384 -27.04 26.22 -3.35
N SER A 385 -27.50 27.06 -2.43
CA SER A 385 -28.74 26.80 -1.72
C SER A 385 -29.89 26.52 -2.64
N TYR A 386 -29.83 26.98 -3.90
CA TYR A 386 -30.73 26.41 -4.89
C TYR A 386 -30.05 25.34 -5.71
N LYS A 387 -28.84 25.61 -6.22
CA LYS A 387 -28.13 24.57 -6.96
C LYS A 387 -28.27 23.24 -6.26
N MET A 388 -28.20 23.24 -4.93
CA MET A 388 -28.71 22.10 -4.18
C MET A 388 -30.14 21.79 -4.58
N LYS A 389 -31.02 22.71 -4.21
CA LYS A 389 -32.44 22.48 -4.26
C LYS A 389 -32.89 22.35 -5.69
N LEU A 390 -32.07 22.83 -6.62
CA LEU A 390 -32.21 22.41 -8.00
C LEU A 390 -32.02 20.91 -8.07
N SER A 391 -30.81 20.49 -7.77
CA SER A 391 -30.38 19.17 -8.14
C SER A 391 -31.19 18.08 -7.48
N ILE A 392 -31.88 18.38 -6.40
CA ILE A 392 -32.76 17.37 -5.86
C ILE A 392 -33.93 17.26 -6.80
N LEU A 393 -34.72 18.33 -6.86
CA LEU A 393 -35.83 18.40 -7.79
C LEU A 393 -35.42 17.92 -9.16
N MET A 394 -34.48 18.63 -9.76
CA MET A 394 -34.15 18.43 -11.15
C MET A 394 -33.97 16.96 -11.45
N GLY A 395 -33.34 16.23 -10.54
CA GLY A 395 -33.26 14.80 -10.71
C GLY A 395 -34.57 14.12 -10.38
N PHE A 396 -35.20 14.52 -9.28
CA PHE A 396 -36.35 13.79 -8.79
C PHE A 396 -37.37 13.60 -9.88
N ILE A 397 -37.77 14.70 -10.52
CA ILE A 397 -38.71 14.59 -11.61
C ILE A 397 -38.15 13.67 -12.69
N HIS A 398 -36.84 13.77 -12.96
CA HIS A 398 -36.26 12.99 -14.03
C HIS A 398 -36.44 11.52 -13.77
N MET A 399 -36.01 11.07 -12.59
CA MET A 399 -36.22 9.68 -12.21
C MET A 399 -37.67 9.30 -12.39
N THR A 400 -38.57 10.02 -11.72
CA THR A 400 -39.99 9.78 -11.89
C THR A 400 -40.33 9.72 -13.36
N TYR A 401 -40.09 10.82 -14.06
CA TYR A 401 -40.33 10.82 -15.50
C TYR A 401 -39.66 9.65 -16.17
N SER A 402 -38.47 9.30 -15.70
CA SER A 402 -37.90 8.05 -16.19
C SER A 402 -38.71 6.89 -15.69
N TYR A 403 -39.26 7.00 -14.48
CA TYR A 403 -39.86 5.84 -13.85
C TYR A 403 -41.22 5.52 -14.41
N PHE A 404 -41.97 6.53 -14.85
CA PHE A 404 -43.22 6.26 -15.54
C PHE A 404 -43.01 5.31 -16.70
N PHE A 405 -41.91 5.49 -17.42
CA PHE A 405 -41.70 4.72 -18.63
C PHE A 405 -41.99 3.26 -18.38
N SER A 406 -41.50 2.72 -17.27
CA SER A 406 -41.78 1.33 -16.94
C SER A 406 -43.27 1.09 -16.81
N LEU A 407 -44.04 2.08 -16.36
CA LEU A 407 -45.48 1.87 -16.23
C LEU A 407 -46.13 1.86 -17.60
N ALA A 408 -45.77 2.82 -18.44
CA ALA A 408 -46.15 2.70 -19.84
C ALA A 408 -45.58 1.42 -20.42
N ASN A 409 -44.37 1.08 -20.02
CA ASN A 409 -43.83 -0.24 -20.29
C ASN A 409 -44.64 -1.21 -19.45
N HIS A 410 -44.25 -2.47 -19.45
CA HIS A 410 -44.88 -3.41 -18.55
C HIS A 410 -46.36 -3.56 -18.91
N LEU A 411 -46.66 -3.31 -20.18
CA LEU A 411 -48.02 -3.37 -20.71
C LEU A 411 -48.45 -4.80 -20.97
N ASP A 418 -49.29 -7.10 -16.83
CA ASP A 418 -50.28 -6.37 -16.03
C ASP A 418 -50.15 -6.71 -14.57
N ILE A 419 -48.92 -6.92 -14.13
CA ILE A 419 -48.63 -7.44 -12.80
C ILE A 419 -48.66 -6.31 -11.81
N ILE A 420 -49.10 -5.14 -12.28
CA ILE A 420 -48.98 -3.92 -11.55
C ILE A 420 -49.65 -4.08 -10.19
N GLY A 421 -49.17 -3.29 -9.27
CA GLY A 421 -48.67 -3.78 -8.01
C GLY A 421 -47.24 -3.58 -8.48
N ASN A 422 -46.22 -3.93 -7.69
CA ASN A 422 -44.83 -4.15 -8.14
C ASN A 422 -44.33 -2.98 -8.98
N PHE A 423 -45.18 -1.99 -9.17
CA PHE A 423 -44.88 -0.67 -9.70
C PHE A 423 -45.54 0.32 -8.76
N ILE A 424 -46.87 0.22 -8.65
CA ILE A 424 -47.70 1.05 -7.78
C ILE A 424 -47.02 1.31 -6.45
N PRO A 425 -46.35 0.34 -5.85
CA PRO A 425 -45.51 0.71 -4.71
C PRO A 425 -44.57 1.85 -5.03
N GLY A 426 -43.83 1.76 -6.12
CA GLY A 426 -43.14 2.92 -6.62
C GLY A 426 -44.14 3.86 -7.25
N LEU A 427 -43.69 5.08 -7.51
CA LEU A 427 -44.61 6.17 -7.90
C LEU A 427 -45.50 6.47 -6.71
N LEU A 428 -45.50 5.58 -5.72
CA LEU A 428 -46.02 5.85 -4.40
C LEU A 428 -44.87 5.92 -3.40
N PHE A 429 -44.12 4.85 -3.22
CA PHE A 429 -43.00 4.91 -2.31
C PHE A 429 -42.05 6.02 -2.71
N MET A 430 -41.33 5.82 -3.81
CA MET A 430 -40.31 6.78 -4.23
C MET A 430 -40.90 8.17 -4.30
N GLN A 431 -42.00 8.32 -5.03
CA GLN A 431 -42.67 9.61 -5.05
C GLN A 431 -43.18 9.99 -3.67
N GLY A 432 -43.43 9.03 -2.81
CA GLY A 432 -43.98 9.37 -1.51
C GLY A 432 -43.02 10.17 -0.68
N ILE A 433 -41.85 9.62 -0.40
CA ILE A 433 -40.91 10.32 0.45
C ILE A 433 -40.49 11.64 -0.15
N PHE A 434 -39.76 11.58 -1.25
CA PHE A 434 -39.12 12.78 -1.76
C PHE A 434 -40.14 13.73 -2.32
N GLY A 435 -41.31 13.23 -2.66
CA GLY A 435 -42.37 14.14 -3.03
C GLY A 435 -42.64 15.05 -1.87
N TYR A 436 -43.00 14.48 -0.73
CA TYR A 436 -43.24 15.30 0.45
C TYR A 436 -42.03 16.14 0.76
N LEU A 437 -40.87 15.76 0.21
CA LEU A 437 -39.68 16.61 0.29
C LEU A 437 -39.70 17.61 -0.86
N SER A 438 -39.53 17.12 -2.08
CA SER A 438 -39.41 18.02 -3.21
C SER A 438 -40.56 19.01 -3.22
N VAL A 439 -41.79 18.48 -3.22
CA VAL A 439 -42.96 19.35 -3.28
C VAL A 439 -42.87 20.40 -2.18
N CYS A 440 -42.38 20.00 -1.01
CA CYS A 440 -42.22 20.98 0.04
C CYS A 440 -41.28 22.09 -0.40
N ILE A 441 -40.20 21.73 -1.07
CA ILE A 441 -39.14 22.70 -1.35
C ILE A 441 -39.71 23.91 -2.07
N VAL A 442 -40.38 23.67 -3.19
CA VAL A 442 -41.03 24.77 -3.90
C VAL A 442 -41.97 25.50 -2.95
N TYR A 443 -42.84 24.76 -2.30
CA TYR A 443 -43.69 25.37 -1.30
C TYR A 443 -42.86 26.15 -0.31
N LYS A 444 -41.69 25.64 0.05
CA LYS A 444 -40.81 26.46 0.88
C LYS A 444 -40.40 27.71 0.16
N TRP A 445 -40.42 27.70 -1.15
CA TRP A 445 -40.16 28.95 -1.81
C TRP A 445 -41.38 29.85 -1.80
N ALA A 446 -42.48 29.42 -1.20
CA ALA A 446 -43.69 30.25 -1.19
C ALA A 446 -43.71 31.21 0.00
N VAL A 447 -43.71 30.68 1.21
CA VAL A 447 -44.13 31.42 2.39
C VAL A 447 -42.90 31.87 3.17
N ASP A 448 -42.67 33.19 3.16
CA ASP A 448 -41.65 33.85 3.98
C ASP A 448 -41.63 35.33 3.59
N TRP A 449 -40.89 36.17 4.32
CA TRP A 449 -40.53 35.96 5.70
C TRP A 449 -41.48 36.81 6.50
N VAL A 450 -42.33 37.51 5.77
CA VAL A 450 -43.37 38.32 6.41
C VAL A 450 -44.18 37.45 7.34
N LYS A 451 -44.60 36.28 6.85
CA LYS A 451 -45.24 35.30 7.71
C LYS A 451 -44.27 34.89 8.82
N ASP A 452 -44.83 34.59 9.98
CA ASP A 452 -44.02 34.30 11.14
C ASP A 452 -43.32 32.96 10.99
N GLY A 453 -42.19 32.82 11.68
CA GLY A 453 -41.46 31.58 11.74
C GLY A 453 -41.21 30.99 10.38
N LYS A 454 -41.04 31.86 9.39
CA LYS A 454 -41.00 31.45 7.98
C LYS A 454 -39.99 30.35 7.65
N PRO A 455 -38.77 30.30 8.25
CA PRO A 455 -37.87 29.19 8.00
C PRO A 455 -38.53 27.94 8.56
N ALA A 456 -38.16 26.70 8.29
CA ALA A 456 -36.88 26.18 7.85
C ALA A 456 -37.16 24.71 7.71
N PRO A 457 -36.14 23.90 7.47
CA PRO A 457 -34.83 23.86 6.80
C PRO A 457 -34.94 23.49 5.34
N GLY A 458 -35.98 22.76 4.99
CA GLY A 458 -35.69 21.67 4.09
C GLY A 458 -35.06 20.58 4.93
N LEU A 459 -33.79 20.27 4.69
CA LEU A 459 -33.17 19.01 5.08
C LEU A 459 -33.58 18.51 6.46
N LEU A 460 -33.20 19.24 7.52
CA LEU A 460 -33.45 18.75 8.87
C LEU A 460 -34.91 18.39 9.08
N ASN A 461 -35.83 19.04 8.37
CA ASN A 461 -37.24 18.70 8.47
C ASN A 461 -37.41 17.24 8.14
N MET A 462 -37.07 16.87 6.91
CA MET A 462 -37.06 15.46 6.56
C MET A 462 -36.20 14.66 7.52
N LEU A 463 -35.13 15.26 8.04
CA LEU A 463 -34.20 14.51 8.87
C LEU A 463 -34.85 14.07 10.17
N ILE A 464 -35.39 15.01 10.93
CA ILE A 464 -36.13 14.63 12.13
C ILE A 464 -37.36 13.86 11.75
N ASN A 465 -37.93 14.18 10.60
CA ASN A 465 -38.95 13.31 10.06
C ASN A 465 -38.33 11.96 9.75
N MET A 466 -39.16 10.94 9.69
CA MET A 466 -38.72 9.57 9.50
C MET A 466 -37.88 9.07 10.67
N PHE A 467 -37.49 9.95 11.59
CA PHE A 467 -36.92 9.55 12.86
C PHE A 467 -38.00 9.31 13.90
N LEU A 468 -38.72 10.35 14.27
CA LEU A 468 -39.93 10.19 15.05
C LEU A 468 -41.01 11.03 14.40
N SER A 469 -42.12 10.38 14.07
CA SER A 469 -43.24 11.12 13.51
C SER A 469 -43.61 12.33 14.36
N PRO A 470 -43.50 12.28 15.68
CA PRO A 470 -44.00 13.41 16.49
C PRO A 470 -43.25 14.71 16.28
N GLY A 471 -42.08 14.68 15.66
CA GLY A 471 -41.35 15.90 15.44
C GLY A 471 -42.17 16.90 14.66
N THR A 472 -42.38 18.08 15.23
CA THR A 472 -43.15 19.12 14.58
C THR A 472 -42.29 20.02 13.72
N ILE A 473 -41.01 19.71 13.58
CA ILE A 473 -40.05 20.43 12.76
C ILE A 473 -39.79 21.80 13.35
N ASP A 474 -40.61 22.19 14.31
CA ASP A 474 -40.48 23.46 15.00
C ASP A 474 -40.17 24.63 14.07
N ASP A 475 -41.12 25.04 13.24
CA ASP A 475 -42.36 24.33 12.97
C ASP A 475 -42.47 24.22 11.47
N GLU A 476 -42.71 25.36 10.84
CA GLU A 476 -42.42 25.56 9.42
C GLU A 476 -43.12 24.54 8.55
N LEU A 477 -44.18 23.94 9.08
CA LEU A 477 -44.85 22.91 8.36
C LEU A 477 -45.51 23.48 7.12
N TYR A 478 -45.91 22.61 6.23
CA TYR A 478 -46.97 23.04 5.34
C TYR A 478 -48.07 23.55 6.25
N PRO A 479 -48.95 24.43 5.78
CA PRO A 479 -49.89 25.10 6.69
C PRO A 479 -50.71 24.11 7.50
N HIS A 480 -50.59 22.85 7.09
CA HIS A 480 -51.10 21.71 7.82
C HIS A 480 -50.62 21.81 9.26
N GLN A 481 -51.34 21.26 10.26
CA GLN A 481 -52.09 19.99 10.25
C GLN A 481 -51.07 18.96 9.77
N ALA A 482 -49.82 19.22 10.11
CA ALA A 482 -48.66 18.53 9.56
C ALA A 482 -48.64 17.07 9.94
N LYS A 483 -49.59 16.64 10.77
CA LYS A 483 -49.72 15.23 11.10
C LYS A 483 -49.71 14.40 9.84
N VAL A 484 -50.12 14.99 8.72
CA VAL A 484 -49.87 14.38 7.41
C VAL A 484 -48.42 13.93 7.29
N GLN A 485 -47.48 14.77 7.74
CA GLN A 485 -46.08 14.43 7.52
C GLN A 485 -45.75 13.06 8.09
N VAL A 486 -46.45 12.67 9.15
CA VAL A 486 -46.42 11.27 9.54
C VAL A 486 -47.06 10.42 8.45
N PHE A 487 -48.24 10.83 8.00
CA PHE A 487 -49.04 9.96 7.15
C PHE A 487 -48.24 9.43 5.98
N LEU A 488 -47.50 10.32 5.31
CA LEU A 488 -46.62 9.87 4.25
C LEU A 488 -45.74 8.74 4.76
N LEU A 489 -44.88 9.04 5.73
CA LEU A 489 -44.11 7.99 6.38
C LEU A 489 -45.04 6.88 6.85
N LEU A 490 -46.13 7.25 7.52
CA LEU A 490 -47.09 6.25 7.96
C LEU A 490 -47.55 5.41 6.78
N MET A 491 -47.76 6.06 5.64
CA MET A 491 -48.02 5.29 4.44
C MET A 491 -46.75 4.70 3.87
N ALA A 492 -45.60 5.29 4.18
CA ALA A 492 -44.37 4.83 3.56
C ALA A 492 -44.09 3.39 3.91
N LEU A 493 -44.05 3.08 5.20
CA LEU A 493 -43.63 1.75 5.63
C LEU A 493 -44.49 0.67 5.01
N VAL A 494 -45.81 0.87 5.00
CA VAL A 494 -46.71 -0.14 4.46
C VAL A 494 -46.34 -0.45 3.02
N CYS A 495 -45.98 0.58 2.25
CA CYS A 495 -45.61 0.39 0.86
C CYS A 495 -44.48 -0.62 0.74
N ILE A 496 -43.36 -0.36 1.41
CA ILE A 496 -42.28 -1.34 1.48
C ILE A 496 -42.85 -2.72 1.79
N PRO A 497 -43.67 -2.89 2.83
CA PRO A 497 -44.35 -4.17 2.99
C PRO A 497 -45.25 -4.49 1.82
N TRP A 498 -46.05 -3.52 1.36
CA TRP A 498 -46.93 -3.76 0.24
C TRP A 498 -46.18 -4.35 -0.94
N LEU A 499 -44.98 -3.85 -1.20
CA LEU A 499 -44.22 -4.36 -2.33
C LEU A 499 -43.93 -5.84 -2.16
N LEU A 500 -43.00 -6.16 -1.26
CA LEU A 500 -42.45 -7.51 -1.24
C LEU A 500 -43.50 -8.57 -0.94
N LEU A 501 -44.60 -8.19 -0.29
CA LEU A 501 -45.58 -9.19 0.09
C LEU A 501 -46.34 -9.73 -1.12
N VAL A 502 -46.68 -8.86 -2.06
CA VAL A 502 -47.66 -9.24 -3.06
C VAL A 502 -47.07 -9.93 -4.28
N LYS A 503 -45.76 -9.87 -4.47
CA LYS A 503 -45.17 -10.54 -5.64
C LYS A 503 -45.49 -12.03 -5.66
N PRO A 504 -45.32 -12.78 -4.58
CA PRO A 504 -45.64 -14.21 -4.65
C PRO A 504 -47.12 -14.48 -4.75
N LEU A 505 -47.95 -13.67 -4.09
CA LEU A 505 -49.37 -13.94 -4.07
C LEU A 505 -49.90 -14.11 -5.48
N HIS A 506 -49.71 -13.11 -6.33
CA HIS A 506 -50.06 -13.32 -7.71
C HIS A 506 -49.10 -14.30 -8.38
N PHE A 507 -47.90 -14.46 -7.85
CA PHE A 507 -47.02 -15.49 -8.39
C PHE A 507 -47.52 -16.87 -8.02
N LYS A 508 -48.01 -17.03 -6.80
CA LYS A 508 -48.72 -18.23 -6.41
C LYS A 508 -50.16 -18.09 -6.91
N PHE A 509 -51.03 -18.99 -6.47
CA PHE A 509 -52.43 -18.86 -6.83
C PHE A 509 -53.22 -18.31 -5.66
N ASP A 561 -37.77 -20.18 -5.29
CA ASP A 561 -37.84 -19.71 -6.67
C ASP A 561 -37.89 -18.19 -6.73
N ILE A 562 -38.92 -17.67 -7.39
CA ILE A 562 -39.13 -16.23 -7.44
C ILE A 562 -39.22 -15.63 -6.04
N MET A 563 -39.46 -16.47 -5.03
CA MET A 563 -39.59 -16.00 -3.66
C MET A 563 -38.37 -15.21 -3.24
N ILE A 564 -37.22 -15.87 -3.19
CA ILE A 564 -36.00 -15.21 -2.72
C ILE A 564 -35.59 -14.11 -3.70
N HIS A 565 -35.65 -14.40 -4.99
CA HIS A 565 -35.08 -13.48 -5.96
C HIS A 565 -35.83 -12.16 -6.00
N GLN A 566 -37.15 -12.20 -6.20
CA GLN A 566 -37.89 -10.94 -6.22
C GLN A 566 -37.83 -10.22 -4.89
N VAL A 567 -37.33 -10.87 -3.84
CA VAL A 567 -37.13 -10.19 -2.57
C VAL A 567 -35.84 -9.39 -2.59
N ILE A 568 -34.77 -9.95 -3.17
CA ILE A 568 -33.53 -9.22 -3.28
C ILE A 568 -33.74 -7.96 -4.10
N HIS A 569 -34.36 -8.11 -5.27
CA HIS A 569 -34.70 -6.95 -6.08
C HIS A 569 -35.63 -6.00 -5.34
N THR A 570 -36.30 -6.47 -4.29
CA THR A 570 -37.14 -5.59 -3.50
C THR A 570 -36.29 -4.68 -2.61
N ILE A 571 -35.63 -5.27 -1.61
CA ILE A 571 -34.88 -4.47 -0.64
C ILE A 571 -33.89 -3.56 -1.34
N GLU A 572 -33.33 -4.02 -2.46
CA GLU A 572 -32.45 -3.16 -3.25
C GLU A 572 -33.11 -1.85 -3.58
N PHE A 573 -34.29 -1.91 -4.18
CA PHE A 573 -34.94 -0.72 -4.72
C PHE A 573 -35.06 0.37 -3.66
N CYS A 574 -35.83 0.10 -2.61
CA CYS A 574 -36.00 1.11 -1.57
C CYS A 574 -34.66 1.55 -1.01
N LEU A 575 -33.75 0.62 -0.75
CA LEU A 575 -32.39 1.02 -0.41
C LEU A 575 -31.81 1.90 -1.50
N ASN A 576 -31.78 1.38 -2.73
CA ASN A 576 -31.36 2.20 -3.85
C ASN A 576 -32.07 3.53 -3.88
N CYS A 577 -33.35 3.54 -3.50
CA CYS A 577 -34.19 4.71 -3.71
C CYS A 577 -33.50 5.97 -3.27
N VAL A 578 -33.18 6.07 -1.98
CA VAL A 578 -32.40 7.21 -1.52
C VAL A 578 -31.08 7.27 -2.25
N SER A 579 -30.36 6.15 -2.27
CA SER A 579 -29.05 6.13 -2.90
C SER A 579 -29.09 6.75 -4.28
N HIS A 580 -30.10 6.41 -5.06
CA HIS A 580 -30.28 7.07 -6.35
C HIS A 580 -30.35 8.57 -6.15
N THR A 581 -31.47 9.03 -5.58
CA THR A 581 -31.70 10.46 -5.49
C THR A 581 -30.56 11.15 -4.79
N ALA A 582 -29.89 10.45 -3.89
CA ALA A 582 -28.63 10.97 -3.39
C ALA A 582 -27.72 11.35 -4.53
N SER A 583 -27.53 10.43 -5.48
CA SER A 583 -26.51 10.64 -6.50
C SER A 583 -26.77 11.91 -7.28
N TYR A 584 -28.04 12.26 -7.52
CA TYR A 584 -28.30 13.48 -8.27
C TYR A 584 -27.64 14.67 -7.63
N LEU A 585 -27.27 14.55 -6.36
CA LEU A 585 -26.54 15.63 -5.75
C LEU A 585 -25.22 15.89 -6.46
N ARG A 586 -24.80 14.96 -7.32
CA ARG A 586 -23.70 15.24 -8.24
C ARG A 586 -23.93 16.50 -9.03
N LEU A 587 -25.19 16.82 -9.31
CA LEU A 587 -25.44 17.87 -10.29
C LEU A 587 -24.80 19.17 -9.86
N TRP A 588 -25.28 19.79 -8.79
CA TRP A 588 -24.63 21.03 -8.40
C TRP A 588 -23.21 20.78 -7.94
N ALA A 589 -22.82 19.53 -7.78
CA ALA A 589 -21.45 19.26 -7.40
C ALA A 589 -20.50 19.89 -8.41
N LEU A 590 -20.46 19.32 -9.60
CA LEU A 590 -19.52 19.79 -10.60
C LEU A 590 -19.73 21.27 -10.88
N SER A 591 -20.98 21.68 -10.95
CA SER A 591 -21.31 23.07 -11.23
C SER A 591 -20.57 23.96 -10.25
N LEU A 592 -20.98 23.87 -8.98
CA LEU A 592 -20.36 24.68 -7.95
C LEU A 592 -18.86 24.58 -8.01
N ALA A 593 -18.35 23.42 -8.36
CA ALA A 593 -16.94 23.33 -8.70
C ALA A 593 -16.65 24.18 -9.92
N HIS A 594 -17.36 23.91 -11.01
CA HIS A 594 -16.96 24.41 -12.31
C HIS A 594 -16.72 25.91 -12.28
N ALA A 595 -17.73 26.66 -11.86
CA ALA A 595 -17.59 28.10 -11.81
C ALA A 595 -16.42 28.51 -10.93
N GLN A 596 -16.35 27.96 -9.72
CA GLN A 596 -15.20 28.22 -8.88
C GLN A 596 -13.93 27.83 -9.60
N LEU A 597 -13.88 26.59 -10.06
CA LEU A 597 -12.73 26.17 -10.86
C LEU A 597 -12.55 27.06 -12.07
N SER A 598 -13.60 27.77 -12.48
CA SER A 598 -13.45 28.78 -13.51
C SER A 598 -13.00 30.11 -12.91
N SER A 599 -13.81 30.68 -12.03
CA SER A 599 -13.60 32.05 -11.57
C SER A 599 -12.18 32.28 -11.09
N VAL A 600 -11.51 31.25 -10.60
CA VAL A 600 -10.13 31.42 -10.17
C VAL A 600 -9.24 31.80 -11.34
N LEU A 601 -9.27 30.99 -12.39
CA LEU A 601 -8.42 31.23 -13.55
C LEU A 601 -8.53 32.67 -14.00
N TRP A 602 -9.76 33.15 -14.15
CA TRP A 602 -9.94 34.54 -14.54
C TRP A 602 -9.44 35.47 -13.45
N THR A 603 -9.76 35.17 -12.20
CA THR A 603 -9.13 35.91 -11.12
C THR A 603 -7.63 35.66 -11.05
N MET A 604 -7.14 34.65 -11.76
CA MET A 604 -5.73 34.48 -12.01
C MET A 604 -5.31 35.05 -13.35
N THR A 605 -6.19 35.78 -14.02
CA THR A 605 -5.81 36.57 -15.18
C THR A 605 -6.28 38.01 -15.04
N ILE A 606 -7.58 38.23 -14.91
CA ILE A 606 -8.17 39.55 -14.80
C ILE A 606 -7.36 40.39 -13.84
N GLN A 607 -7.34 39.98 -12.58
CA GLN A 607 -6.51 40.69 -11.60
C GLN A 607 -5.11 40.91 -12.16
N ILE A 608 -4.52 39.87 -12.72
CA ILE A 608 -3.21 40.06 -13.33
C ILE A 608 -3.31 40.98 -14.52
N ALA A 609 -4.40 40.87 -15.27
CA ALA A 609 -4.52 41.58 -16.53
C ALA A 609 -4.30 43.07 -16.34
N PHE A 610 -5.09 43.68 -15.49
CA PHE A 610 -5.14 45.11 -15.49
C PHE A 610 -4.14 45.71 -14.52
N GLY A 611 -3.29 44.88 -13.93
CA GLY A 611 -2.26 45.35 -13.03
C GLY A 611 -1.01 45.74 -13.79
N PHE A 612 -1.19 46.08 -15.05
CA PHE A 612 -0.07 46.33 -15.95
C PHE A 612 0.04 47.80 -16.32
N ARG A 613 -0.88 48.34 -17.10
CA ARG A 613 -0.82 49.73 -17.56
C ARG A 613 0.51 50.05 -18.23
N GLY A 614 1.11 49.04 -18.85
CA GLY A 614 2.49 49.12 -19.31
C GLY A 614 2.59 48.68 -20.76
N PHE A 615 3.37 49.43 -21.55
CA PHE A 615 3.66 48.99 -22.91
C PHE A 615 4.20 47.58 -22.92
N VAL A 616 4.87 47.17 -21.86
CA VAL A 616 5.17 45.75 -21.66
C VAL A 616 3.97 45.02 -21.10
N GLY A 617 3.24 45.66 -20.19
CA GLY A 617 2.00 45.07 -19.74
C GLY A 617 1.10 44.72 -20.90
N VAL A 618 1.09 45.58 -21.93
CA VAL A 618 0.47 45.20 -23.18
C VAL A 618 0.96 43.85 -23.61
N PHE A 619 2.29 43.72 -23.72
CA PHE A 619 2.84 42.40 -24.00
C PHE A 619 2.49 41.44 -22.87
N MET A 620 2.52 41.90 -21.63
CA MET A 620 2.13 41.02 -20.55
C MET A 620 0.71 40.52 -20.77
N THR A 621 -0.24 41.45 -20.87
CA THR A 621 -1.64 41.08 -20.92
C THR A 621 -1.93 40.19 -22.12
N VAL A 622 -1.62 40.68 -23.31
CA VAL A 622 -1.85 39.89 -24.51
C VAL A 622 -1.29 38.49 -24.31
N ALA A 623 0.02 38.40 -24.13
CA ALA A 623 0.64 37.10 -23.88
C ALA A 623 -0.07 36.38 -22.74
N LEU A 624 -0.36 37.10 -21.65
CA LEU A 624 -1.02 36.44 -20.53
C LEU A 624 -2.32 35.81 -20.97
N PHE A 625 -3.11 36.55 -21.72
CA PHE A 625 -4.41 36.06 -22.13
C PHE A 625 -4.30 34.68 -22.74
N ALA A 626 -3.20 34.41 -23.43
CA ALA A 626 -3.01 33.07 -23.95
C ALA A 626 -3.15 32.05 -22.84
N MET A 627 -2.46 32.30 -21.72
CA MET A 627 -2.52 31.35 -20.61
C MET A 627 -3.95 31.16 -20.14
N TRP A 628 -4.74 32.23 -20.11
CA TRP A 628 -6.15 32.09 -19.80
C TRP A 628 -6.78 31.14 -20.79
N PHE A 629 -6.92 31.60 -22.03
CA PHE A 629 -7.71 30.87 -23.00
C PHE A 629 -7.30 29.42 -23.07
N ALA A 630 -6.01 29.18 -23.27
CA ALA A 630 -5.51 27.84 -23.53
C ALA A 630 -6.11 26.84 -22.56
N LEU A 631 -5.77 26.95 -21.29
CA LEU A 631 -6.31 25.99 -20.35
C LEU A 631 -7.81 26.12 -20.21
N THR A 632 -8.36 27.33 -20.31
CA THR A 632 -9.81 27.44 -20.24
C THR A 632 -10.46 26.57 -21.28
N CYS A 633 -9.82 26.41 -22.42
CA CYS A 633 -10.26 25.36 -23.33
C CYS A 633 -9.79 24.00 -22.85
N ALA A 634 -8.59 23.93 -22.27
CA ALA A 634 -8.09 22.62 -21.84
C ALA A 634 -8.84 22.10 -20.63
N VAL A 635 -8.95 22.90 -19.57
CA VAL A 635 -9.69 22.48 -18.40
C VAL A 635 -11.14 22.20 -18.77
N LEU A 636 -11.63 22.84 -19.82
CA LEU A 636 -12.98 22.57 -20.30
C LEU A 636 -13.10 21.16 -20.86
N VAL A 637 -12.20 20.78 -21.76
CA VAL A 637 -12.18 19.40 -22.24
C VAL A 637 -12.20 18.46 -21.06
N LEU A 638 -11.34 18.71 -20.07
CA LEU A 638 -11.37 17.92 -18.86
C LEU A 638 -12.76 17.89 -18.27
N MET A 639 -13.36 19.06 -18.05
CA MET A 639 -14.74 19.09 -17.60
C MET A 639 -15.65 18.32 -18.54
N GLU A 640 -15.48 18.51 -19.84
CA GLU A 640 -16.25 17.74 -20.79
C GLU A 640 -16.13 16.27 -20.46
N GLY A 641 -14.89 15.78 -20.43
CA GLY A 641 -14.67 14.46 -19.88
C GLY A 641 -15.29 14.32 -18.51
N THR A 642 -14.95 15.23 -17.61
CA THR A 642 -15.49 15.14 -16.27
C THR A 642 -17.00 15.27 -16.25
N SER A 643 -17.62 15.67 -17.34
CA SER A 643 -19.07 15.67 -17.38
C SER A 643 -19.65 14.37 -17.91
N ALA A 644 -18.80 13.42 -18.28
CA ALA A 644 -19.32 12.08 -18.47
C ALA A 644 -19.97 11.54 -17.21
N MET A 645 -19.76 12.20 -16.08
CA MET A 645 -20.54 11.82 -14.90
C MET A 645 -22.02 11.93 -15.20
N LEU A 646 -22.42 12.98 -15.90
CA LEU A 646 -23.80 13.05 -16.36
C LEU A 646 -24.20 11.74 -17.01
N HIS A 647 -23.29 11.17 -17.78
CA HIS A 647 -23.58 9.87 -18.37
C HIS A 647 -23.88 8.85 -17.29
N SER A 648 -23.04 8.77 -16.26
CA SER A 648 -23.34 7.90 -15.14
C SER A 648 -24.75 8.14 -14.69
N LEU A 649 -25.10 9.40 -14.46
CA LEU A 649 -26.47 9.69 -14.11
C LEU A 649 -27.40 9.11 -15.15
N ARG A 650 -27.17 9.44 -16.41
CA ARG A 650 -28.09 9.02 -17.44
C ARG A 650 -28.04 7.52 -17.65
N LEU A 651 -26.84 6.97 -17.91
CA LEU A 651 -26.75 5.54 -18.21
C LEU A 651 -27.26 4.71 -17.07
N HIS A 652 -27.10 5.18 -15.86
CA HIS A 652 -27.37 4.28 -14.75
C HIS A 652 -28.77 4.40 -14.21
N TRP A 653 -29.01 5.48 -13.50
CA TRP A 653 -30.21 5.59 -12.69
C TRP A 653 -31.47 5.53 -13.55
N VAL A 654 -31.54 6.35 -14.58
CA VAL A 654 -32.67 6.28 -15.51
C VAL A 654 -32.78 4.87 -16.04
N GLU A 655 -31.80 4.45 -16.82
CA GLU A 655 -31.86 3.16 -17.47
C GLU A 655 -32.04 2.02 -16.48
N SER A 656 -31.82 2.26 -15.18
CA SER A 656 -32.18 1.25 -14.19
C SER A 656 -33.68 1.07 -14.14
N MET A 657 -34.42 2.17 -14.22
CA MET A 657 -35.87 2.07 -14.10
C MET A 657 -36.53 1.58 -15.37
N SER A 658 -35.94 1.86 -16.54
CA SER A 658 -36.60 1.47 -17.78
C SER A 658 -36.48 -0.03 -17.97
N LYS A 659 -35.29 -0.53 -18.27
CA LYS A 659 -35.15 -1.97 -18.47
C LYS A 659 -33.71 -2.46 -18.43
N PRO A 667 -25.46 0.19 -19.51
CA PRO A 667 -25.12 -0.71 -20.62
C PRO A 667 -24.46 0.02 -21.74
N TYR A 668 -23.65 -0.66 -22.51
CA TYR A 668 -22.93 0.02 -23.58
C TYR A 668 -23.81 0.29 -24.79
N GLU A 669 -24.99 -0.35 -24.87
CA GLU A 669 -25.87 -0.13 -26.02
C GLU A 669 -26.52 1.24 -26.04
N PRO A 670 -27.28 1.65 -25.02
CA PRO A 670 -28.23 2.75 -25.23
C PRO A 670 -27.58 4.04 -25.65
N PHE A 671 -26.50 4.44 -24.98
CA PHE A 671 -25.87 5.68 -25.37
C PHE A 671 -25.47 5.65 -26.83
N ALA A 672 -24.88 4.54 -27.26
CA ALA A 672 -24.70 4.36 -28.68
C ALA A 672 -26.04 4.51 -29.40
N PHE A 673 -27.05 3.77 -28.95
CA PHE A 673 -28.36 3.86 -29.59
C PHE A 673 -28.91 5.26 -29.56
N GLU A 674 -28.31 6.15 -28.79
CA GLU A 674 -28.53 7.57 -29.01
C GLU A 674 -27.69 8.09 -30.15
N TYR A 675 -26.43 7.68 -30.21
CA TYR A 675 -25.55 8.25 -31.22
C TYR A 675 -26.16 8.10 -32.60
N LYS A 676 -26.76 6.95 -32.88
CA LYS A 676 -27.36 6.72 -34.17
C LYS A 676 -28.49 7.71 -34.44
N ASP A 677 -29.08 8.24 -33.39
CA ASP A 677 -30.29 9.02 -33.56
C ASP A 677 -30.12 10.15 -34.53
N MET A 678 -29.41 11.20 -34.13
CA MET A 678 -29.35 12.39 -34.96
C MET A 678 -28.88 12.08 -36.37
N GLU A 679 -28.21 10.96 -36.57
CA GLU A 679 -28.07 10.50 -37.94
C GLU A 679 -29.34 9.82 -38.40
N VAL A 680 -29.88 8.93 -37.59
CA VAL A 680 -31.08 8.20 -37.98
C VAL A 680 -32.27 9.14 -37.88
N MET B 1 -4.48 25.47 25.06
CA MET B 1 -3.31 26.31 24.86
C MET B 1 -2.61 25.97 23.55
N ASN B 2 -1.26 26.01 23.59
CA ASN B 2 -0.38 25.54 22.53
C ASN B 2 -0.86 24.20 21.99
N LYS B 3 -1.33 23.34 22.89
CA LYS B 3 -1.78 22.02 22.49
C LYS B 3 -2.67 22.08 21.27
N GLU B 4 -3.41 23.16 21.11
CA GLU B 4 -4.15 23.40 19.87
C GLU B 4 -3.24 23.16 18.68
N SER B 5 -2.29 24.05 18.46
CA SER B 5 -1.51 24.04 17.23
C SER B 5 -0.82 22.71 16.99
N LYS B 6 -0.63 21.90 18.03
CA LYS B 6 0.11 20.66 17.83
C LYS B 6 -0.74 19.62 17.12
N ASP B 7 -1.88 19.26 17.70
CA ASP B 7 -2.73 18.21 17.14
C ASP B 7 -2.90 18.33 15.64
N ASP B 8 -3.06 19.55 15.15
CA ASP B 8 -3.08 19.74 13.71
C ASP B 8 -1.78 19.26 13.10
N ASP B 9 -0.65 19.74 13.60
CA ASP B 9 0.62 19.16 13.20
C ASP B 9 0.60 17.66 13.42
N MET B 10 0.09 17.22 14.57
CA MET B 10 -0.01 15.79 14.83
C MET B 10 -0.80 15.11 13.73
N SER B 11 -2.03 15.57 13.50
CA SER B 11 -2.84 15.00 12.44
C SER B 11 -2.08 15.00 11.13
N LEU B 12 -1.62 16.18 10.71
CA LEU B 12 -0.81 16.23 9.49
C LEU B 12 0.44 15.38 9.62
N GLY B 13 1.12 15.45 10.75
CA GLY B 13 2.36 14.71 10.92
C GLY B 13 2.18 13.25 10.61
N LYS B 14 0.93 12.78 10.68
CA LYS B 14 0.58 11.40 10.36
C LYS B 14 0.33 11.22 8.87
N PHE B 15 -0.65 11.93 8.33
CA PHE B 15 -1.10 11.66 6.97
C PHE B 15 0.06 11.65 5.98
N SER B 16 1.01 12.58 6.11
CA SER B 16 2.21 12.49 5.30
C SER B 16 2.79 11.09 5.36
N PHE B 17 3.16 10.65 6.56
CA PHE B 17 3.75 9.33 6.70
C PHE B 17 2.91 8.26 6.03
N SER B 18 1.65 8.15 6.43
CA SER B 18 0.82 7.14 5.81
C SER B 18 0.77 7.33 4.31
N HIS B 19 0.89 8.57 3.84
CA HIS B 19 1.00 8.78 2.41
C HIS B 19 2.29 8.19 1.87
N PHE B 20 3.40 8.58 2.46
CA PHE B 20 4.66 8.04 1.97
C PHE B 20 4.73 6.54 2.16
N LEU B 21 3.90 5.98 3.02
CA LEU B 21 3.74 4.52 3.01
C LEU B 21 3.33 4.06 1.63
N TYR B 22 2.24 4.62 1.10
CA TYR B 22 1.86 4.28 -0.25
C TYR B 22 2.86 4.76 -1.28
N TYR B 23 3.84 5.53 -0.88
CA TYR B 23 4.82 5.91 -1.85
C TYR B 23 6.17 5.29 -1.53
N VAL B 31 9.86 0.85 14.67
CA VAL B 31 8.81 0.54 15.62
C VAL B 31 9.12 1.21 16.93
N TYR B 32 10.40 1.16 17.30
CA TYR B 32 10.84 1.69 18.59
C TYR B 32 10.31 3.10 18.84
N GLY B 33 10.18 3.90 17.79
CA GLY B 33 9.73 5.26 17.92
C GLY B 33 8.41 5.37 18.64
N LEU B 34 7.68 4.26 18.70
CA LEU B 34 6.48 4.24 19.51
C LEU B 34 6.81 4.06 20.99
N TYR B 35 7.71 3.15 21.31
CA TYR B 35 7.96 2.82 22.71
C TYR B 35 8.48 4.02 23.49
N LYS B 36 9.52 4.66 22.97
CA LYS B 36 10.08 5.81 23.65
C LYS B 36 9.01 6.83 23.96
N LEU B 37 8.01 6.97 23.09
CA LEU B 37 6.86 7.77 23.42
C LEU B 37 6.17 7.23 24.66
N PHE B 38 5.92 5.92 24.68
CA PHE B 38 5.12 5.36 25.77
C PHE B 38 5.83 5.49 27.10
N THR B 39 7.05 4.94 27.20
CA THR B 39 7.81 5.08 28.43
C THR B 39 7.99 6.54 28.78
N GLY B 40 8.50 7.31 27.84
CA GLY B 40 8.59 8.75 28.03
C GLY B 40 7.27 9.34 28.48
N HIS B 41 6.17 8.78 28.02
CA HIS B 41 4.89 9.15 28.61
C HIS B 41 4.72 8.47 29.96
N GLY B 42 4.94 7.15 30.01
CA GLY B 42 4.67 6.40 31.22
C GLY B 42 5.34 6.98 32.44
N SER B 43 6.44 7.69 32.24
CA SER B 43 7.07 8.41 33.34
C SER B 43 6.33 9.69 33.67
N ASP B 44 5.96 10.46 32.63
CA ASP B 44 5.41 11.79 32.87
C ASP B 44 4.20 11.72 33.78
N ILE B 45 3.50 10.58 33.79
CA ILE B 45 2.37 10.45 34.70
C ILE B 45 2.85 10.40 36.13
N ASN B 46 3.68 9.43 36.45
CA ASN B 46 4.06 9.20 37.84
C ASN B 46 4.70 10.44 38.44
N PHE B 47 5.68 10.97 37.74
CA PHE B 47 6.28 12.22 38.18
C PHE B 47 5.17 13.27 38.00
N GLY B 48 3.99 13.03 38.57
CA GLY B 48 3.67 11.84 39.34
C GLY B 48 3.03 12.12 40.70
N LYS B 49 3.54 13.15 41.38
CA LYS B 49 3.04 13.53 42.70
C LYS B 49 1.75 14.33 42.72
N PHE B 50 1.47 15.06 41.66
CA PHE B 50 0.24 15.83 41.57
C PHE B 50 -0.32 15.60 40.18
N LEU B 51 -1.63 15.64 40.03
CA LEU B 51 -2.23 15.42 38.71
C LEU B 51 -2.70 16.70 38.02
N LEU B 52 -2.61 16.68 36.69
CA LEU B 52 -3.04 17.77 35.82
C LEU B 52 -3.78 17.18 34.62
N ARG B 53 -5.02 17.63 34.39
CA ARG B 53 -6.03 16.85 33.71
C ARG B 53 -6.71 17.61 32.58
N THR B 54 -7.47 16.86 31.79
CA THR B 54 -8.05 17.33 30.55
C THR B 54 -9.06 18.45 30.78
N SER B 55 -9.29 19.25 29.75
CA SER B 55 -10.15 20.42 29.87
C SER B 55 -10.58 20.88 28.48
N PRO B 56 -11.42 21.91 28.41
CA PRO B 56 -12.08 22.29 27.15
C PRO B 56 -11.28 23.21 26.22
N TYR B 57 -11.59 23.10 24.92
CA TYR B 57 -11.19 24.00 23.84
C TYR B 57 -12.32 24.17 22.80
N MET B 58 -12.09 24.90 21.70
CA MET B 58 -13.20 25.29 20.83
C MET B 58 -13.61 24.21 19.85
N TRP B 59 -12.64 23.48 19.29
CA TRP B 59 -12.82 22.51 18.20
C TRP B 59 -13.55 23.10 17.02
N ALA B 60 -14.77 22.63 16.84
CA ALA B 60 -15.57 22.69 15.63
C ALA B 60 -14.99 21.80 14.54
N ASN B 61 -14.63 22.42 13.43
CA ASN B 61 -14.56 21.80 12.11
C ASN B 61 -13.94 20.43 12.10
N LEU B 62 -12.88 20.23 12.89
CA LEU B 62 -11.94 19.17 12.59
C LEU B 62 -12.65 17.85 12.33
N GLY B 63 -13.81 17.66 12.92
CA GLY B 63 -14.62 16.53 12.53
C GLY B 63 -15.13 16.63 11.12
N ILE B 64 -15.85 17.71 10.82
CA ILE B 64 -16.61 17.74 9.58
C ILE B 64 -15.69 17.52 8.39
N ALA B 65 -14.56 18.22 8.36
CA ALA B 65 -13.62 17.99 7.28
C ALA B 65 -13.05 16.59 7.36
N LEU B 66 -12.65 16.17 8.56
CA LEU B 66 -12.18 14.81 8.71
C LEU B 66 -13.24 13.83 8.26
N CYS B 67 -14.51 14.15 8.51
CA CYS B 67 -15.57 13.25 8.08
C CYS B 67 -15.50 12.95 6.59
N VAL B 68 -15.66 13.98 5.78
CA VAL B 68 -15.65 13.74 4.35
C VAL B 68 -14.36 13.04 3.95
N GLY B 69 -13.24 13.59 4.37
CA GLY B 69 -11.96 13.07 3.95
C GLY B 69 -11.82 11.61 4.32
N LEU B 70 -11.97 11.33 5.60
CA LEU B 70 -11.96 9.96 6.03
C LEU B 70 -12.91 9.13 5.19
N SER B 71 -14.08 9.69 4.89
CA SER B 71 -15.00 8.98 4.02
C SER B 71 -14.46 8.88 2.61
N VAL B 72 -13.87 9.96 2.11
CA VAL B 72 -13.45 9.99 0.71
C VAL B 72 -12.57 8.80 0.42
N VAL B 73 -11.48 8.69 1.16
CA VAL B 73 -10.55 7.59 0.92
C VAL B 73 -11.31 6.28 0.91
N GLY B 74 -12.24 6.12 1.84
CA GLY B 74 -13.05 4.92 1.86
C GLY B 74 -13.58 4.58 0.49
N ALA B 75 -14.11 5.57 -0.20
CA ALA B 75 -14.42 5.33 -1.59
C ALA B 75 -13.15 5.09 -2.39
N ALA B 76 -12.28 6.10 -2.44
CA ALA B 76 -11.16 6.02 -3.35
C ALA B 76 -10.28 4.84 -3.05
N TRP B 77 -10.44 4.25 -1.88
CA TRP B 77 -9.82 2.99 -1.58
C TRP B 77 -10.70 1.82 -1.95
N GLY B 78 -11.99 2.05 -2.18
CA GLY B 78 -12.85 1.00 -2.65
C GLY B 78 -12.74 0.74 -4.14
N ILE B 79 -12.86 1.80 -4.94
CA ILE B 79 -12.76 1.61 -6.39
C ILE B 79 -11.38 1.13 -6.72
N PHE B 80 -10.42 1.54 -5.91
CA PHE B 80 -9.03 1.13 -5.86
C PHE B 80 -8.88 -0.37 -6.00
N ILE B 81 -9.38 -1.13 -5.03
CA ILE B 81 -9.18 -2.58 -5.08
C ILE B 81 -10.00 -3.20 -6.20
N THR B 82 -11.14 -2.63 -6.53
CA THR B 82 -11.91 -3.18 -7.63
C THR B 82 -11.35 -2.73 -8.96
N GLY B 83 -10.98 -1.46 -9.06
CA GLY B 83 -10.65 -0.88 -10.36
C GLY B 83 -9.72 -1.74 -11.17
N SER B 84 -8.74 -2.34 -10.52
CA SER B 84 -8.02 -3.39 -11.21
C SER B 84 -9.03 -4.43 -11.62
N SER B 85 -9.61 -5.07 -10.61
CA SER B 85 -10.27 -6.36 -10.80
C SER B 85 -11.22 -6.34 -11.98
N MET B 86 -11.99 -5.28 -12.14
CA MET B 86 -12.82 -5.18 -13.34
C MET B 86 -11.92 -5.25 -14.56
N ILE B 87 -11.13 -4.19 -14.76
CA ILE B 87 -10.21 -4.17 -15.89
C ILE B 87 -9.42 -5.45 -15.95
N GLY B 88 -9.03 -5.96 -14.79
CA GLY B 88 -8.37 -7.24 -14.76
C GLY B 88 -9.18 -8.34 -15.41
N ALA B 89 -10.50 -8.31 -15.23
CA ALA B 89 -11.28 -9.33 -15.89
C ALA B 89 -11.22 -9.00 -17.36
N GLY B 90 -11.90 -7.92 -17.74
CA GLY B 90 -11.44 -7.12 -18.87
C GLY B 90 -11.12 -7.95 -20.08
N VAL B 91 -9.88 -7.79 -20.53
CA VAL B 91 -9.43 -8.30 -21.82
C VAL B 91 -9.81 -9.75 -22.01
N ARG B 92 -9.95 -10.51 -20.93
CA ARG B 92 -10.48 -11.85 -21.06
C ARG B 92 -11.86 -11.82 -21.70
N ALA B 93 -12.75 -11.00 -21.15
CA ALA B 93 -14.09 -10.80 -21.71
C ALA B 93 -14.46 -9.33 -21.53
N PRO B 94 -13.93 -8.46 -22.38
CA PRO B 94 -14.14 -7.03 -22.19
C PRO B 94 -15.59 -6.65 -22.03
N ARG B 95 -16.46 -7.19 -22.87
CA ARG B 95 -17.86 -6.95 -22.68
C ARG B 95 -18.31 -7.52 -21.36
N ILE B 96 -19.43 -7.01 -20.86
CA ILE B 96 -19.92 -7.29 -19.52
C ILE B 96 -18.90 -6.74 -18.52
N THR B 97 -18.08 -5.78 -18.96
CA THR B 97 -17.50 -4.85 -18.02
C THR B 97 -18.60 -4.11 -17.29
N THR B 98 -19.50 -3.50 -18.04
CA THR B 98 -20.52 -2.65 -17.45
C THR B 98 -21.54 -3.45 -16.64
N LYS B 99 -21.80 -4.70 -17.02
CA LYS B 99 -22.64 -5.52 -16.16
C LYS B 99 -22.00 -5.67 -14.80
N ASN B 100 -20.67 -5.56 -14.73
CA ASN B 100 -19.98 -5.49 -13.46
C ASN B 100 -19.87 -4.07 -12.95
N LEU B 101 -20.35 -3.08 -13.72
CA LEU B 101 -20.20 -1.70 -13.30
C LEU B 101 -21.00 -1.39 -12.05
N ILE B 102 -22.13 -2.05 -11.86
CA ILE B 102 -22.97 -1.76 -10.70
C ILE B 102 -22.17 -1.78 -9.43
N SER B 103 -21.06 -2.53 -9.41
CA SER B 103 -20.19 -2.50 -8.24
C SER B 103 -19.55 -1.14 -8.06
N ILE B 104 -19.01 -0.56 -9.13
CA ILE B 104 -18.24 0.67 -8.99
C ILE B 104 -19.10 1.76 -8.38
N ILE B 105 -20.40 1.76 -8.67
CA ILE B 105 -21.22 2.88 -8.25
C ILE B 105 -21.35 2.91 -6.74
N PHE B 106 -21.56 1.75 -6.12
CA PHE B 106 -21.65 1.73 -4.67
C PHE B 106 -20.34 2.19 -4.06
N CYS B 107 -19.22 1.71 -4.58
CA CYS B 107 -17.94 2.04 -3.98
C CYS B 107 -17.80 3.54 -3.82
N GLU B 108 -18.33 4.32 -4.74
CA GLU B 108 -18.27 5.76 -4.58
C GLU B 108 -19.40 6.30 -3.72
N VAL B 109 -20.62 5.78 -3.84
CA VAL B 109 -21.74 6.44 -3.18
C VAL B 109 -21.47 6.59 -1.69
N VAL B 110 -20.72 5.67 -1.11
CA VAL B 110 -20.35 5.80 0.30
C VAL B 110 -19.52 7.05 0.53
N ALA B 111 -18.93 7.62 -0.52
CA ALA B 111 -18.35 8.95 -0.35
C ALA B 111 -19.43 10.01 -0.33
N ILE B 112 -20.48 9.83 -1.12
CA ILE B 112 -21.55 10.81 -1.10
C ILE B 112 -22.19 10.85 0.26
N TYR B 113 -22.42 9.69 0.86
CA TYR B 113 -22.57 9.70 2.29
C TYR B 113 -21.34 10.35 2.87
N GLY B 114 -21.55 11.41 3.64
CA GLY B 114 -20.48 12.21 4.14
C GLY B 114 -20.29 13.48 3.36
N LEU B 115 -20.64 13.48 2.09
CA LEU B 115 -20.87 14.79 1.51
C LEU B 115 -22.18 15.30 2.03
N ILE B 116 -23.18 14.42 2.09
CA ILE B 116 -24.39 14.72 2.83
C ILE B 116 -24.04 15.30 4.18
N ILE B 117 -23.12 14.63 4.89
CA ILE B 117 -22.64 15.17 6.16
C ILE B 117 -22.18 16.60 5.97
N ALA B 118 -21.32 16.82 4.97
CA ALA B 118 -20.63 18.10 4.87
C ALA B 118 -21.62 19.24 4.96
N ILE B 119 -22.80 19.09 4.38
CA ILE B 119 -23.76 20.17 4.46
C ILE B 119 -24.37 20.21 5.85
N VAL B 120 -25.09 19.15 6.20
CA VAL B 120 -25.98 19.16 7.36
C VAL B 120 -25.26 19.72 8.57
N PHE B 121 -23.95 19.57 8.59
CA PHE B 121 -23.07 20.07 9.63
C PHE B 121 -22.68 21.51 9.37
N SER B 122 -23.45 22.16 8.51
CA SER B 122 -23.28 23.58 8.23
C SER B 122 -22.97 24.43 9.45
N SER B 123 -23.75 24.29 10.51
CA SER B 123 -23.63 25.19 11.65
C SER B 123 -22.21 25.27 12.19
N LYS B 136 -18.98 30.34 24.69
CA LYS B 136 -18.37 29.02 24.64
C LYS B 136 -18.95 28.10 25.71
N SER B 137 -20.11 28.47 26.23
CA SER B 137 -20.85 27.62 27.15
C SER B 137 -21.69 26.58 26.40
N ASN B 138 -22.00 25.48 27.09
CA ASN B 138 -22.79 24.41 26.51
C ASN B 138 -22.21 24.00 25.17
N LEU B 139 -20.93 23.66 25.21
CA LEU B 139 -20.14 23.31 24.04
C LEU B 139 -20.73 22.16 23.26
N TYR B 140 -21.76 21.51 23.82
CA TYR B 140 -22.31 20.30 23.26
C TYR B 140 -22.56 20.41 21.78
N THR B 141 -22.89 21.61 21.31
CA THR B 141 -22.98 21.81 19.88
C THR B 141 -21.66 21.42 19.24
N GLY B 142 -20.64 22.23 19.50
CA GLY B 142 -19.36 21.96 18.88
C GLY B 142 -18.78 20.63 19.32
N TYR B 143 -18.70 20.40 20.63
CA TYR B 143 -17.97 19.22 21.09
C TYR B 143 -18.60 17.96 20.54
N SER B 144 -19.88 17.74 20.84
CA SER B 144 -20.56 16.56 20.35
C SER B 144 -20.71 16.57 18.85
N LEU B 145 -20.37 17.67 18.19
CA LEU B 145 -20.36 17.66 16.75
C LEU B 145 -19.28 16.72 16.23
N PHE B 146 -18.09 16.83 16.79
CA PHE B 146 -16.91 16.13 16.33
C PHE B 146 -17.18 14.66 16.11
N TRP B 147 -17.38 13.93 17.20
CA TRP B 147 -17.43 12.48 17.11
C TRP B 147 -18.44 12.00 16.11
N ALA B 148 -19.45 12.80 15.81
CA ALA B 148 -20.30 12.46 14.69
C ALA B 148 -19.49 12.39 13.42
N GLY B 149 -18.75 13.45 13.13
CA GLY B 149 -17.96 13.46 11.92
C GLY B 149 -17.11 12.21 11.80
N ILE B 150 -16.41 11.85 12.87
CA ILE B 150 -15.54 10.70 12.80
C ILE B 150 -16.34 9.43 12.61
N THR B 151 -17.51 9.34 13.25
CA THR B 151 -18.17 8.04 13.26
C THR B 151 -18.70 7.70 11.88
N VAL B 152 -19.48 8.59 11.27
CA VAL B 152 -19.92 8.30 9.92
C VAL B 152 -18.74 8.21 9.00
N GLY B 153 -17.68 8.94 9.31
CA GLY B 153 -16.52 8.91 8.45
C GLY B 153 -15.91 7.54 8.38
N ALA B 154 -15.53 6.99 9.52
CA ALA B 154 -14.90 5.69 9.49
C ALA B 154 -15.90 4.62 9.10
N SER B 155 -17.14 4.72 9.60
CA SER B 155 -18.18 3.83 9.14
C SER B 155 -18.19 3.79 7.63
N ASN B 156 -18.16 4.96 6.99
CA ASN B 156 -17.90 4.99 5.57
C ASN B 156 -16.59 4.30 5.25
N LEU B 157 -15.51 4.72 5.90
CA LEU B 157 -14.17 4.28 5.50
C LEU B 157 -14.15 2.78 5.29
N ILE B 158 -14.70 2.04 6.23
CA ILE B 158 -14.75 0.61 6.00
C ILE B 158 -15.90 0.25 5.09
N CYS B 159 -16.98 1.03 5.10
CA CYS B 159 -18.06 0.70 4.18
C CYS B 159 -17.56 0.71 2.74
N GLY B 160 -16.52 1.49 2.45
CA GLY B 160 -15.90 1.41 1.16
C GLY B 160 -15.17 0.10 0.95
N ILE B 161 -14.48 -0.38 1.98
CA ILE B 161 -13.84 -1.68 1.90
C ILE B 161 -14.82 -2.73 1.45
N ALA B 162 -15.82 -3.02 2.30
CA ALA B 162 -16.67 -4.17 2.12
C ALA B 162 -17.21 -4.23 0.71
N VAL B 163 -17.83 -3.14 0.26
CA VAL B 163 -18.33 -3.12 -1.10
C VAL B 163 -17.21 -3.42 -2.07
N GLY B 164 -16.04 -2.85 -1.84
CA GLY B 164 -14.95 -3.07 -2.75
C GLY B 164 -14.57 -4.52 -2.85
N ILE B 165 -14.22 -5.14 -1.72
CA ILE B 165 -13.72 -6.51 -1.77
C ILE B 165 -14.73 -7.41 -2.45
N THR B 166 -16.00 -7.28 -2.09
CA THR B 166 -17.02 -8.00 -2.82
C THR B 166 -16.93 -7.70 -4.30
N GLY B 167 -16.85 -6.42 -4.65
CA GLY B 167 -16.78 -6.05 -6.06
C GLY B 167 -15.64 -6.73 -6.77
N ALA B 168 -14.43 -6.58 -6.23
CA ALA B 168 -13.28 -7.24 -6.83
C ALA B 168 -13.46 -8.73 -6.94
N THR B 169 -14.26 -9.33 -6.08
CA THR B 169 -14.69 -10.70 -6.33
C THR B 169 -15.81 -10.71 -7.35
N ALA B 170 -16.77 -9.79 -7.20
CA ALA B 170 -17.90 -9.75 -8.12
C ALA B 170 -17.43 -9.69 -9.56
N ALA B 171 -16.39 -8.91 -9.83
CA ALA B 171 -15.91 -8.78 -11.19
C ALA B 171 -15.57 -10.14 -11.78
N ILE B 172 -14.65 -10.86 -11.16
CA ILE B 172 -14.26 -12.10 -11.80
C ILE B 172 -15.32 -13.17 -11.63
N SER B 173 -16.03 -13.16 -10.51
CA SER B 173 -16.98 -14.22 -10.22
C SER B 173 -18.09 -14.30 -11.25
N PHE B 181 -24.95 -15.06 -10.56
CA PHE B 181 -24.34 -13.74 -10.62
C PHE B 181 -24.80 -12.87 -9.46
N VAL B 182 -26.08 -12.46 -9.50
CA VAL B 182 -26.63 -11.55 -8.51
C VAL B 182 -26.51 -12.11 -7.10
N LYS B 183 -26.34 -13.43 -6.97
CA LYS B 183 -26.08 -14.02 -5.66
C LYS B 183 -24.98 -13.28 -4.94
N ILE B 184 -23.99 -12.77 -5.69
CA ILE B 184 -23.04 -11.79 -5.19
C ILE B 184 -23.80 -10.60 -4.65
N LEU B 185 -24.50 -9.91 -5.57
CA LEU B 185 -25.00 -8.57 -5.30
C LEU B 185 -25.80 -8.49 -4.00
N VAL B 186 -26.39 -9.59 -3.59
CA VAL B 186 -26.99 -9.64 -2.25
C VAL B 186 -25.98 -9.18 -1.22
N ILE B 187 -24.75 -9.71 -1.31
CA ILE B 187 -23.73 -9.34 -0.35
C ILE B 187 -23.33 -7.89 -0.52
N GLU B 188 -23.11 -7.46 -1.76
CA GLU B 188 -22.74 -6.07 -2.00
C GLU B 188 -23.73 -5.13 -1.35
N ILE B 189 -25.02 -5.38 -1.54
CA ILE B 189 -25.99 -4.52 -0.87
C ILE B 189 -26.05 -4.84 0.61
N PHE B 190 -25.85 -6.11 0.99
CA PHE B 190 -25.71 -6.43 2.40
C PHE B 190 -24.55 -5.70 3.03
N GLY B 191 -23.66 -5.13 2.22
CA GLY B 191 -22.68 -4.17 2.66
C GLY B 191 -23.01 -2.75 2.30
N SER B 192 -24.11 -2.52 1.60
CA SER B 192 -24.50 -1.15 1.31
C SER B 192 -25.12 -0.50 2.53
N ILE B 193 -26.00 -1.21 3.22
CA ILE B 193 -26.75 -0.62 4.31
C ILE B 193 -25.84 -0.05 5.37
N LEU B 194 -24.62 -0.58 5.48
CA LEU B 194 -23.64 0.03 6.37
C LEU B 194 -23.48 1.51 6.07
N GLY B 195 -23.57 1.87 4.79
CA GLY B 195 -23.55 3.27 4.44
C GLY B 195 -24.65 4.02 5.14
N LEU B 196 -25.89 3.58 4.95
CA LEU B 196 -27.02 4.25 5.56
C LEU B 196 -26.86 4.32 7.07
N LEU B 197 -26.87 3.17 7.73
CA LEU B 197 -26.68 3.17 9.18
C LEU B 197 -25.48 4.02 9.55
N GLY B 198 -24.41 3.92 8.76
CA GLY B 198 -23.31 4.82 8.95
C GLY B 198 -23.75 6.26 8.91
N LEU B 199 -24.62 6.60 7.96
CA LEU B 199 -25.05 7.99 7.86
C LEU B 199 -26.11 8.32 8.90
N ILE B 200 -26.97 7.35 9.20
CA ILE B 200 -28.09 7.61 10.10
C ILE B 200 -27.61 8.23 11.40
N VAL B 201 -26.69 7.56 12.07
CA VAL B 201 -26.31 7.99 13.40
C VAL B 201 -25.62 9.34 13.37
N GLY B 202 -24.77 9.54 12.38
CA GLY B 202 -24.18 10.86 12.21
C GLY B 202 -25.23 11.93 12.24
N LEU B 203 -26.38 11.66 11.64
CA LEU B 203 -27.49 12.60 11.75
C LEU B 203 -27.98 12.67 13.19
N LEU B 204 -28.38 11.53 13.75
CA LEU B 204 -28.90 11.49 15.11
C LEU B 204 -27.93 12.12 16.07
N MET B 205 -26.69 11.63 16.06
CA MET B 205 -25.67 12.19 16.94
C MET B 205 -25.54 13.68 16.76
N ALA B 206 -25.91 14.21 15.59
CA ALA B 206 -25.92 15.65 15.42
C ALA B 206 -27.27 16.25 15.68
N GLY B 207 -28.30 15.41 15.84
CA GLY B 207 -29.67 15.89 15.87
C GLY B 207 -29.93 16.98 16.88
N LYS B 208 -29.27 16.95 18.02
CA LYS B 208 -29.56 17.89 19.08
C LYS B 208 -28.70 19.14 19.04
N ALA B 209 -27.88 19.31 18.01
CA ALA B 209 -26.77 20.24 18.06
C ALA B 209 -27.18 21.63 17.60
N SER B 210 -27.15 22.58 18.53
CA SER B 210 -27.40 23.99 18.23
C SER B 210 -26.28 24.57 17.39
N GLU B 211 -26.52 25.75 16.84
CA GLU B 211 -25.53 26.47 16.06
C GLU B 211 -24.66 27.33 16.94
N PHE B 212 -23.35 27.19 16.80
CA PHE B 212 -22.38 28.02 17.48
C PHE B 212 -22.20 29.35 16.74
N GLN B 213 -21.72 30.36 17.47
CA GLN B 213 -21.35 31.66 16.89
C GLN B 213 -20.39 31.53 15.72
N PHE C 1 -21.16 14.81 28.43
CA PHE C 1 -20.11 15.57 27.77
C PHE C 1 -19.36 14.68 26.81
N PHE C 2 -18.10 14.42 27.10
CA PHE C 2 -17.29 13.69 26.12
C PHE C 2 -17.72 12.27 25.96
N GLY C 3 -18.45 11.73 26.93
CA GLY C 3 -18.94 10.38 26.79
C GLY C 3 -19.65 10.18 25.48
N PHE C 4 -20.18 11.26 24.91
CA PHE C 4 -20.82 11.18 23.61
C PHE C 4 -19.91 10.52 22.59
N ALA C 5 -18.60 10.56 22.81
CA ALA C 5 -17.69 9.84 21.92
C ALA C 5 -18.10 8.38 21.80
N GLY C 6 -18.46 7.77 22.92
CA GLY C 6 -18.90 6.39 22.86
C GLY C 6 -19.99 6.18 21.85
N CYS C 7 -20.91 7.15 21.75
CA CYS C 7 -21.93 7.08 20.73
C CYS C 7 -21.31 6.77 19.39
N ALA C 8 -20.28 7.52 19.03
CA ALA C 8 -19.48 7.14 17.88
C ALA C 8 -18.92 5.75 18.06
N ALA C 9 -18.28 5.51 19.19
CA ALA C 9 -17.49 4.30 19.36
C ALA C 9 -18.29 3.05 19.03
N ALA C 10 -19.61 3.12 19.11
CA ALA C 10 -20.41 1.94 18.85
C ALA C 10 -20.22 1.31 17.48
N MET C 11 -20.67 1.98 16.41
CA MET C 11 -20.74 1.24 15.15
C MET C 11 -19.41 1.34 14.41
N VAL C 12 -18.72 2.48 14.53
CA VAL C 12 -17.39 2.58 13.95
C VAL C 12 -16.56 1.40 14.38
N LEU C 13 -16.75 0.97 15.61
CA LEU C 13 -16.21 -0.30 16.00
C LEU C 13 -17.11 -1.45 15.57
N SER C 14 -18.42 -1.30 15.72
CA SER C 14 -19.32 -2.41 15.39
C SER C 14 -19.31 -2.70 13.91
N CYS C 15 -19.64 -1.70 13.09
CA CYS C 15 -19.68 -1.92 11.65
C CYS C 15 -18.41 -2.56 11.17
N LEU C 16 -17.28 -2.18 11.77
CA LEU C 16 -15.98 -2.70 11.36
C LEU C 16 -15.99 -4.20 11.28
N GLY C 17 -16.36 -4.86 12.36
CA GLY C 17 -16.45 -6.29 12.31
C GLY C 17 -17.49 -6.68 11.29
N ALA C 18 -18.67 -6.10 11.43
CA ALA C 18 -19.78 -6.47 10.59
C ALA C 18 -19.38 -6.47 9.13
N ALA C 19 -18.51 -5.54 8.75
CA ALA C 19 -17.95 -5.62 7.42
C ALA C 19 -17.12 -6.88 7.26
N ILE C 20 -16.07 -7.04 8.07
CA ILE C 20 -15.16 -8.14 7.84
C ILE C 20 -15.83 -9.49 8.04
N GLY C 21 -17.06 -9.49 8.56
CA GLY C 21 -17.89 -10.67 8.41
C GLY C 21 -18.34 -10.83 6.97
N THR C 22 -18.87 -9.76 6.39
CA THR C 22 -19.39 -9.85 5.03
C THR C 22 -18.29 -10.20 4.04
N ALA C 23 -17.25 -9.37 3.99
CA ALA C 23 -16.22 -9.53 2.97
C ALA C 23 -15.59 -10.91 3.04
N LYS C 24 -15.01 -11.26 4.19
CA LYS C 24 -14.37 -12.56 4.33
C LYS C 24 -15.33 -13.69 4.00
N SER C 25 -16.62 -13.50 4.28
CA SER C 25 -17.59 -14.48 3.84
C SER C 25 -17.65 -14.54 2.32
N GLY C 26 -17.95 -13.40 1.70
CA GLY C 26 -18.24 -13.40 0.27
C GLY C 26 -17.09 -13.90 -0.56
N ILE C 27 -15.87 -13.51 -0.20
CA ILE C 27 -14.70 -13.92 -0.97
C ILE C 27 -14.70 -15.43 -1.16
N GLY C 28 -15.20 -16.17 -0.19
CA GLY C 28 -15.34 -17.60 -0.38
C GLY C 28 -16.61 -17.95 -1.12
N ILE C 29 -17.65 -17.13 -0.96
CA ILE C 29 -18.94 -17.41 -1.56
C ILE C 29 -18.87 -17.49 -3.08
N ALA C 30 -17.78 -17.03 -3.68
CA ALA C 30 -17.62 -17.10 -5.14
C ALA C 30 -17.85 -18.52 -5.64
N GLY C 31 -17.09 -19.48 -5.12
CA GLY C 31 -17.25 -20.85 -5.53
C GLY C 31 -18.42 -21.52 -4.84
N ILE C 32 -18.61 -22.82 -5.09
CA ILE C 32 -17.85 -23.54 -6.09
C ILE C 32 -18.44 -23.32 -7.47
N GLY C 33 -19.73 -23.14 -7.49
CA GLY C 33 -20.50 -23.02 -8.71
C GLY C 33 -21.96 -23.33 -8.41
N THR C 34 -22.67 -23.76 -9.44
CA THR C 34 -24.05 -24.17 -9.28
C THR C 34 -24.86 -23.06 -8.64
N PHE C 35 -25.09 -22.00 -9.40
CA PHE C 35 -25.85 -20.86 -8.91
C PHE C 35 -27.34 -21.18 -8.83
N LYS C 36 -27.72 -22.34 -9.33
CA LYS C 36 -29.11 -22.78 -9.31
C LYS C 36 -29.60 -23.08 -7.90
N PRO C 37 -28.76 -23.67 -7.04
CA PRO C 37 -29.26 -24.43 -5.89
C PRO C 37 -30.29 -23.67 -5.05
N GLU C 38 -31.24 -24.42 -4.50
CA GLU C 38 -32.37 -23.83 -3.78
C GLU C 38 -31.92 -23.08 -2.53
N LEU C 39 -30.68 -23.23 -2.11
CA LEU C 39 -30.12 -22.37 -1.07
C LEU C 39 -28.68 -21.93 -1.40
N ILE C 40 -28.37 -20.64 -1.62
CA ILE C 40 -29.25 -19.45 -1.74
C ILE C 40 -29.92 -19.07 -0.44
N MET C 41 -29.73 -19.88 0.59
CA MET C 41 -30.18 -19.57 1.93
C MET C 41 -28.98 -19.68 2.86
N LYS C 42 -28.40 -20.87 2.97
CA LYS C 42 -27.21 -21.04 3.78
C LYS C 42 -26.10 -20.09 3.35
N SER C 43 -26.04 -19.75 2.07
CA SER C 43 -24.99 -18.87 1.59
C SER C 43 -25.07 -17.49 2.22
N LEU C 44 -26.27 -17.03 2.57
CA LEU C 44 -26.40 -15.74 3.24
C LEU C 44 -26.20 -15.83 4.74
N ILE C 45 -26.46 -16.98 5.35
CA ILE C 45 -26.48 -17.13 6.80
C ILE C 45 -25.26 -16.44 7.42
N PRO C 46 -24.03 -16.73 6.99
CA PRO C 46 -22.90 -16.02 7.60
C PRO C 46 -23.03 -14.52 7.47
N VAL C 47 -23.37 -14.03 6.29
CA VAL C 47 -23.47 -12.60 6.09
C VAL C 47 -24.45 -12.00 7.10
N VAL C 48 -25.68 -12.51 7.10
CA VAL C 48 -26.70 -11.92 7.94
C VAL C 48 -26.35 -12.12 9.41
N MET C 49 -25.77 -13.26 9.75
CA MET C 49 -25.19 -13.40 11.07
C MET C 49 -24.24 -12.25 11.33
N SER C 50 -23.28 -12.05 10.43
CA SER C 50 -22.42 -10.88 10.52
C SER C 50 -23.21 -9.60 10.31
N GLY C 51 -24.35 -9.67 9.62
CA GLY C 51 -25.08 -8.46 9.35
C GLY C 51 -25.60 -7.82 10.61
N ILE C 52 -26.38 -8.57 11.39
CA ILE C 52 -26.98 -8.02 12.58
C ILE C 52 -25.94 -7.47 13.53
N LEU C 53 -24.68 -7.90 13.37
CA LEU C 53 -23.62 -7.27 14.12
C LEU C 53 -23.72 -5.76 13.98
N ALA C 54 -23.84 -5.29 12.75
CA ALA C 54 -24.01 -3.86 12.56
C ALA C 54 -25.26 -3.37 13.27
N ILE C 55 -26.32 -4.16 13.24
CA ILE C 55 -27.55 -3.76 13.92
C ILE C 55 -27.25 -3.47 15.39
N TYR C 56 -26.46 -4.34 16.01
CA TYR C 56 -26.17 -4.18 17.42
C TYR C 56 -25.76 -2.76 17.75
N GLY C 57 -24.59 -2.36 17.24
CA GLY C 57 -24.07 -1.04 17.55
C GLY C 57 -25.10 0.04 17.29
N LEU C 58 -25.83 -0.08 16.20
CA LEU C 58 -26.89 0.87 15.91
C LEU C 58 -27.78 1.05 17.13
N VAL C 59 -28.43 -0.03 17.55
CA VAL C 59 -29.25 0.01 18.75
C VAL C 59 -28.50 0.71 19.87
N VAL C 60 -27.28 0.26 20.11
CA VAL C 60 -26.45 0.89 21.13
C VAL C 60 -26.36 2.38 20.85
N ALA C 61 -25.92 2.73 19.65
CA ALA C 61 -25.82 4.13 19.29
C ALA C 61 -27.15 4.83 19.44
N VAL C 62 -28.22 4.16 19.02
CA VAL C 62 -29.55 4.76 19.16
C VAL C 62 -29.80 5.12 20.60
N LEU C 63 -29.75 4.11 21.48
CA LEU C 63 -30.02 4.37 22.88
C LEU C 63 -29.08 5.44 23.41
N ILE C 64 -27.84 5.43 22.95
CA ILE C 64 -26.90 6.34 23.57
C ILE C 64 -27.08 7.74 23.05
N ALA C 65 -27.53 7.88 21.80
CA ALA C 65 -27.93 9.19 21.31
C ALA C 65 -29.04 9.75 22.18
N GLY C 66 -30.19 9.07 22.19
CA GLY C 66 -31.38 9.64 22.83
C GLY C 66 -31.11 10.07 24.25
N ASN C 67 -30.52 9.20 25.05
CA ASN C 67 -30.24 9.58 26.42
C ASN C 67 -29.30 10.77 26.48
N LEU C 68 -28.52 10.96 25.43
CA LEU C 68 -27.59 12.08 25.32
C LEU C 68 -28.40 13.34 25.05
N SER C 69 -28.05 14.44 25.70
CA SER C 69 -28.79 15.67 25.48
C SER C 69 -27.92 16.90 25.24
N PRO C 70 -28.29 17.71 24.28
CA PRO C 70 -27.54 18.94 24.01
C PRO C 70 -27.63 19.84 25.22
N THR C 71 -28.81 19.92 25.81
CA THR C 71 -29.03 20.75 26.98
C THR C 71 -29.77 20.00 28.07
N GLU C 72 -29.07 19.07 28.70
CA GLU C 72 -29.62 18.27 29.78
C GLU C 72 -28.48 17.97 30.73
N ASP C 73 -28.79 17.54 31.94
CA ASP C 73 -27.74 17.27 32.90
C ASP C 73 -26.76 16.17 32.47
N TYR C 74 -25.49 16.42 32.77
CA TYR C 74 -24.39 15.51 32.51
C TYR C 74 -23.20 15.83 33.43
N THR C 75 -22.62 17.03 33.32
CA THR C 75 -21.21 17.35 33.58
C THR C 75 -20.67 17.12 34.99
N LEU C 76 -21.50 16.67 35.92
CA LEU C 76 -21.02 16.47 37.28
C LEU C 76 -20.45 15.09 37.71
N PHE C 77 -20.19 14.07 36.87
CA PHE C 77 -20.48 13.94 35.42
C PHE C 77 -21.34 12.72 35.08
N ASN C 78 -22.60 12.99 34.76
CA ASN C 78 -23.59 11.93 34.68
C ASN C 78 -23.23 10.94 33.58
N GLY C 79 -23.17 11.44 32.35
CA GLY C 79 -23.11 10.54 31.23
C GLY C 79 -21.84 9.74 31.15
N PHE C 80 -20.94 9.87 32.12
CA PHE C 80 -19.58 9.41 31.89
C PHE C 80 -19.54 7.94 31.54
N MET C 81 -20.39 7.15 32.17
CA MET C 81 -20.36 5.71 31.93
C MET C 81 -20.67 5.41 30.48
N HIS C 82 -21.53 6.23 29.86
CA HIS C 82 -21.98 5.96 28.51
C HIS C 82 -20.82 5.72 27.57
N LEU C 83 -19.68 6.38 27.81
CA LEU C 83 -18.49 6.08 27.04
C LEU C 83 -18.23 4.59 27.05
N SER C 84 -18.00 4.04 28.24
CA SER C 84 -17.84 2.61 28.35
C SER C 84 -18.93 1.92 27.59
N CYS C 85 -20.17 2.40 27.76
CA CYS C 85 -21.33 1.66 27.28
C CYS C 85 -21.16 1.22 25.85
N GLY C 86 -20.87 2.16 24.97
CA GLY C 86 -20.74 1.79 23.58
C GLY C 86 -19.55 0.89 23.37
N LEU C 87 -18.39 1.41 23.75
CA LEU C 87 -17.15 0.66 23.55
C LEU C 87 -17.26 -0.72 24.15
N CYS C 88 -17.92 -0.81 25.29
CA CYS C 88 -18.32 -2.10 25.85
C CYS C 88 -18.97 -2.96 24.78
N VAL C 89 -20.08 -2.50 24.24
CA VAL C 89 -20.77 -3.26 23.20
C VAL C 89 -19.87 -3.50 22.02
N GLY C 90 -18.97 -2.58 21.75
CA GLY C 90 -18.37 -2.59 20.44
C GLY C 90 -17.52 -3.79 20.12
N PHE C 91 -16.46 -4.00 20.89
CA PHE C 91 -15.48 -4.99 20.47
C PHE C 91 -16.11 -6.36 20.34
N ALA C 92 -17.11 -6.66 21.16
CA ALA C 92 -17.80 -7.93 21.02
C ALA C 92 -18.27 -8.10 19.59
N CYS C 93 -19.03 -7.12 19.10
CA CYS C 93 -19.42 -7.12 17.70
C CYS C 93 -18.20 -7.33 16.83
N LEU C 94 -17.15 -6.54 17.07
CA LEU C 94 -15.89 -6.78 16.40
C LEU C 94 -15.40 -8.19 16.66
N SER C 95 -15.27 -8.54 17.94
CA SER C 95 -14.86 -9.89 18.30
C SER C 95 -15.70 -10.91 17.55
N SER C 96 -17.00 -10.71 17.53
CA SER C 96 -17.85 -11.56 16.72
C SER C 96 -17.34 -11.59 15.30
N GLY C 97 -17.08 -10.41 14.74
CA GLY C 97 -16.76 -10.33 13.34
C GLY C 97 -15.56 -11.14 12.94
N TYR C 98 -14.41 -10.85 13.56
CA TYR C 98 -13.20 -11.55 13.19
C TYR C 98 -13.41 -13.04 13.24
N ALA C 99 -14.30 -13.51 14.10
CA ALA C 99 -14.68 -14.90 14.08
C ALA C 99 -15.41 -15.26 12.81
N ILE C 100 -16.50 -14.55 12.53
CA ILE C 100 -17.47 -14.93 11.53
C ILE C 100 -16.79 -15.37 10.25
N GLY C 101 -16.16 -14.42 9.57
CA GLY C 101 -15.47 -14.76 8.34
C GLY C 101 -14.47 -15.86 8.54
N MET C 102 -13.65 -15.75 9.58
CA MET C 102 -12.63 -16.77 9.83
C MET C 102 -13.23 -18.15 9.80
N VAL C 103 -14.44 -18.30 10.33
CA VAL C 103 -15.18 -19.53 10.08
C VAL C 103 -15.84 -19.49 8.72
N GLY C 104 -16.40 -18.34 8.35
CA GLY C 104 -17.19 -18.28 7.14
C GLY C 104 -16.39 -18.67 5.91
N ASP C 105 -15.26 -18.00 5.68
CA ASP C 105 -14.53 -18.16 4.43
C ASP C 105 -14.21 -19.63 4.17
N VAL C 106 -13.87 -20.37 5.23
CA VAL C 106 -13.78 -21.81 5.05
C VAL C 106 -15.16 -22.44 5.15
N GLY C 107 -16.07 -21.83 5.90
CA GLY C 107 -17.35 -22.47 6.15
C GLY C 107 -18.16 -22.67 4.88
N VAL C 108 -18.28 -21.62 4.08
CA VAL C 108 -19.04 -21.73 2.84
C VAL C 108 -18.46 -22.83 1.98
N ARG C 109 -17.14 -22.81 1.80
CA ARG C 109 -16.47 -23.87 1.05
C ARG C 109 -16.83 -25.24 1.61
N LYS C 110 -16.87 -25.36 2.93
CA LYS C 110 -17.13 -26.64 3.57
C LYS C 110 -18.42 -27.27 3.09
N TYR C 111 -19.43 -26.45 2.77
CA TYR C 111 -20.64 -26.98 2.18
C TYR C 111 -20.33 -27.74 0.91
N MET C 112 -19.42 -27.21 0.09
CA MET C 112 -19.02 -27.93 -1.11
C MET C 112 -18.31 -29.23 -0.77
N HIS C 113 -17.62 -29.27 0.37
CA HIS C 113 -16.96 -30.50 0.78
C HIS C 113 -17.95 -31.53 1.34
N GLN C 114 -18.75 -31.13 2.32
CA GLN C 114 -19.67 -32.03 3.01
C GLN C 114 -20.97 -31.29 3.29
N PRO C 115 -21.86 -31.23 2.31
CA PRO C 115 -23.15 -30.58 2.57
C PRO C 115 -23.93 -31.22 3.71
N ARG C 116 -23.62 -32.47 4.06
CA ARG C 116 -24.24 -33.09 5.23
C ARG C 116 -23.73 -32.52 6.54
N LEU C 117 -22.66 -31.73 6.49
CA LEU C 117 -22.14 -31.06 7.67
C LEU C 117 -22.75 -29.69 7.88
N PHE C 118 -23.69 -29.29 7.03
CA PHE C 118 -24.20 -27.93 7.05
C PHE C 118 -24.73 -27.54 8.42
N VAL C 119 -25.19 -28.51 9.21
CA VAL C 119 -25.61 -28.16 10.56
C VAL C 119 -24.40 -27.75 11.39
N GLY C 120 -23.24 -28.34 11.13
CA GLY C 120 -22.13 -28.19 12.04
C GLY C 120 -21.59 -26.79 12.14
N ILE C 121 -21.16 -26.22 11.01
CA ILE C 121 -20.60 -24.88 11.02
C ILE C 121 -21.55 -23.94 11.73
N VAL C 122 -22.84 -24.09 11.48
CA VAL C 122 -23.84 -23.29 12.16
C VAL C 122 -23.61 -23.34 13.67
N LEU C 123 -23.51 -24.57 14.21
CA LEU C 123 -23.25 -24.70 15.64
C LEU C 123 -22.02 -23.92 16.04
N ILE C 124 -21.01 -23.89 15.19
CA ILE C 124 -19.87 -23.04 15.49
C ILE C 124 -20.25 -21.58 15.31
N LEU C 125 -20.93 -21.26 14.22
CA LEU C 125 -21.25 -19.87 13.95
C LEU C 125 -22.08 -19.26 15.07
N ILE C 126 -23.05 -20.02 15.59
CA ILE C 126 -23.93 -19.43 16.60
C ILE C 126 -23.14 -19.00 17.81
N PHE C 127 -22.24 -19.86 18.29
CA PHE C 127 -21.30 -19.39 19.30
C PHE C 127 -20.43 -18.29 18.72
N SER C 128 -19.89 -18.50 17.51
CA SER C 128 -19.12 -17.45 16.87
C SER C 128 -19.93 -16.16 16.80
N GLU C 129 -21.24 -16.26 16.78
CA GLU C 129 -22.08 -15.07 16.79
C GLU C 129 -22.26 -14.50 18.19
N VAL C 130 -22.55 -15.36 19.18
CA VAL C 130 -23.14 -14.88 20.42
C VAL C 130 -22.32 -13.79 21.09
N LEU C 131 -21.06 -13.65 20.70
CA LEU C 131 -20.16 -12.72 21.38
C LEU C 131 -20.80 -11.35 21.50
N GLY C 132 -21.23 -10.80 20.37
CA GLY C 132 -21.88 -9.50 20.41
C GLY C 132 -23.05 -9.46 21.36
N LEU C 133 -23.85 -10.54 21.38
CA LEU C 133 -25.04 -10.56 22.22
C LEU C 133 -24.69 -10.17 23.65
N TYR C 134 -23.59 -10.70 24.16
CA TYR C 134 -23.20 -10.36 25.51
C TYR C 134 -22.98 -8.86 25.66
N GLY C 135 -22.08 -8.31 24.86
CA GLY C 135 -21.71 -6.92 25.00
C GLY C 135 -22.92 -6.03 25.02
N MET C 136 -23.77 -6.18 24.01
CA MET C 136 -25.03 -5.46 23.97
C MET C 136 -25.74 -5.52 25.31
N ILE C 137 -25.90 -6.74 25.82
CA ILE C 137 -26.53 -6.88 27.12
C ILE C 137 -25.83 -5.98 28.11
N VAL C 138 -24.52 -6.15 28.21
CA VAL C 138 -23.74 -5.28 29.08
C VAL C 138 -24.00 -3.83 28.73
N ALA C 139 -24.01 -3.52 27.44
CA ALA C 139 -24.22 -2.14 27.03
C ALA C 139 -25.54 -1.61 27.58
N LEU C 140 -26.64 -2.31 27.31
CA LEU C 140 -27.93 -1.81 27.73
C LEU C 140 -28.00 -1.68 29.24
N ILE C 141 -27.42 -2.64 29.95
CA ILE C 141 -27.35 -2.54 31.41
C ILE C 141 -26.76 -1.19 31.81
N LEU C 142 -25.68 -0.81 31.14
CA LEU C 142 -25.00 0.42 31.49
C LEU C 142 -25.95 1.60 31.41
N ASN C 143 -26.39 1.93 30.21
CA ASN C 143 -27.28 3.07 30.06
C ASN C 143 -28.52 2.91 30.93
N THR C 144 -28.97 1.68 31.14
CA THR C 144 -30.03 1.44 32.09
C THR C 144 -29.63 1.99 33.46
N ARG C 145 -28.42 1.67 33.89
CA ARG C 145 -27.86 2.32 35.05
C ARG C 145 -27.29 3.69 34.70
N GLY C 146 -27.41 4.10 33.45
CA GLY C 146 -26.82 5.34 32.97
C GLY C 146 -27.35 6.58 33.66
N SER C 147 -28.33 6.39 34.54
CA SER C 147 -28.82 7.48 35.36
C SER C 147 -29.53 6.93 36.60
N ALA D 1 -12.98 11.30 42.83
CA ALA D 1 -14.31 11.67 42.36
C ALA D 1 -14.46 11.42 40.87
N PRO D 2 -13.41 10.89 40.24
CA PRO D 2 -13.55 10.54 38.81
C PRO D 2 -14.50 9.38 38.58
N PHE D 3 -14.42 8.31 39.37
CA PHE D 3 -15.19 7.09 39.13
C PHE D 3 -14.89 6.52 37.74
N PHE D 4 -13.70 6.83 37.24
CA PHE D 4 -13.35 6.52 35.87
C PHE D 4 -13.21 5.02 35.64
N GLY D 5 -12.75 4.29 36.65
CA GLY D 5 -12.31 2.93 36.45
C GLY D 5 -13.35 2.05 35.81
N ALA D 6 -14.59 2.53 35.75
CA ALA D 6 -15.65 1.77 35.10
C ALA D 6 -15.27 1.40 33.68
N ILE D 7 -14.34 2.13 33.08
CA ILE D 7 -13.73 1.68 31.83
C ILE D 7 -13.22 0.27 32.00
N GLY D 8 -12.89 -0.10 33.23
CA GLY D 8 -12.57 -1.49 33.50
C GLY D 8 -13.70 -2.42 33.09
N CYS D 9 -14.93 -2.06 33.42
CA CYS D 9 -16.07 -2.93 33.16
C CYS D 9 -16.00 -3.46 31.75
N ALA D 10 -16.07 -2.58 30.77
CA ALA D 10 -15.87 -2.97 29.39
C ALA D 10 -14.56 -3.75 29.24
N SER D 11 -13.48 -3.22 29.81
CA SER D 11 -12.17 -3.80 29.56
C SER D 11 -12.15 -5.27 29.87
N ALA D 12 -13.09 -5.73 30.69
CA ALA D 12 -13.16 -7.14 30.96
C ALA D 12 -13.60 -7.83 29.70
N ILE D 13 -14.84 -7.55 29.28
CA ILE D 13 -15.40 -8.27 28.16
C ILE D 13 -14.66 -8.00 26.86
N ILE D 14 -13.81 -6.98 26.82
CA ILE D 14 -13.24 -6.59 25.55
C ILE D 14 -12.26 -7.66 25.12
N PHE D 15 -11.14 -7.75 25.81
CA PHE D 15 -10.22 -8.83 25.53
C PHE D 15 -10.88 -10.18 25.71
N THR D 16 -11.79 -10.28 26.68
CA THR D 16 -12.54 -11.50 26.86
C THR D 16 -13.10 -11.99 25.55
N SER D 17 -14.05 -11.23 25.00
CA SER D 17 -14.68 -11.61 23.75
C SER D 17 -13.63 -11.97 22.71
N LEU D 18 -12.57 -11.17 22.63
CA LEU D 18 -11.50 -11.50 21.70
C LEU D 18 -11.01 -12.92 21.89
N GLY D 19 -10.98 -13.38 23.13
CA GLY D 19 -10.38 -14.66 23.39
C GLY D 19 -11.07 -15.74 22.61
N ALA D 20 -12.36 -15.92 22.85
CA ALA D 20 -13.06 -16.99 22.16
C ALA D 20 -13.10 -16.71 20.68
N ALA D 21 -13.22 -15.45 20.32
CA ALA D 21 -13.18 -15.04 18.93
C ALA D 21 -11.99 -15.67 18.27
N TYR D 22 -10.79 -15.21 18.62
CA TYR D 22 -9.60 -15.87 18.11
C TYR D 22 -9.61 -17.33 18.49
N GLY D 23 -10.13 -17.64 19.68
CA GLY D 23 -10.17 -19.00 20.13
C GLY D 23 -10.98 -19.85 19.19
N THR D 24 -12.23 -19.46 18.98
CA THR D 24 -13.04 -20.20 18.03
C THR D 24 -12.49 -20.07 16.62
N ALA D 25 -11.84 -18.96 16.33
CA ALA D 25 -11.29 -18.75 15.00
C ALA D 25 -10.40 -19.91 14.60
N LYS D 26 -9.26 -20.05 15.27
CA LYS D 26 -8.38 -21.16 14.97
C LYS D 26 -9.01 -22.49 15.33
N SER D 27 -10.18 -22.50 15.98
CA SER D 27 -10.84 -23.76 16.28
C SER D 27 -11.54 -24.32 15.05
N GLY D 28 -12.31 -23.50 14.36
CA GLY D 28 -13.12 -23.98 13.26
C GLY D 28 -12.36 -24.29 11.99
N VAL D 29 -11.46 -23.38 11.59
CA VAL D 29 -10.74 -23.51 10.33
C VAL D 29 -9.93 -24.80 10.30
N LEU D 42 -16.08 -33.34 13.04
CA LEU D 42 -17.49 -33.00 13.04
C LEU D 42 -18.02 -32.83 14.47
N PHE D 43 -18.87 -33.77 14.89
CA PHE D 43 -19.50 -33.68 16.22
C PHE D 43 -18.47 -33.64 17.35
N LYS D 44 -17.26 -34.13 17.11
CA LYS D 44 -16.21 -34.01 18.12
C LYS D 44 -15.60 -32.61 18.13
N ASN D 45 -15.23 -32.11 16.95
CA ASN D 45 -14.37 -30.93 16.86
C ASN D 45 -15.06 -29.65 17.28
N ILE D 46 -16.36 -29.67 17.54
CA ILE D 46 -16.99 -28.48 18.08
C ILE D 46 -16.53 -28.25 19.50
N VAL D 47 -16.27 -29.33 20.23
CA VAL D 47 -15.98 -29.32 21.66
C VAL D 47 -15.01 -28.20 22.04
N PRO D 48 -13.93 -27.97 21.29
CA PRO D 48 -13.07 -26.84 21.63
C PRO D 48 -13.82 -25.53 21.62
N VAL D 49 -14.55 -25.25 20.54
CA VAL D 49 -15.39 -24.08 20.52
C VAL D 49 -16.38 -24.13 21.68
N ILE D 50 -17.00 -25.30 21.87
CA ILE D 50 -17.91 -25.49 23.00
C ILE D 50 -17.21 -25.12 24.30
N MET D 51 -15.98 -25.62 24.47
CA MET D 51 -15.20 -25.18 25.61
C MET D 51 -14.82 -23.72 25.49
N ALA D 52 -14.64 -23.24 24.26
CA ALA D 52 -14.02 -21.94 24.05
C ALA D 52 -14.83 -20.83 24.69
N GLY D 53 -16.11 -20.75 24.35
CA GLY D 53 -16.87 -19.56 24.65
C GLY D 53 -16.88 -19.16 26.11
N ILE D 54 -16.88 -20.15 27.01
CA ILE D 54 -17.20 -19.91 28.41
C ILE D 54 -16.42 -18.73 28.96
N ILE D 55 -15.24 -18.49 28.42
CA ILE D 55 -14.50 -17.28 28.73
C ILE D 55 -15.37 -16.06 28.48
N ALA D 56 -15.92 -15.96 27.27
CA ALA D 56 -16.86 -14.88 27.01
C ALA D 56 -17.95 -14.90 28.05
N ILE D 57 -18.53 -16.09 28.27
CA ILE D 57 -19.51 -16.25 29.33
C ILE D 57 -18.97 -15.67 30.62
N TYR D 58 -17.73 -16.01 30.93
CA TYR D 58 -17.10 -15.41 32.10
C TYR D 58 -17.08 -13.90 31.97
N GLY D 59 -16.81 -13.39 30.76
CA GLY D 59 -16.68 -11.95 30.59
C GLY D 59 -17.90 -11.20 31.09
N LEU D 60 -19.08 -11.58 30.61
CA LEU D 60 -20.29 -10.84 30.95
C LEU D 60 -20.44 -10.72 32.45
N VAL D 61 -20.30 -11.83 33.17
CA VAL D 61 -20.51 -11.83 34.60
C VAL D 61 -19.74 -10.69 35.24
N VAL D 62 -18.49 -10.54 34.82
CA VAL D 62 -17.64 -9.55 35.45
C VAL D 62 -18.18 -8.17 35.21
N SER D 63 -18.29 -7.78 33.95
CA SER D 63 -18.78 -6.44 33.64
C SER D 63 -20.12 -6.20 34.31
N VAL D 64 -20.95 -7.23 34.35
CA VAL D 64 -22.25 -7.15 35.01
C VAL D 64 -22.02 -6.74 36.45
N LEU D 65 -21.40 -7.64 37.21
CA LEU D 65 -21.21 -7.38 38.63
C LEU D 65 -20.61 -6.00 38.85
N VAL D 66 -19.63 -5.64 38.03
CA VAL D 66 -19.01 -4.34 38.18
C VAL D 66 -20.03 -3.23 37.97
N CYS D 67 -20.85 -3.37 36.92
CA CYS D 67 -21.81 -2.32 36.61
C CYS D 67 -22.65 -1.98 37.82
N TYR D 68 -23.31 -2.98 38.40
CA TYR D 68 -24.22 -2.73 39.50
C TYR D 68 -23.54 -2.01 40.64
N SER D 69 -22.27 -2.33 40.88
CA SER D 69 -21.57 -1.62 41.93
C SER D 69 -21.18 -0.22 41.54
N LEU D 70 -21.06 0.06 40.23
CA LEU D 70 -20.36 1.24 39.75
C LEU D 70 -20.90 2.53 40.35
N GLY D 71 -22.08 2.93 39.92
CA GLY D 71 -22.78 4.02 40.57
C GLY D 71 -22.33 5.39 40.11
N GLN D 72 -23.26 6.34 40.05
CA GLN D 72 -22.90 7.69 39.67
C GLN D 72 -21.91 8.25 40.67
N LYS D 73 -22.19 8.08 41.94
CA LYS D 73 -21.15 8.32 42.90
C LYS D 73 -20.31 7.06 43.06
N GLN D 74 -19.23 7.20 43.79
CA GLN D 74 -18.35 6.11 44.17
C GLN D 74 -17.33 6.73 45.11
N ALA D 75 -16.34 5.95 45.50
CA ALA D 75 -15.08 6.50 45.97
C ALA D 75 -13.97 5.90 45.13
N LEU D 76 -12.99 6.73 44.76
CA LEU D 76 -12.05 6.36 43.71
C LEU D 76 -11.41 5.00 43.96
N TYR D 77 -11.46 4.54 45.19
CA TYR D 77 -10.94 3.22 45.47
C TYR D 77 -11.63 2.15 44.65
N THR D 78 -12.89 1.87 45.00
CA THR D 78 -13.57 0.70 44.45
C THR D 78 -13.44 0.67 42.94
N GLY D 79 -13.44 1.84 42.33
CA GLY D 79 -13.13 1.90 40.91
C GLY D 79 -11.84 1.20 40.60
N PHE D 80 -10.77 1.58 41.28
CA PHE D 80 -9.51 0.89 41.06
C PHE D 80 -9.69 -0.59 41.25
N ILE D 81 -10.39 -1.00 42.30
CA ILE D 81 -10.69 -2.40 42.48
C ILE D 81 -11.41 -2.94 41.26
N GLN D 82 -12.45 -2.23 40.83
CA GLN D 82 -13.14 -2.61 39.61
C GLN D 82 -12.17 -2.65 38.45
N LEU D 83 -11.36 -1.60 38.32
CA LEU D 83 -10.35 -1.61 37.29
C LEU D 83 -9.44 -2.82 37.49
N GLY D 84 -9.03 -3.42 36.40
CA GLY D 84 -8.11 -4.50 36.44
C GLY D 84 -8.70 -5.77 36.99
N ALA D 85 -9.80 -5.66 37.72
CA ALA D 85 -10.57 -6.86 38.02
C ALA D 85 -11.01 -7.52 36.73
N GLY D 86 -11.36 -6.70 35.75
CA GLY D 86 -11.57 -7.23 34.42
C GLY D 86 -10.27 -7.71 33.80
N LEU D 87 -9.24 -6.87 33.85
CA LEU D 87 -7.95 -7.25 33.31
C LEU D 87 -7.56 -8.63 33.80
N SER D 88 -7.84 -8.90 35.07
CA SER D 88 -7.69 -10.25 35.59
C SER D 88 -8.38 -11.25 34.68
N VAL D 89 -9.65 -11.02 34.39
CA VAL D 89 -10.35 -11.88 33.46
C VAL D 89 -9.85 -11.65 32.05
N GLY D 90 -9.90 -10.40 31.61
CA GLY D 90 -9.70 -10.11 30.21
C GLY D 90 -8.35 -10.52 29.69
N LEU D 91 -7.28 -10.00 30.29
CA LEU D 91 -5.96 -10.40 29.87
C LEU D 91 -5.86 -11.91 29.85
N SER D 92 -6.21 -12.54 30.96
CA SER D 92 -6.28 -14.00 30.98
C SER D 92 -7.19 -14.51 29.89
N GLY D 93 -8.34 -13.87 29.73
CA GLY D 93 -9.28 -14.34 28.74
C GLY D 93 -8.60 -14.42 27.40
N LEU D 94 -8.05 -13.30 26.95
CA LEU D 94 -7.32 -13.31 25.69
C LEU D 94 -6.31 -14.44 25.66
N ALA D 95 -5.54 -14.57 26.74
CA ALA D 95 -4.61 -15.68 26.84
C ALA D 95 -5.34 -16.99 26.67
N ALA D 96 -6.43 -17.17 27.41
CA ALA D 96 -7.17 -18.43 27.32
C ALA D 96 -7.46 -18.78 25.89
N GLY D 97 -7.94 -17.81 25.12
CA GLY D 97 -8.22 -18.07 23.74
C GLY D 97 -6.94 -18.48 23.04
N PHE D 98 -5.93 -17.62 23.15
CA PHE D 98 -4.65 -17.91 22.54
C PHE D 98 -4.22 -19.34 22.83
N ALA D 99 -4.47 -19.78 24.06
CA ALA D 99 -4.29 -21.19 24.37
C ALA D 99 -5.22 -22.04 23.52
N ILE D 100 -6.53 -21.80 23.65
CA ILE D 100 -7.50 -22.60 22.93
C ILE D 100 -7.17 -22.61 21.46
N GLY D 101 -6.91 -21.43 20.91
CA GLY D 101 -6.78 -21.30 19.47
C GLY D 101 -5.74 -22.23 18.88
N ILE D 102 -4.52 -22.15 19.39
CA ILE D 102 -3.49 -23.08 18.94
C ILE D 102 -3.99 -24.50 19.11
N VAL D 103 -4.52 -24.81 20.29
CA VAL D 103 -5.07 -26.13 20.53
C VAL D 103 -6.19 -26.42 19.54
N GLY D 104 -7.14 -25.49 19.44
CA GLY D 104 -8.35 -25.74 18.67
C GLY D 104 -8.06 -26.18 17.25
N ASP D 105 -6.93 -25.76 16.70
CA ASP D 105 -6.53 -26.28 15.41
C ASP D 105 -5.95 -27.67 15.53
N ALA D 106 -5.07 -27.87 16.51
CA ALA D 106 -4.26 -29.07 16.56
C ALA D 106 -5.11 -30.32 16.71
N GLY D 107 -5.90 -30.37 17.79
CA GLY D 107 -6.62 -31.60 18.11
C GLY D 107 -7.43 -32.13 16.95
N VAL D 108 -8.10 -31.24 16.23
CA VAL D 108 -8.88 -31.66 15.06
C VAL D 108 -7.94 -32.19 13.98
N ARG D 109 -6.88 -31.43 13.67
CA ARG D 109 -5.97 -31.83 12.61
C ARG D 109 -5.42 -33.23 12.85
N GLY D 110 -4.90 -33.48 14.05
CA GLY D 110 -4.40 -34.81 14.35
C GLY D 110 -5.48 -35.86 14.32
N SER D 111 -6.67 -35.52 14.83
CA SER D 111 -7.76 -36.48 14.86
C SER D 111 -8.09 -36.99 13.48
N SER D 112 -7.88 -36.16 12.45
CA SER D 112 -8.07 -36.60 11.07
C SER D 112 -7.38 -37.92 10.82
N GLN D 113 -6.07 -37.97 11.01
CA GLN D 113 -5.34 -39.22 10.96
C GLN D 113 -5.98 -40.26 11.88
N GLN D 114 -5.86 -40.06 13.19
CA GLN D 114 -6.34 -41.04 14.16
C GLN D 114 -7.45 -40.44 15.01
N PRO D 115 -8.68 -40.95 14.93
CA PRO D 115 -9.77 -40.45 15.77
C PRO D 115 -9.87 -41.16 17.11
N ARG D 116 -8.77 -41.17 17.86
CA ARG D 116 -8.74 -41.82 19.16
C ARG D 116 -8.20 -40.87 20.21
N LEU D 117 -6.97 -40.42 19.99
CA LEU D 117 -6.23 -39.67 21.01
C LEU D 117 -6.88 -38.36 21.39
N PHE D 118 -7.98 -37.96 20.72
CA PHE D 118 -8.64 -36.72 21.08
C PHE D 118 -8.91 -36.64 22.58
N VAL D 119 -9.01 -37.80 23.24
CA VAL D 119 -9.20 -37.84 24.70
C VAL D 119 -8.20 -36.93 25.39
N GLY D 120 -6.95 -36.93 24.92
CA GLY D 120 -6.01 -35.95 25.41
C GLY D 120 -6.30 -34.56 24.90
N MET D 121 -6.46 -34.42 23.58
CA MET D 121 -6.74 -33.12 23.01
C MET D 121 -8.01 -32.52 23.57
N ILE D 122 -8.89 -33.34 24.13
CA ILE D 122 -9.96 -32.80 24.95
C ILE D 122 -9.45 -32.47 26.33
N LEU D 123 -8.47 -33.22 26.83
CA LEU D 123 -8.02 -32.96 28.18
C LEU D 123 -7.05 -31.79 28.23
N ILE D 124 -6.19 -31.65 27.21
CA ILE D 124 -5.22 -30.57 27.22
C ILE D 124 -5.93 -29.22 27.35
N LEU D 125 -6.81 -28.94 26.40
CA LEU D 125 -7.62 -27.73 26.50
C LEU D 125 -8.40 -27.72 27.80
N ILE D 126 -8.80 -28.89 28.30
CA ILE D 126 -9.49 -28.94 29.58
C ILE D 126 -8.59 -28.42 30.68
N PHE D 127 -7.32 -28.79 30.64
CA PHE D 127 -6.38 -28.12 31.52
C PHE D 127 -6.17 -26.68 31.11
N ALA D 128 -6.47 -26.33 29.86
CA ALA D 128 -6.20 -24.97 29.43
C ALA D 128 -7.27 -24.00 29.89
N GLU D 129 -8.54 -24.32 29.67
CA GLU D 129 -9.57 -23.31 29.86
C GLU D 129 -9.75 -22.91 31.32
N VAL D 130 -9.07 -23.57 32.25
CA VAL D 130 -9.10 -23.09 33.63
C VAL D 130 -8.33 -21.81 33.82
N LEU D 131 -7.54 -21.41 32.83
CA LEU D 131 -6.88 -20.12 32.87
C LEU D 131 -7.88 -19.02 33.13
N GLY D 132 -8.90 -18.94 32.29
CA GLY D 132 -9.97 -17.99 32.52
C GLY D 132 -10.51 -18.09 33.93
N LEU D 133 -10.80 -19.33 34.36
CA LEU D 133 -11.39 -19.54 35.67
C LEU D 133 -10.65 -18.77 36.74
N TYR D 134 -9.33 -18.73 36.65
CA TYR D 134 -8.56 -17.95 37.59
C TYR D 134 -8.99 -16.49 37.55
N GLY D 135 -9.23 -15.95 36.36
CA GLY D 135 -9.59 -14.56 36.26
C GLY D 135 -10.81 -14.22 37.09
N LEU D 136 -11.92 -14.91 36.80
CA LEU D 136 -13.14 -14.69 37.58
C LEU D 136 -12.83 -14.82 39.05
N ILE D 137 -12.21 -15.95 39.43
CA ILE D 137 -11.75 -16.13 40.79
C ILE D 137 -11.05 -14.87 41.27
N VAL D 138 -9.98 -14.50 40.59
CA VAL D 138 -9.35 -13.23 40.89
C VAL D 138 -10.37 -12.11 40.84
N ALA D 139 -11.11 -12.04 39.74
CA ALA D 139 -12.07 -10.95 39.58
C ALA D 139 -13.06 -10.91 40.72
N LEU D 140 -13.76 -12.03 40.94
CA LEU D 140 -14.85 -12.05 41.91
C LEU D 140 -14.38 -11.54 43.25
N LEU D 141 -13.30 -12.11 43.76
CA LEU D 141 -12.77 -11.70 45.04
C LEU D 141 -12.62 -10.19 45.12
N LEU D 142 -12.19 -9.58 44.03
CA LEU D 142 -12.07 -8.13 44.00
C LEU D 142 -13.42 -7.49 44.28
N ASN D 143 -14.44 -7.89 43.54
CA ASN D 143 -15.77 -7.39 43.85
C ASN D 143 -16.20 -7.86 45.22
N SER D 144 -15.86 -9.10 45.57
CA SER D 144 -16.07 -9.53 46.94
C SER D 144 -15.44 -8.54 47.90
N ARG D 145 -14.32 -7.93 47.52
CA ARG D 145 -13.67 -6.95 48.36
C ARG D 145 -14.02 -5.52 47.98
N ALA D 146 -14.76 -5.30 46.90
CA ALA D 146 -15.00 -3.93 46.49
C ALA D 146 -15.85 -3.14 47.49
N THR D 147 -16.40 -3.81 48.49
CA THR D 147 -17.19 -3.16 49.52
C THR D 147 -16.28 -2.69 50.64
N GLN D 148 -16.89 -2.32 51.76
CA GLN D 148 -16.21 -1.90 52.99
C GLN D 148 -15.56 -0.53 52.88
N ASP D 149 -15.63 0.12 51.72
CA ASP D 149 -14.84 1.32 51.47
C ASP D 149 -15.03 2.48 52.44
N VAL D 150 -16.16 3.19 52.32
CA VAL D 150 -16.46 4.46 53.00
C VAL D 150 -17.24 5.38 52.08
N ALA E 1 -4.41 9.41 48.91
CA ALA E 1 -3.41 8.53 48.37
C ALA E 1 -4.06 7.55 47.41
N PRO E 2 -3.35 7.20 46.36
CA PRO E 2 -3.94 6.36 45.31
C PRO E 2 -4.31 4.94 45.74
N PHE E 3 -3.41 4.22 46.40
CA PHE E 3 -3.55 2.77 46.61
C PHE E 3 -3.86 2.05 45.31
N PHE E 4 -3.25 2.50 44.24
CA PHE E 4 -3.56 2.01 42.90
C PHE E 4 -2.78 0.77 42.52
N GLY E 5 -1.75 0.41 43.29
CA GLY E 5 -0.93 -0.72 42.91
C GLY E 5 -1.70 -2.01 42.70
N ALA E 6 -2.96 -2.05 43.11
CA ALA E 6 -3.76 -3.25 42.94
C ALA E 6 -3.74 -3.75 41.50
N ILE E 7 -3.44 -2.87 40.54
CA ILE E 7 -3.18 -3.33 39.18
C ILE E 7 -2.18 -4.46 39.21
N GLY E 8 -1.24 -4.41 40.14
CA GLY E 8 -0.36 -5.56 40.32
C GLY E 8 -1.14 -6.83 40.63
N CYS E 9 -2.06 -6.75 41.59
CA CYS E 9 -2.82 -7.93 41.97
C CYS E 9 -3.41 -8.59 40.74
N ALA E 10 -3.82 -7.78 39.78
CA ALA E 10 -4.14 -8.34 38.47
C ALA E 10 -2.89 -8.76 37.75
N SER E 11 -1.87 -7.91 37.76
CA SER E 11 -0.71 -8.12 36.90
C SER E 11 -0.16 -9.53 37.03
N ALA E 12 -0.29 -10.13 38.20
CA ALA E 12 0.27 -11.46 38.40
C ALA E 12 -0.51 -12.49 37.60
N ILE E 13 -1.78 -12.67 37.94
CA ILE E 13 -2.58 -13.62 37.20
C ILE E 13 -2.57 -13.31 35.72
N ILE E 14 -2.28 -12.08 35.34
CA ILE E 14 -2.35 -11.71 33.93
C ILE E 14 -1.20 -12.36 33.19
N PHE E 15 0.00 -11.87 33.44
CA PHE E 15 1.15 -12.39 32.70
C PHE E 15 1.29 -13.88 32.93
N THR E 16 1.24 -14.30 34.19
CA THR E 16 1.39 -15.71 34.49
C THR E 16 0.48 -16.56 33.61
N SER E 17 -0.76 -16.13 33.47
CA SER E 17 -1.64 -16.80 32.53
C SER E 17 -1.01 -16.87 31.16
N LEU E 18 -0.59 -15.71 30.63
CA LEU E 18 -0.05 -15.66 29.28
C LEU E 18 1.00 -16.73 29.07
N GLY E 19 1.96 -16.80 29.99
CA GLY E 19 3.00 -17.79 29.87
C GLY E 19 2.40 -19.17 29.80
N ALA E 20 1.60 -19.49 30.81
CA ALA E 20 0.98 -20.81 30.86
C ALA E 20 0.31 -21.12 29.54
N ALA E 21 -0.50 -20.19 29.06
CA ALA E 21 -1.10 -20.32 27.75
C ALA E 21 0.01 -20.59 26.75
N TYR E 22 0.88 -19.59 26.56
CA TYR E 22 1.93 -19.74 25.57
C TYR E 22 2.70 -21.02 25.79
N GLY E 23 2.96 -21.36 27.03
CA GLY E 23 3.56 -22.65 27.32
C GLY E 23 2.69 -23.77 26.84
N THR E 24 1.42 -23.75 27.23
CA THR E 24 0.52 -24.83 26.85
C THR E 24 0.53 -25.04 25.34
N ALA E 25 0.40 -23.96 24.59
CA ALA E 25 0.23 -24.06 23.16
C ALA E 25 1.37 -24.81 22.50
N LYS E 26 2.54 -24.18 22.42
CA LYS E 26 3.65 -24.80 21.72
C LYS E 26 4.00 -26.16 22.30
N SER E 27 3.64 -26.40 23.56
CA SER E 27 3.66 -27.75 24.06
C SER E 27 2.62 -28.60 23.36
N GLY E 28 1.37 -28.15 23.39
CA GLY E 28 0.30 -28.98 22.86
C GLY E 28 0.47 -29.26 21.38
N VAL E 29 0.93 -28.28 20.62
CA VAL E 29 0.99 -28.43 19.17
C VAL E 29 1.70 -29.72 18.81
N GLY E 30 2.91 -29.90 19.32
CA GLY E 30 3.61 -31.15 19.07
C GLY E 30 2.90 -32.34 19.70
N ILE E 31 2.34 -32.15 20.89
CA ILE E 31 1.69 -33.25 21.59
C ILE E 31 0.69 -33.93 20.68
N CYS E 32 -0.34 -33.19 20.25
CA CYS E 32 -1.25 -33.74 19.26
C CYS E 32 -0.52 -34.13 17.98
N ALA E 33 0.49 -33.37 17.60
CA ALA E 33 1.22 -33.69 16.38
C ALA E 33 1.96 -35.02 16.50
N THR E 34 2.42 -35.35 17.70
CA THR E 34 3.12 -36.62 17.88
C THR E 34 2.15 -37.78 18.01
N CYS E 35 1.03 -37.57 18.71
CA CYS E 35 0.13 -38.67 19.03
C CYS E 35 -0.33 -39.41 17.78
N VAL E 36 -0.48 -38.69 16.67
CA VAL E 36 -0.88 -39.33 15.42
C VAL E 36 0.10 -40.43 15.07
N LEU E 37 1.39 -40.18 15.26
CA LEU E 37 2.37 -41.23 15.04
C LEU E 37 2.29 -42.28 16.13
N ARG E 38 2.45 -41.87 17.39
CA ARG E 38 2.34 -42.80 18.48
C ARG E 38 1.20 -42.41 19.39
N PRO E 39 0.10 -43.15 19.39
CA PRO E 39 -1.01 -42.81 20.28
C PRO E 39 -0.70 -43.03 21.75
N ASP E 40 0.34 -43.81 22.06
CA ASP E 40 0.59 -44.17 23.45
C ASP E 40 1.11 -42.99 24.26
N LEU E 41 2.02 -42.20 23.66
CA LEU E 41 2.78 -41.21 24.41
C LEU E 41 1.93 -40.10 25.00
N LEU E 42 0.63 -40.08 24.68
CA LEU E 42 -0.28 -39.06 25.17
C LEU E 42 -0.10 -38.83 26.65
N PHE E 43 -0.47 -39.82 27.46
CA PHE E 43 -0.37 -39.66 28.92
C PHE E 43 1.03 -39.27 29.35
N LYS E 44 2.06 -39.73 28.64
CA LYS E 44 3.40 -39.23 28.91
C LYS E 44 3.52 -37.78 28.46
N ASN E 45 3.15 -37.49 27.22
CA ASN E 45 3.36 -36.17 26.67
C ASN E 45 2.55 -35.09 27.39
N ILE E 46 1.66 -35.47 28.29
CA ILE E 46 0.92 -34.47 29.06
C ILE E 46 1.80 -33.77 30.08
N VAL E 47 3.01 -34.27 30.32
CA VAL E 47 3.85 -33.69 31.36
C VAL E 47 4.06 -32.20 31.18
N PRO E 48 4.51 -31.70 30.02
CA PRO E 48 4.80 -30.27 29.93
C PRO E 48 3.63 -29.40 30.29
N VAL E 49 2.46 -29.69 29.74
CA VAL E 49 1.31 -28.84 30.00
C VAL E 49 0.97 -28.87 31.48
N ILE E 50 0.86 -30.07 32.05
CA ILE E 50 0.57 -30.18 33.47
C ILE E 50 1.66 -29.51 34.28
N MET E 51 2.91 -29.63 33.82
CA MET E 51 3.95 -28.79 34.37
C MET E 51 3.62 -27.33 34.12
N ALA E 52 3.32 -26.99 32.87
CA ALA E 52 3.13 -25.60 32.52
C ALA E 52 2.07 -24.95 33.38
N GLY E 53 0.90 -25.57 33.44
CA GLY E 53 -0.20 -24.96 34.16
C GLY E 53 0.14 -24.61 35.59
N ILE E 54 1.11 -25.32 36.17
CA ILE E 54 1.47 -25.08 37.55
C ILE E 54 1.75 -23.60 37.77
N ILE E 55 2.48 -22.98 36.83
CA ILE E 55 2.88 -21.59 37.03
C ILE E 55 1.66 -20.72 37.26
N ALA E 56 0.58 -21.01 36.55
CA ALA E 56 -0.65 -20.27 36.77
C ALA E 56 -1.01 -20.26 38.23
N ILE E 57 -0.99 -21.44 38.86
CA ILE E 57 -1.41 -21.54 40.25
C ILE E 57 -0.68 -20.53 41.09
N TYR E 58 0.58 -20.27 40.75
CA TYR E 58 1.37 -19.31 41.52
C TYR E 58 0.66 -17.98 41.54
N GLY E 59 0.58 -17.33 40.38
CA GLY E 59 -0.02 -16.01 40.33
C GLY E 59 -1.36 -15.96 41.03
N LEU E 60 -2.15 -17.02 40.87
CA LEU E 60 -3.39 -17.12 41.62
C LEU E 60 -3.11 -16.90 43.09
N VAL E 61 -2.19 -17.69 43.65
CA VAL E 61 -1.80 -17.49 45.04
C VAL E 61 -1.35 -16.06 45.24
N VAL E 62 -0.50 -15.57 44.35
CA VAL E 62 0.01 -14.22 44.46
C VAL E 62 -1.13 -13.23 44.51
N SER E 63 -1.99 -13.27 43.51
CA SER E 63 -3.14 -12.39 43.49
C SER E 63 -3.93 -12.53 44.78
N VAL E 64 -4.32 -13.76 45.10
CA VAL E 64 -5.15 -14.02 46.28
C VAL E 64 -4.54 -13.33 47.48
N LEU E 65 -3.25 -13.56 47.71
CA LEU E 65 -2.60 -12.93 48.86
C LEU E 65 -2.72 -11.42 48.80
N VAL E 66 -2.33 -10.83 47.66
CA VAL E 66 -2.41 -9.39 47.52
C VAL E 66 -3.82 -8.91 47.72
N CYS E 67 -4.78 -9.64 47.16
CA CYS E 67 -6.18 -9.27 47.27
C CYS E 67 -6.55 -8.98 48.73
N TYR E 68 -6.17 -9.88 49.63
CA TYR E 68 -6.47 -9.63 51.03
C TYR E 68 -5.95 -8.30 51.49
N SER E 69 -4.87 -7.83 50.91
CA SER E 69 -4.16 -6.71 51.50
C SER E 69 -4.56 -5.36 50.93
N LEU E 70 -5.55 -5.29 50.06
CA LEU E 70 -5.69 -4.04 49.32
C LEU E 70 -6.31 -2.92 50.15
N GLY E 71 -7.62 -2.98 50.37
CA GLY E 71 -8.26 -2.03 51.27
C GLY E 71 -8.58 -0.71 50.60
N GLN E 72 -9.67 -0.08 51.01
CA GLN E 72 -10.06 1.19 50.38
C GLN E 72 -9.00 2.23 50.63
N LYS E 73 -8.74 2.54 51.89
CA LYS E 73 -7.49 3.23 52.17
C LYS E 73 -6.38 2.21 52.12
N GLN E 74 -5.16 2.71 52.24
CA GLN E 74 -3.97 1.88 52.27
C GLN E 74 -2.82 2.81 52.61
N ALA E 75 -1.62 2.26 52.60
CA ALA E 75 -0.43 3.09 52.61
C ALA E 75 0.16 3.06 51.22
N LEU E 76 0.54 4.23 50.72
CA LEU E 76 1.14 4.29 49.39
C LEU E 76 2.26 3.28 49.29
N TYR E 77 3.00 3.07 50.37
CA TYR E 77 4.00 2.03 50.37
C TYR E 77 3.37 0.67 50.10
N THR E 78 2.15 0.45 50.60
CA THR E 78 1.59 -0.90 50.68
C THR E 78 1.61 -1.52 49.30
N GLY E 79 0.72 -1.09 48.43
CA GLY E 79 1.04 -1.40 47.06
C GLY E 79 2.16 -0.44 46.75
N PHE E 80 3.33 -0.99 46.60
CA PHE E 80 4.27 -0.69 45.55
C PHE E 80 4.69 -2.11 45.42
N ILE E 81 5.08 -2.60 46.59
CA ILE E 81 5.44 -3.98 46.83
C ILE E 81 4.41 -4.85 46.12
N GLN E 82 3.13 -4.55 46.34
CA GLN E 82 2.10 -5.28 45.62
C GLN E 82 2.38 -5.26 44.13
N LEU E 83 2.57 -4.06 43.57
CA LEU E 83 2.97 -3.98 42.17
C LEU E 83 4.23 -4.78 41.94
N GLY E 84 5.24 -4.58 42.78
CA GLY E 84 6.42 -5.40 42.68
C GLY E 84 6.07 -6.88 42.74
N ALA E 85 5.13 -7.23 43.61
CA ALA E 85 4.80 -8.63 43.78
C ALA E 85 4.38 -9.25 42.46
N GLY E 86 3.35 -8.68 41.84
CA GLY E 86 2.83 -9.29 40.64
C GLY E 86 3.88 -9.40 39.58
N LEU E 87 4.47 -8.26 39.23
CA LEU E 87 5.46 -8.23 38.17
C LEU E 87 6.48 -9.33 38.36
N SER E 88 6.98 -9.44 39.57
CA SER E 88 7.92 -10.49 39.93
C SER E 88 7.40 -11.82 39.47
N VAL E 89 6.30 -12.27 40.08
CA VAL E 89 5.75 -13.56 39.71
C VAL E 89 5.38 -13.56 38.23
N GLY E 90 4.65 -12.55 37.81
CA GLY E 90 4.09 -12.57 36.48
C GLY E 90 5.15 -12.64 35.41
N LEU E 91 6.04 -11.65 35.37
CA LEU E 91 7.07 -11.67 34.35
C LEU E 91 7.86 -12.97 34.41
N SER E 92 8.29 -13.36 35.60
CA SER E 92 8.97 -14.63 35.77
C SER E 92 8.16 -15.74 35.12
N GLY E 93 6.89 -15.85 35.50
CA GLY E 93 6.04 -16.79 34.82
C GLY E 93 6.09 -16.62 33.32
N LEU E 94 5.88 -15.39 32.85
CA LEU E 94 5.91 -15.14 31.42
C LEU E 94 7.19 -15.66 30.82
N ALA E 95 8.29 -15.52 31.53
CA ALA E 95 9.50 -16.20 31.12
C ALA E 95 9.33 -17.70 31.25
N ALA E 96 8.82 -18.15 32.40
CA ALA E 96 8.73 -19.58 32.66
C ALA E 96 8.02 -20.28 31.51
N GLY E 97 6.82 -19.82 31.20
CA GLY E 97 6.12 -20.40 30.07
C GLY E 97 6.95 -20.37 28.82
N PHE E 98 7.48 -19.19 28.49
CA PHE E 98 8.26 -19.04 27.27
C PHE E 98 9.35 -20.09 27.20
N ALA E 99 9.87 -20.51 28.34
CA ALA E 99 10.76 -21.65 28.35
C ALA E 99 9.99 -22.94 28.16
N ILE E 100 8.96 -23.14 28.97
CA ILE E 100 8.30 -24.44 29.02
C ILE E 100 7.92 -24.88 27.62
N GLY E 101 7.18 -24.03 26.91
CA GLY E 101 6.67 -24.42 25.61
C GLY E 101 7.78 -24.82 24.66
N ILE E 102 8.81 -23.99 24.56
CA ILE E 102 9.89 -24.28 23.62
C ILE E 102 10.42 -25.67 23.87
N VAL E 103 10.96 -25.90 25.07
CA VAL E 103 11.38 -27.24 25.44
C VAL E 103 10.23 -28.21 25.28
N GLY E 104 9.01 -27.75 25.56
CA GLY E 104 7.86 -28.63 25.45
C GLY E 104 7.79 -29.33 24.11
N ASP E 105 7.85 -28.57 23.02
CA ASP E 105 7.80 -29.21 21.71
C ASP E 105 8.98 -30.16 21.55
N ALA E 106 10.18 -29.70 21.87
CA ALA E 106 11.36 -30.55 21.73
C ALA E 106 11.13 -31.89 22.41
N GLY E 107 10.70 -31.86 23.67
CA GLY E 107 10.53 -33.08 24.43
C GLY E 107 9.62 -34.07 23.74
N VAL E 108 8.41 -33.64 23.40
CA VAL E 108 7.49 -34.56 22.77
C VAL E 108 7.99 -34.95 21.39
N ARG E 109 8.54 -33.99 20.65
CA ARG E 109 9.12 -34.34 19.36
C ARG E 109 10.24 -35.34 19.52
N GLY E 110 11.11 -35.11 20.52
CA GLY E 110 12.20 -36.05 20.75
C GLY E 110 11.71 -37.40 21.24
N SER E 111 10.93 -37.40 22.33
CA SER E 111 10.46 -38.65 22.90
C SER E 111 9.77 -39.52 21.87
N SER E 112 9.15 -38.89 20.87
CA SER E 112 8.65 -39.63 19.72
C SER E 112 9.75 -40.49 19.11
N GLN E 113 10.78 -39.82 18.60
CA GLN E 113 11.89 -40.54 17.99
C GLN E 113 12.49 -41.53 18.97
N GLN E 114 13.06 -41.04 20.06
CA GLN E 114 13.73 -41.91 21.02
C GLN E 114 12.92 -41.94 22.31
N PRO E 115 12.22 -43.03 22.62
CA PRO E 115 11.53 -43.11 23.91
C PRO E 115 12.51 -43.36 25.04
N ARG E 116 13.54 -42.52 25.12
CA ARG E 116 14.55 -42.58 26.16
C ARG E 116 14.68 -41.20 26.79
N LEU E 117 15.01 -40.21 25.95
CA LEU E 117 15.27 -38.85 26.41
C LEU E 117 14.11 -38.24 27.18
N PHE E 118 12.93 -38.86 27.16
CA PHE E 118 11.81 -38.26 27.87
C PHE E 118 12.17 -37.93 29.32
N VAL E 119 12.91 -38.82 29.99
CA VAL E 119 13.36 -38.47 31.33
C VAL E 119 14.17 -37.19 31.31
N GLY E 120 15.08 -37.07 30.34
CA GLY E 120 15.79 -35.81 30.19
C GLY E 120 14.84 -34.68 29.89
N MET E 121 13.99 -34.87 28.87
CA MET E 121 12.97 -33.87 28.57
C MET E 121 12.21 -33.48 29.82
N ILE E 122 11.91 -34.46 30.68
CA ILE E 122 11.33 -34.12 31.96
C ILE E 122 12.30 -33.28 32.77
N LEU E 123 13.53 -33.75 32.88
CA LEU E 123 14.49 -33.10 33.76
C LEU E 123 14.62 -31.62 33.42
N ILE E 124 14.89 -31.31 32.16
CA ILE E 124 15.02 -29.91 31.77
C ILE E 124 13.78 -29.13 32.16
N LEU E 125 12.61 -29.69 31.84
CA LEU E 125 11.37 -29.08 32.27
C LEU E 125 11.32 -28.98 33.79
N ILE E 126 11.60 -30.11 34.47
CA ILE E 126 11.68 -30.09 35.92
C ILE E 126 12.60 -28.97 36.36
N PHE E 127 13.60 -28.68 35.54
CA PHE E 127 14.55 -27.64 35.81
C PHE E 127 14.05 -26.29 35.37
N ALA E 128 12.99 -26.24 34.58
CA ALA E 128 12.50 -24.96 34.07
C ALA E 128 11.70 -24.19 35.12
N GLU E 129 10.78 -24.87 35.82
CA GLU E 129 9.76 -24.14 36.57
C GLU E 129 10.34 -23.33 37.70
N VAL E 130 11.46 -23.78 38.25
CA VAL E 130 12.01 -23.15 39.45
C VAL E 130 12.13 -21.66 39.23
N LEU E 131 12.26 -21.24 37.97
CA LEU E 131 12.17 -19.83 37.63
C LEU E 131 10.92 -19.23 38.26
N GLY E 132 9.77 -19.81 37.94
CA GLY E 132 8.55 -19.32 38.54
C GLY E 132 8.61 -19.35 40.05
N LEU E 133 9.09 -20.46 40.60
CA LEU E 133 9.21 -20.58 42.05
C LEU E 133 9.90 -19.37 42.64
N TYR E 134 10.98 -18.94 42.00
CA TYR E 134 11.71 -17.78 42.49
C TYR E 134 10.79 -16.58 42.60
N GLY E 135 10.17 -16.19 41.49
CA GLY E 135 9.26 -15.07 41.52
C GLY E 135 8.25 -15.22 42.63
N LEU E 136 7.64 -16.39 42.70
CA LEU E 136 6.72 -16.67 43.80
C LEU E 136 7.38 -16.35 45.12
N ILE E 137 8.55 -16.92 45.36
CA ILE E 137 9.29 -16.63 46.57
C ILE E 137 9.46 -15.13 46.72
N VAL E 138 9.81 -14.45 45.64
CA VAL E 138 10.05 -13.02 45.73
C VAL E 138 8.81 -12.32 46.27
N ALA E 139 7.70 -12.47 45.57
CA ALA E 139 6.49 -11.76 45.97
C ALA E 139 6.11 -12.10 47.40
N LEU E 140 6.16 -13.39 47.73
CA LEU E 140 5.83 -13.80 49.09
C LEU E 140 6.61 -12.99 50.09
N LEU E 141 7.94 -12.97 49.93
CA LEU E 141 8.76 -12.09 50.74
C LEU E 141 8.23 -10.68 50.69
N LEU E 142 8.02 -10.18 49.47
CA LEU E 142 7.48 -8.84 49.32
C LEU E 142 6.17 -8.71 50.09
N ASN E 143 5.26 -9.66 49.87
CA ASN E 143 4.03 -9.67 50.65
C ASN E 143 4.33 -9.59 52.13
N SER E 144 5.25 -10.43 52.60
CA SER E 144 5.58 -10.45 54.01
C SER E 144 5.95 -9.06 54.49
N ARG E 145 6.45 -8.22 53.61
CA ARG E 145 6.83 -6.88 54.00
C ARG E 145 5.74 -5.86 53.81
N ALA E 146 4.53 -6.28 53.44
CA ALA E 146 3.41 -5.36 53.51
C ALA E 146 3.13 -4.90 54.93
N THR E 147 3.77 -5.53 55.91
CA THR E 147 3.62 -5.15 57.31
C THR E 147 4.36 -3.85 57.58
N GLN E 148 4.26 -3.36 58.81
CA GLN E 148 4.89 -2.15 59.34
C GLN E 148 4.24 -0.89 58.79
N ASP E 149 3.59 -1.00 57.63
CA ASP E 149 2.35 -0.29 57.31
C ASP E 149 2.27 1.11 57.91
N VAL E 150 3.10 2.02 57.42
CA VAL E 150 3.11 3.38 57.93
C VAL E 150 3.42 3.37 59.42
N PRO F 2 8.52 8.52 49.00
CA PRO F 2 8.17 7.71 47.83
C PRO F 2 8.67 6.27 47.94
N PHE F 3 9.98 6.06 47.94
CA PHE F 3 10.55 4.73 48.19
C PHE F 3 10.07 3.72 47.18
N PHE F 4 9.95 4.14 45.94
CA PHE F 4 9.35 3.33 44.89
C PHE F 4 10.35 2.42 44.20
N GLY F 5 11.64 2.62 44.42
CA GLY F 5 12.63 1.83 43.71
C GLY F 5 12.45 0.34 43.88
N ALA F 6 11.62 -0.09 44.82
CA ALA F 6 11.40 -1.51 45.02
C ALA F 6 11.03 -2.23 43.74
N ILE F 7 10.52 -1.51 42.75
CA ILE F 7 10.36 -2.09 41.42
C ILE F 7 11.66 -2.74 40.99
N GLY F 8 12.79 -2.17 41.40
CA GLY F 8 14.04 -2.84 41.17
C GLY F 8 14.07 -4.22 41.79
N CYS F 9 13.70 -4.31 43.06
CA CYS F 9 13.73 -5.60 43.75
C CYS F 9 13.03 -6.66 42.92
N ALA F 10 11.96 -6.26 42.25
CA ALA F 10 11.39 -7.13 41.24
C ALA F 10 12.29 -7.19 40.02
N SER F 11 12.77 -6.03 39.56
CA SER F 11 13.45 -5.96 38.27
C SER F 11 14.53 -7.01 38.14
N ALA F 12 15.16 -7.38 39.25
CA ALA F 12 16.25 -8.33 39.17
C ALA F 12 15.72 -9.71 38.81
N ILE F 13 14.91 -10.29 39.70
CA ILE F 13 14.34 -11.59 39.41
C ILE F 13 13.62 -11.60 38.08
N ILE F 14 13.19 -10.44 37.60
CA ILE F 14 12.40 -10.39 36.38
C ILE F 14 13.29 -10.70 35.20
N PHE F 15 14.16 -9.75 34.86
CA PHE F 15 15.01 -9.94 33.70
C PHE F 15 15.84 -11.20 33.84
N THR F 16 16.49 -11.36 34.98
CA THR F 16 17.33 -12.53 35.19
C THR F 16 16.59 -13.80 34.82
N SER F 17 15.34 -13.90 35.25
CA SER F 17 14.52 -15.02 34.81
C SER F 17 14.51 -15.11 33.31
N LEU F 18 14.14 -14.00 32.64
CA LEU F 18 14.01 -14.01 31.20
C LEU F 18 15.23 -14.63 30.55
N GLY F 19 16.40 -14.17 30.93
CA GLY F 19 17.61 -14.70 30.34
C GLY F 19 17.67 -16.19 30.55
N ALA F 20 17.59 -16.60 31.82
CA ALA F 20 17.64 -18.01 32.15
C ALA F 20 16.69 -18.79 31.28
N ALA F 21 15.44 -18.33 31.22
CA ALA F 21 14.49 -18.93 30.31
C ALA F 21 15.08 -18.95 28.91
N TYR F 22 15.29 -17.76 28.36
CA TYR F 22 15.80 -17.69 26.99
C TYR F 22 17.05 -18.52 26.84
N GLY F 23 17.92 -18.49 27.85
CA GLY F 23 19.06 -19.38 27.82
C GLY F 23 18.63 -20.83 27.79
N THR F 24 17.74 -21.21 28.72
CA THR F 24 17.31 -22.59 28.79
C THR F 24 16.79 -23.06 27.45
N ALA F 25 15.92 -22.28 26.82
CA ALA F 25 15.23 -22.70 25.62
C ALA F 25 16.21 -23.09 24.53
N LYS F 26 16.86 -22.09 23.93
CA LYS F 26 17.74 -22.38 22.80
C LYS F 26 18.82 -23.37 23.17
N SER F 27 19.14 -23.48 24.45
CA SER F 27 19.95 -24.61 24.89
C SER F 27 19.17 -25.90 24.73
N GLY F 28 17.98 -25.96 25.33
CA GLY F 28 17.24 -27.20 25.33
C GLY F 28 16.90 -27.69 23.95
N VAL F 29 16.53 -26.76 23.05
CA VAL F 29 16.06 -27.15 21.73
C VAL F 29 17.02 -28.14 21.09
N GLY F 30 18.29 -27.76 21.00
CA GLY F 30 19.28 -28.67 20.47
C GLY F 30 19.45 -29.88 21.35
N ILE F 31 19.42 -29.70 22.67
CA ILE F 31 19.63 -30.80 23.60
C ILE F 31 18.73 -31.98 23.23
N CYS F 32 17.42 -31.77 23.31
CA CYS F 32 16.50 -32.80 22.85
C CYS F 32 16.73 -33.12 21.38
N ALA F 33 17.07 -32.13 20.56
CA ALA F 33 17.30 -32.38 19.15
C ALA F 33 18.50 -33.29 18.94
N THR F 34 19.52 -33.19 19.79
CA THR F 34 20.68 -34.04 19.64
C THR F 34 20.44 -35.44 20.20
N CYS F 35 19.73 -35.53 21.32
CA CYS F 35 19.59 -36.80 22.02
C CYS F 35 19.02 -37.88 21.11
N VAL F 36 18.14 -37.49 20.19
CA VAL F 36 17.56 -38.47 19.27
C VAL F 36 18.68 -39.17 18.50
N LEU F 37 19.70 -38.42 18.09
CA LEU F 37 20.85 -39.06 17.45
C LEU F 37 21.66 -39.84 18.48
N ARG F 38 22.13 -39.15 19.52
CA ARG F 38 22.89 -39.84 20.54
C ARG F 38 22.17 -39.72 21.87
N PRO F 39 21.59 -40.82 22.38
CA PRO F 39 20.91 -40.74 23.67
C PRO F 39 21.86 -40.55 24.83
N ASP F 40 23.16 -40.81 24.64
CA ASP F 40 24.09 -40.77 25.77
C ASP F 40 24.34 -39.35 26.25
N LEU F 41 24.50 -38.42 25.31
CA LEU F 41 25.01 -37.08 25.62
C LEU F 41 24.09 -36.29 26.54
N LEU F 42 22.91 -36.82 26.84
CA LEU F 42 21.94 -36.13 27.68
C LEU F 42 22.59 -35.57 28.93
N PHE F 43 23.05 -36.45 29.82
CA PHE F 43 23.66 -36.01 31.07
C PHE F 43 24.80 -35.04 30.82
N LYS F 44 25.53 -35.21 29.72
CA LYS F 44 26.52 -34.20 29.35
C LYS F 44 25.84 -32.92 28.90
N ASN F 45 24.90 -33.04 27.96
CA ASN F 45 24.29 -31.86 27.37
C ASN F 45 23.49 -31.05 28.38
N ILE F 46 23.28 -31.56 29.59
CA ILE F 46 22.59 -30.78 30.60
C ILE F 46 23.42 -29.62 31.11
N VAL F 47 24.71 -29.58 30.79
CA VAL F 47 25.57 -28.54 31.33
C VAL F 47 25.05 -27.14 31.07
N PRO F 48 24.73 -26.74 29.83
CA PRO F 48 24.33 -25.35 29.62
C PRO F 48 23.17 -24.93 30.48
N VAL F 49 22.10 -25.73 30.50
CA VAL F 49 20.93 -25.33 31.25
C VAL F 49 21.27 -25.21 32.73
N ILE F 50 21.92 -26.23 33.28
CA ILE F 50 22.31 -26.16 34.69
C ILE F 50 23.25 -25.00 34.91
N MET F 51 24.12 -24.73 33.94
CA MET F 51 24.84 -23.47 33.95
C MET F 51 23.86 -22.31 33.88
N ALA F 52 22.96 -22.35 32.90
CA ALA F 52 22.07 -21.23 32.66
C ALA F 52 21.29 -20.88 33.92
N GLY F 53 20.63 -21.86 34.50
CA GLY F 53 19.78 -21.58 35.63
C GLY F 53 20.50 -20.87 36.75
N ILE F 54 21.82 -21.03 36.82
CA ILE F 54 22.58 -20.41 37.90
C ILE F 54 22.28 -18.93 37.97
N ILE F 55 22.23 -18.27 36.81
CA ILE F 55 22.05 -16.82 36.79
C ILE F 55 20.79 -16.44 37.55
N ALA F 56 19.74 -17.24 37.41
CA ALA F 56 18.52 -17.00 38.16
C ALA F 56 18.84 -16.84 39.63
N ILE F 57 19.59 -17.79 40.18
CA ILE F 57 19.87 -17.77 41.61
C ILE F 57 20.39 -16.41 42.03
N TYR F 58 21.16 -15.77 41.15
CA TYR F 58 21.70 -14.47 41.48
C TYR F 58 20.58 -13.51 41.82
N GLY F 59 19.77 -13.17 40.81
CA GLY F 59 18.71 -12.21 41.03
C GLY F 59 17.90 -12.53 42.27
N LEU F 60 17.63 -13.82 42.48
CA LEU F 60 16.98 -14.22 43.72
C LEU F 60 17.71 -13.64 44.90
N VAL F 61 19.01 -13.91 44.99
CA VAL F 61 19.82 -13.31 46.05
C VAL F 61 19.67 -11.80 46.02
N VAL F 62 19.79 -11.22 44.84
CA VAL F 62 19.69 -9.78 44.71
C VAL F 62 18.36 -9.30 45.27
N SER F 63 17.27 -9.84 44.76
CA SER F 63 15.96 -9.48 45.26
C SER F 63 15.91 -9.66 46.77
N VAL F 64 16.24 -10.86 47.23
CA VAL F 64 16.16 -11.17 48.65
C VAL F 64 16.86 -10.08 49.46
N LEU F 65 18.09 -9.77 49.08
CA LEU F 65 18.82 -8.74 49.80
C LEU F 65 18.07 -7.44 49.80
N VAL F 66 17.68 -6.97 48.61
CA VAL F 66 16.96 -5.70 48.52
C VAL F 66 15.68 -5.76 49.35
N CYS F 67 14.98 -6.90 49.27
CA CYS F 67 13.74 -7.05 50.00
C CYS F 67 13.91 -6.65 51.46
N TYR F 68 14.98 -7.14 52.10
CA TYR F 68 15.21 -6.78 53.49
C TYR F 68 15.25 -5.27 53.66
N SER F 69 15.69 -4.56 52.65
CA SER F 69 16.04 -3.17 52.86
C SER F 69 14.92 -2.20 52.53
N LEU F 70 13.73 -2.67 52.19
CA LEU F 70 12.78 -1.73 51.58
C LEU F 70 12.16 -0.79 52.61
N GLY F 71 11.22 -1.28 53.41
CA GLY F 71 10.66 -0.49 54.48
C GLY F 71 9.58 0.47 54.04
N GLN F 72 8.59 0.70 54.90
CA GLN F 72 7.50 1.58 54.52
C GLN F 72 8.01 2.99 54.24
N LYS F 73 8.62 3.60 55.24
CA LYS F 73 9.46 4.74 54.94
C LYS F 73 10.77 4.22 54.39
N GLN F 74 11.59 5.15 53.94
CA GLN F 74 12.92 4.86 53.42
C GLN F 74 13.59 6.19 53.21
N ALA F 75 14.79 6.14 52.67
CA ALA F 75 15.41 7.33 52.14
C ALA F 75 15.33 7.26 50.63
N LEU F 76 14.93 8.37 50.00
CA LEU F 76 14.86 8.39 48.55
C LEU F 76 16.15 7.87 47.95
N TYR F 77 17.27 8.16 48.59
CA TYR F 77 18.53 7.58 48.14
C TYR F 77 18.48 6.07 48.18
N THR F 78 17.79 5.50 49.18
CA THR F 78 17.93 4.09 49.50
C THR F 78 17.64 3.27 48.27
N GLY F 79 16.38 3.17 47.89
CA GLY F 79 16.20 2.74 46.53
C GLY F 79 16.59 3.96 45.74
N PHE F 80 17.71 3.88 45.07
CA PHE F 80 17.92 4.30 43.72
C PHE F 80 18.79 3.14 43.42
N ILE F 81 19.80 3.07 44.28
CA ILE F 81 20.77 1.98 44.33
C ILE F 81 20.00 0.68 44.18
N GLN F 82 18.93 0.52 44.94
CA GLN F 82 18.11 -0.66 44.77
C GLN F 82 17.71 -0.82 43.32
N LEU F 83 17.13 0.24 42.73
CA LEU F 83 16.85 0.19 41.30
C LEU F 83 18.11 -0.12 40.53
N GLY F 84 19.18 0.60 40.82
CA GLY F 84 20.45 0.26 40.20
C GLY F 84 20.80 -1.18 40.41
N ALA F 85 20.55 -1.69 41.61
CA ALA F 85 20.94 -3.06 41.91
C ALA F 85 20.32 -4.02 40.93
N GLY F 86 19.00 -4.01 40.85
CA GLY F 86 18.33 -4.99 40.01
C GLY F 86 18.79 -4.90 38.59
N LEU F 87 18.65 -3.71 38.00
CA LEU F 87 19.01 -3.51 36.60
C LEU F 87 20.37 -4.09 36.33
N SER F 88 21.33 -3.77 37.18
CA SER F 88 22.67 -4.31 37.09
C SER F 88 22.61 -5.80 36.91
N VAL F 89 22.16 -6.51 37.94
CA VAL F 89 22.10 -7.96 37.86
C VAL F 89 21.20 -8.37 36.72
N GLY F 90 20.01 -7.80 36.67
CA GLY F 90 19.02 -8.28 35.73
C GLY F 90 19.47 -8.16 34.30
N LEU F 91 19.77 -6.95 33.86
CA LEU F 91 20.20 -6.77 32.48
C LEU F 91 21.39 -7.65 32.19
N SER F 92 22.39 -7.60 33.06
CA SER F 92 23.55 -8.48 32.89
C SER F 92 23.09 -9.90 32.69
N GLY F 93 22.26 -10.40 33.60
CA GLY F 93 21.68 -11.71 33.39
C GLY F 93 21.05 -11.82 32.02
N LEU F 94 20.16 -10.88 31.70
CA LEU F 94 19.49 -10.91 30.41
C LEU F 94 20.51 -11.03 29.30
N ALA F 95 21.63 -10.35 29.43
CA ALA F 95 22.73 -10.60 28.51
C ALA F 95 23.27 -11.99 28.71
N ALA F 96 23.52 -12.37 29.96
CA ALA F 96 24.15 -13.65 30.24
C ALA F 96 23.40 -14.77 29.54
N GLY F 97 22.10 -14.87 29.81
CA GLY F 97 21.31 -15.87 29.12
C GLY F 97 21.47 -15.77 27.63
N PHE F 98 21.26 -14.57 27.09
CA PHE F 98 21.32 -14.39 25.66
C PHE F 98 22.62 -14.92 25.09
N ALA F 99 23.69 -14.89 25.88
CA ALA F 99 24.90 -15.59 25.48
C ALA F 99 24.73 -17.10 25.67
N ILE F 100 24.31 -17.51 26.87
CA ILE F 100 24.33 -18.92 27.21
C ILE F 100 23.64 -19.74 26.14
N GLY F 101 22.41 -19.38 25.84
CA GLY F 101 21.63 -20.17 24.90
C GLY F 101 22.29 -20.31 23.55
N ILE F 102 22.74 -19.18 22.98
CA ILE F 102 23.36 -19.22 21.67
C ILE F 102 24.48 -20.24 21.65
N VAL F 103 25.50 -20.01 22.48
CA VAL F 103 26.55 -21.01 22.62
C VAL F 103 25.96 -22.34 23.00
N GLY F 104 24.88 -22.33 23.80
CA GLY F 104 24.28 -23.57 24.23
C GLY F 104 23.97 -24.50 23.07
N ASP F 105 23.25 -23.99 22.07
CA ASP F 105 22.95 -24.84 20.92
C ASP F 105 24.23 -25.30 20.24
N ALA F 106 25.14 -24.37 20.00
CA ALA F 106 26.39 -24.73 19.34
C ALA F 106 27.06 -25.90 20.05
N GLY F 107 27.21 -25.79 21.36
CA GLY F 107 27.89 -26.81 22.12
C GLY F 107 27.29 -28.19 21.92
N VAL F 108 25.99 -28.31 22.17
CA VAL F 108 25.36 -29.61 22.02
C VAL F 108 25.37 -30.04 20.57
N ARG F 109 25.11 -29.11 19.65
CA ARG F 109 25.19 -29.46 18.24
C ARG F 109 26.60 -29.91 17.89
N GLY F 110 27.61 -29.20 18.38
CA GLY F 110 28.97 -29.59 18.09
C GLY F 110 29.34 -30.91 18.75
N SER F 111 29.16 -30.99 20.08
CA SER F 111 29.54 -32.19 20.81
C SER F 111 28.92 -33.43 20.19
N SER F 112 27.75 -33.29 19.59
CA SER F 112 27.18 -34.36 18.79
C SER F 112 28.18 -34.84 17.75
N GLN F 113 28.53 -33.96 16.81
CA GLN F 113 29.48 -34.32 15.78
C GLN F 113 30.79 -34.81 16.38
N GLN F 114 31.48 -33.94 17.09
CA GLN F 114 32.78 -34.30 17.66
C GLN F 114 32.67 -34.38 19.18
N PRO F 115 32.68 -35.57 19.76
CA PRO F 115 32.68 -35.65 21.23
C PRO F 115 34.05 -35.30 21.79
N ARG F 116 34.56 -34.14 21.40
CA ARG F 116 35.83 -33.61 21.87
C ARG F 116 35.61 -32.19 22.37
N LEU F 117 35.12 -31.33 21.47
CA LEU F 117 34.96 -29.91 21.75
C LEU F 117 34.08 -29.64 22.96
N PHE F 118 33.38 -30.66 23.48
CA PHE F 118 32.53 -30.45 24.64
C PHE F 118 33.26 -29.67 25.71
N VAL F 119 34.49 -30.08 26.01
CA VAL F 119 35.27 -29.34 27.00
C VAL F 119 35.38 -27.88 26.61
N GLY F 120 35.67 -27.62 25.34
CA GLY F 120 35.65 -26.24 24.87
C GLY F 120 34.28 -25.61 25.04
N MET F 121 33.26 -26.30 24.51
CA MET F 121 31.90 -25.83 24.71
C MET F 121 31.63 -25.52 26.16
N ILE F 122 32.15 -26.36 27.07
CA ILE F 122 32.05 -26.02 28.48
C ILE F 122 32.83 -24.75 28.75
N LEU F 123 34.07 -24.69 28.30
CA LEU F 123 34.93 -23.58 28.64
C LEU F 123 34.28 -22.25 28.30
N ILE F 124 33.85 -22.10 27.04
CA ILE F 124 33.20 -20.86 26.62
C ILE F 124 32.03 -20.54 27.54
N LEU F 125 31.19 -21.54 27.78
CA LEU F 125 30.11 -21.36 28.73
C LEU F 125 30.65 -21.01 30.09
N ILE F 126 31.62 -21.79 30.58
CA ILE F 126 32.28 -21.46 31.85
C ILE F 126 32.73 -20.03 31.82
N PHE F 127 33.09 -19.56 30.63
CA PHE F 127 33.54 -18.20 30.45
C PHE F 127 32.38 -17.24 30.26
N ALA F 128 31.18 -17.75 30.05
CA ALA F 128 30.04 -16.86 29.81
C ALA F 128 29.50 -16.26 31.11
N GLU F 129 29.32 -17.09 32.14
CA GLU F 129 28.50 -16.66 33.27
C GLU F 129 29.10 -15.49 34.03
N VAL F 130 30.42 -15.38 34.00
CA VAL F 130 31.08 -14.38 34.82
C VAL F 130 30.47 -13.01 34.57
N LEU F 131 29.89 -12.82 33.39
CA LEU F 131 29.08 -11.64 33.13
C LEU F 131 28.07 -11.45 34.24
N GLY F 132 27.26 -12.46 34.48
CA GLY F 132 26.31 -12.37 35.58
C GLY F 132 26.99 -12.07 36.89
N LEU F 133 28.07 -12.80 37.18
CA LEU F 133 28.81 -12.59 38.40
C LEU F 133 29.10 -11.12 38.61
N TYR F 134 29.53 -10.44 37.56
CA TYR F 134 29.84 -9.03 37.66
C TYR F 134 28.64 -8.26 38.17
N GLY F 135 27.52 -8.34 37.46
CA GLY F 135 26.33 -7.66 37.90
C GLY F 135 26.02 -7.97 39.35
N LEU F 136 26.04 -9.25 39.70
CA LEU F 136 25.86 -9.63 41.09
C LEU F 136 26.80 -8.84 41.96
N ILE F 137 28.09 -8.88 41.64
CA ILE F 137 29.07 -8.11 42.40
C ILE F 137 28.65 -6.65 42.46
N VAL F 138 28.20 -6.11 41.33
CA VAL F 138 27.83 -4.70 41.29
C VAL F 138 26.76 -4.43 42.33
N ALA F 139 25.63 -5.11 42.22
CA ALA F 139 24.52 -4.84 43.11
C ALA F 139 24.94 -5.02 44.56
N LEU F 140 25.66 -6.11 44.84
CA LEU F 140 26.12 -6.35 46.19
C LEU F 140 26.82 -5.12 46.73
N LEU F 141 27.83 -4.64 45.99
CA LEU F 141 28.46 -3.39 46.35
C LEU F 141 27.40 -2.31 46.54
N LEU F 142 26.53 -2.17 45.54
CA LEU F 142 25.46 -1.18 45.65
C LEU F 142 24.67 -1.41 46.92
N ASN F 143 24.24 -2.65 47.15
CA ASN F 143 23.58 -2.97 48.40
C ASN F 143 24.38 -2.50 49.58
N SER F 144 25.67 -2.84 49.58
CA SER F 144 26.53 -2.45 50.69
C SER F 144 26.44 -0.96 50.95
N ARG F 145 26.13 -0.18 49.94
CA ARG F 145 26.05 1.25 50.11
C ARG F 145 24.65 1.73 50.43
N ALA F 146 23.70 0.83 50.64
CA ALA F 146 22.43 1.27 51.21
C ALA F 146 22.60 1.84 52.61
N THR F 147 23.78 1.70 53.19
CA THR F 147 24.07 2.27 54.51
C THR F 147 24.24 3.78 54.42
N GLN F 148 24.46 4.41 55.56
CA GLN F 148 24.68 5.84 55.74
C GLN F 148 23.40 6.65 55.54
N ASP F 149 22.44 6.08 54.80
CA ASP F 149 21.01 6.20 55.08
C ASP F 149 20.60 7.55 55.63
N VAL F 150 20.69 8.59 54.83
CA VAL F 150 20.34 9.93 55.28
C VAL F 150 21.21 10.32 56.46
N ALA G 1 17.64 16.69 46.67
CA ALA G 1 18.32 16.63 45.40
C ALA G 1 18.32 15.20 44.90
N PRO G 2 18.36 15.03 43.60
CA PRO G 2 18.23 13.68 43.05
C PRO G 2 19.39 12.72 43.34
N PHE G 3 20.63 13.09 43.02
CA PHE G 3 21.76 12.14 43.01
C PHE G 3 21.38 10.83 42.34
N PHE G 4 20.60 10.95 41.28
CA PHE G 4 20.04 9.78 40.61
C PHE G 4 20.95 9.18 39.57
N GLY G 5 22.02 9.88 39.19
CA GLY G 5 22.87 9.38 38.13
C GLY G 5 23.42 7.99 38.38
N ALA G 6 23.29 7.48 39.59
CA ALA G 6 23.79 6.15 39.89
C ALA G 6 23.28 5.11 38.93
N ILE G 7 22.15 5.38 38.25
CA ILE G 7 21.74 4.53 37.14
C ILE G 7 22.90 4.32 36.19
N GLY G 8 23.75 5.34 36.05
CA GLY G 8 24.97 5.14 35.30
C GLY G 8 25.81 4.03 35.86
N CYS G 9 26.05 4.06 37.17
CA CYS G 9 26.88 3.03 37.79
C CYS G 9 26.42 1.66 37.37
N ALA G 10 25.12 1.49 37.24
CA ALA G 10 24.62 0.29 36.60
C ALA G 10 24.89 0.33 35.10
N SER G 11 24.61 1.47 34.47
CA SER G 11 24.63 1.52 33.02
C SER G 11 25.89 0.93 32.45
N ALA G 12 27.00 1.06 33.16
CA ALA G 12 28.26 0.57 32.62
C ALA G 12 28.26 -0.95 32.56
N ILE G 13 28.19 -1.59 33.71
CA ILE G 13 28.15 -3.05 33.72
C ILE G 13 27.04 -3.58 32.85
N ILE G 14 26.01 -2.77 32.60
CA ILE G 14 24.86 -3.27 31.87
C ILE G 14 25.25 -3.45 30.41
N PHE G 15 25.43 -2.34 29.71
CA PHE G 15 25.74 -2.43 28.30
C PHE G 15 27.00 -3.25 28.07
N THR G 16 28.06 -2.93 28.80
CA THR G 16 29.31 -3.63 28.64
C THR G 16 29.09 -5.14 28.66
N SER G 17 28.28 -5.61 29.60
CA SER G 17 27.90 -7.01 29.60
C SER G 17 27.33 -7.39 28.25
N LEU G 18 26.30 -6.65 27.80
CA LEU G 18 25.62 -6.99 26.56
C LEU G 18 26.62 -7.25 25.45
N GLY G 19 27.54 -6.32 25.26
CA GLY G 19 28.51 -6.48 24.21
C GLY G 19 29.26 -7.76 24.40
N ALA G 20 29.86 -7.91 25.57
CA ALA G 20 30.64 -9.10 25.87
C ALA G 20 29.84 -10.34 25.52
N ALA G 21 28.60 -10.40 26.01
CA ALA G 21 27.71 -11.47 25.64
C ALA G 21 27.65 -11.54 24.13
N TYR G 22 27.10 -10.50 23.52
CA TYR G 22 26.94 -10.51 22.06
C TYR G 22 28.25 -10.84 21.39
N GLY G 23 29.35 -10.31 21.90
CA GLY G 23 30.64 -10.70 21.38
C GLY G 23 30.89 -12.17 21.58
N THR G 24 30.69 -12.66 22.80
CA THR G 24 30.93 -14.06 23.08
C THR G 24 30.17 -14.95 22.11
N ALA G 25 28.89 -14.68 21.93
CA ALA G 25 28.03 -15.55 21.17
C ALA G 25 28.54 -15.77 19.76
N LYS G 26 28.43 -14.74 18.91
CA LYS G 26 28.81 -14.92 17.52
C LYS G 26 30.26 -15.33 17.39
N SER G 27 31.09 -15.06 18.39
CA SER G 27 32.38 -15.71 18.45
C SER G 27 32.22 -17.20 18.68
N GLY G 28 31.51 -17.57 19.73
CA GLY G 28 31.42 -18.96 20.09
C GLY G 28 30.79 -19.80 19.01
N VAL G 29 29.76 -19.27 18.35
CA VAL G 29 29.00 -20.07 17.39
C VAL G 29 29.95 -20.74 16.40
N GLY G 30 30.78 -19.94 15.76
CA GLY G 30 31.76 -20.51 14.85
C GLY G 30 32.77 -21.39 15.58
N ILE G 31 33.18 -20.97 16.78
CA ILE G 31 34.19 -21.71 17.53
C ILE G 31 33.80 -23.18 17.62
N CYS G 32 32.67 -23.45 18.27
CA CYS G 32 32.16 -24.82 18.28
C CYS G 32 31.90 -25.32 16.87
N ALA G 33 31.44 -24.44 15.98
CA ALA G 33 31.18 -24.88 14.61
C ALA G 33 32.45 -25.31 13.90
N THR G 34 33.57 -24.67 14.21
CA THR G 34 34.83 -25.05 13.57
C THR G 34 35.43 -26.29 14.21
N CYS G 35 35.34 -26.41 15.53
CA CYS G 35 36.02 -27.49 16.24
C CYS G 35 35.64 -28.86 15.70
N VAL G 36 34.39 -29.02 15.26
CA VAL G 36 33.97 -30.29 14.69
C VAL G 36 34.87 -30.67 13.53
N LEU G 37 35.23 -29.70 12.69
CA LEU G 37 36.17 -29.98 11.63
C LEU G 37 37.58 -30.18 12.18
N ARG G 38 38.10 -29.19 12.91
CA ARG G 38 39.41 -29.32 13.49
C ARG G 38 39.29 -29.22 15.00
N PRO G 39 39.48 -30.33 15.72
CA PRO G 39 39.41 -30.26 17.18
C PRO G 39 40.57 -29.50 17.80
N ASP G 40 41.65 -29.30 17.06
CA ASP G 40 42.86 -28.70 17.66
C ASP G 40 42.65 -27.22 17.96
N LEU G 41 42.03 -26.50 17.03
CA LEU G 41 42.01 -25.03 17.06
C LEU G 41 41.29 -24.47 18.27
N LEU G 42 40.65 -25.32 19.07
CA LEU G 42 39.92 -24.89 20.25
C LEU G 42 40.72 -23.89 21.07
N PHE G 43 41.82 -24.35 21.67
CA PHE G 43 42.62 -23.47 22.52
C PHE G 43 43.05 -22.23 21.77
N LYS G 44 43.29 -22.33 20.47
CA LYS G 44 43.52 -21.13 19.69
C LYS G 44 42.25 -20.30 19.55
N ASN G 45 41.17 -20.94 19.13
CA ASN G 45 39.94 -20.21 18.86
C ASN G 45 39.34 -19.57 20.10
N ILE G 46 39.88 -19.86 21.29
CA ILE G 46 39.39 -19.21 22.49
C ILE G 46 39.78 -17.75 22.56
N VAL G 47 40.68 -17.31 21.69
CA VAL G 47 41.18 -15.94 21.78
C VAL G 47 40.06 -14.91 21.76
N PRO G 48 39.14 -14.91 20.78
CA PRO G 48 38.15 -13.83 20.74
C PRO G 48 37.36 -13.71 22.02
N VAL G 49 36.85 -14.82 22.53
CA VAL G 49 36.02 -14.74 23.73
C VAL G 49 36.83 -14.21 24.88
N ILE G 50 38.01 -14.79 25.11
CA ILE G 50 38.87 -14.30 26.20
C ILE G 50 39.23 -12.85 25.96
N MET G 51 39.45 -12.49 24.70
CA MET G 51 39.51 -11.07 24.36
C MET G 51 38.20 -10.40 24.73
N ALA G 52 37.10 -10.96 24.25
CA ALA G 52 35.80 -10.30 24.41
C ALA G 52 35.52 -10.02 25.86
N GLY G 53 35.62 -11.05 26.71
CA GLY G 53 35.26 -10.87 28.10
C GLY G 53 35.99 -9.74 28.76
N ILE G 54 37.17 -9.39 28.25
CA ILE G 54 37.97 -8.33 28.87
C ILE G 54 37.12 -7.08 29.04
N ILE G 55 36.34 -6.75 28.01
CA ILE G 55 35.59 -5.49 28.05
C ILE G 55 34.71 -5.46 29.28
N ALA G 56 34.12 -6.60 29.63
CA ALA G 56 33.32 -6.67 30.84
C ALA G 56 34.10 -6.13 32.02
N ILE G 57 35.33 -6.59 32.19
CA ILE G 57 36.13 -6.19 33.34
C ILE G 57 36.14 -4.68 33.47
N TYR G 58 36.16 -3.99 32.33
CA TYR G 58 36.19 -2.54 32.36
C TYR G 58 35.01 -2.02 33.15
N GLY G 59 33.81 -2.21 32.60
CA GLY G 59 32.63 -1.68 33.26
C GLY G 59 32.59 -2.03 34.72
N LEU G 60 32.99 -3.25 35.06
CA LEU G 60 33.12 -3.62 36.46
C LEU G 60 33.95 -2.58 37.19
N VAL G 61 35.15 -2.33 36.69
CA VAL G 61 35.99 -1.28 37.27
C VAL G 61 35.22 0.03 37.29
N VAL G 62 34.62 0.36 36.16
CA VAL G 62 33.87 1.62 36.07
C VAL G 62 32.82 1.68 37.16
N SER G 63 31.95 0.68 37.19
CA SER G 63 30.93 0.64 38.22
C SER G 63 31.56 0.75 39.60
N VAL G 64 32.52 -0.13 39.88
CA VAL G 64 33.14 -0.16 41.19
C VAL G 64 33.58 1.24 41.58
N LEU G 65 34.30 1.91 40.69
CA LEU G 65 34.77 3.25 41.00
C LEU G 65 33.60 4.16 41.32
N VAL G 66 32.62 4.21 40.42
CA VAL G 66 31.47 5.07 40.63
C VAL G 66 30.78 4.72 41.94
N CYS G 67 30.65 3.41 42.20
CA CYS G 67 29.99 2.97 43.41
C CYS G 67 30.54 3.68 44.63
N TYR G 68 31.88 3.75 44.74
CA TYR G 68 32.46 4.44 45.88
C TYR G 68 31.93 5.86 45.99
N SER G 69 31.60 6.47 44.87
CA SER G 69 31.38 7.91 44.87
C SER G 69 29.93 8.31 45.07
N LEU G 70 29.02 7.37 45.30
CA LEU G 70 27.62 7.76 45.17
C LEU G 70 27.12 8.59 46.35
N GLY G 71 26.87 7.96 47.49
CA GLY G 71 26.52 8.69 48.69
C GLY G 71 25.06 9.07 48.76
N GLN G 72 24.49 9.09 49.96
CA GLN G 72 23.08 9.41 50.09
C GLN G 72 22.82 10.83 49.60
N LYS G 73 23.45 11.81 50.21
CA LYS G 73 23.54 13.09 49.55
C LYS G 73 24.60 13.00 48.48
N GLN G 74 24.72 14.05 47.70
CA GLN G 74 25.72 14.15 46.66
C GLN G 74 25.62 15.58 46.14
N ALA G 75 26.41 15.86 45.11
CA ALA G 75 26.21 17.07 44.35
C ALA G 75 25.57 16.68 43.03
N LEU G 76 24.54 17.41 42.63
CA LEU G 76 23.90 17.12 41.36
C LEU G 76 24.92 17.00 40.26
N TYR G 77 25.97 17.81 40.33
CA TYR G 77 27.06 17.65 39.38
C TYR G 77 27.66 16.26 39.46
N THR G 78 27.73 15.70 40.68
CA THR G 78 28.57 14.53 40.92
C THR G 78 28.18 13.43 39.96
N GLY G 79 27.05 12.80 40.18
CA GLY G 79 26.53 12.08 39.05
C GLY G 79 26.03 13.17 38.16
N PHE G 80 26.71 13.38 37.06
CA PHE G 80 26.16 13.56 35.75
C PHE G 80 27.25 12.78 35.10
N ILE G 81 28.44 13.25 35.43
CA ILE G 81 29.71 12.63 35.07
C ILE G 81 29.56 11.14 35.29
N GLN G 82 29.05 10.75 36.45
CA GLN G 82 28.81 9.34 36.69
C GLN G 82 27.97 8.77 35.56
N LEU G 83 26.83 9.39 35.27
CA LEU G 83 26.05 8.95 34.12
C LEU G 83 26.91 8.98 32.87
N GLY G 84 27.59 10.09 32.64
CA GLY G 84 28.51 10.13 31.53
C GLY G 84 29.50 8.99 31.59
N ALA G 85 29.98 8.67 32.78
CA ALA G 85 30.98 7.63 32.91
C ALA G 85 30.49 6.33 32.32
N GLY G 86 29.38 5.83 32.83
CA GLY G 86 28.91 4.54 32.39
C GLY G 86 28.68 4.51 30.91
N LEU G 87 27.83 5.43 30.43
CA LEU G 87 27.48 5.45 29.02
C LEU G 87 28.73 5.37 28.17
N SER G 88 29.71 6.18 28.51
CA SER G 88 30.99 6.17 27.83
C SER G 88 31.51 4.75 27.72
N VAL G 89 31.85 4.16 28.85
CA VAL G 89 32.36 2.80 28.85
C VAL G 89 31.34 1.86 28.22
N GLY G 90 30.12 1.94 28.69
CA GLY G 90 29.14 0.95 28.31
C GLY G 90 28.89 0.93 26.82
N LEU G 91 28.44 2.06 26.28
CA LEU G 91 28.17 2.11 24.85
C LEU G 91 29.40 1.69 24.06
N SER G 92 30.55 2.27 24.40
CA SER G 92 31.79 1.86 23.76
C SER G 92 31.93 0.36 23.79
N GLY G 93 31.82 -0.21 24.99
CA GLY G 93 31.81 -1.65 25.07
C GLY G 93 30.79 -2.26 24.14
N LEU G 94 29.54 -1.79 24.23
CA LEU G 94 28.50 -2.33 23.37
C LEU G 94 28.93 -2.28 21.92
N ALA G 95 29.63 -1.21 21.53
CA ALA G 95 30.25 -1.23 20.23
C ALA G 95 31.37 -2.26 20.19
N ALA G 96 32.22 -2.26 21.20
CA ALA G 96 33.38 -3.14 21.19
C ALA G 96 32.95 -4.57 20.92
N GLY G 97 32.04 -5.08 21.74
CA GLY G 97 31.54 -6.41 21.49
C GLY G 97 31.03 -6.56 20.08
N PHE G 98 30.15 -5.65 19.67
CA PHE G 98 29.55 -5.76 18.35
C PHE G 98 30.62 -5.89 17.28
N ALA G 99 31.79 -5.30 17.51
CA ALA G 99 32.91 -5.58 16.63
C ALA G 99 33.48 -6.96 16.89
N ILE G 100 33.78 -7.25 18.16
CA ILE G 100 34.52 -8.47 18.49
C ILE G 100 33.87 -9.67 17.84
N GLY G 101 32.58 -9.86 18.12
CA GLY G 101 31.90 -11.05 17.64
C GLY G 101 31.97 -11.20 16.14
N ILE G 102 31.64 -10.12 15.42
CA ILE G 102 31.64 -10.20 13.96
C ILE G 102 32.97 -10.71 13.46
N VAL G 103 34.04 -9.97 13.75
CA VAL G 103 35.38 -10.46 13.43
C VAL G 103 35.60 -11.81 14.05
N GLY G 104 35.03 -12.03 15.24
CA GLY G 104 35.22 -13.31 15.91
C GLY G 104 34.91 -14.49 15.03
N ASP G 105 33.70 -14.50 14.44
CA ASP G 105 33.35 -15.60 13.57
C ASP G 105 34.32 -15.69 12.40
N ALA G 106 34.58 -14.55 11.75
CA ALA G 106 35.49 -14.55 10.61
C ALA G 106 36.80 -15.23 10.96
N GLY G 107 37.40 -14.82 12.07
CA GLY G 107 38.68 -15.34 12.47
C GLY G 107 38.68 -16.84 12.59
N VAL G 108 37.78 -17.39 13.38
CA VAL G 108 37.75 -18.83 13.55
C VAL G 108 37.35 -19.51 12.25
N ARG G 109 36.39 -18.94 11.53
CA ARG G 109 36.04 -19.51 10.23
C ARG G 109 37.23 -19.47 9.30
N GLY G 110 37.96 -18.36 9.28
CA GLY G 110 39.13 -18.27 8.43
C GLY G 110 40.24 -19.20 8.87
N SER G 111 40.65 -19.07 10.14
CA SER G 111 41.75 -19.89 10.65
C SER G 111 41.52 -21.36 10.39
N SER G 112 40.27 -21.78 10.38
CA SER G 112 39.93 -23.13 9.93
C SER G 112 40.53 -23.40 8.56
N GLN G 113 40.07 -22.66 7.56
CA GLN G 113 40.59 -22.84 6.21
C GLN G 113 42.10 -22.69 6.18
N GLN G 114 42.59 -21.50 6.49
CA GLN G 114 44.02 -21.24 6.43
C GLN G 114 44.58 -21.05 7.83
N PRO G 115 45.31 -22.01 8.38
CA PRO G 115 45.94 -21.79 9.68
C PRO G 115 47.13 -20.86 9.58
N ARG G 116 46.90 -19.69 8.99
CA ARG G 116 47.91 -18.66 8.82
C ARG G 116 47.34 -17.35 9.34
N LEU G 117 46.23 -16.92 8.75
CA LEU G 117 45.61 -15.64 9.05
C LEU G 117 45.25 -15.48 10.52
N PHE G 118 45.34 -16.55 11.31
CA PHE G 118 44.99 -16.46 12.72
C PHE G 118 45.73 -15.31 13.41
N VAL G 119 47.00 -15.12 13.07
CA VAL G 119 47.72 -13.97 13.61
C VAL G 119 47.05 -12.67 13.18
N GLY G 120 46.67 -12.58 11.91
CA GLY G 120 45.90 -11.43 11.48
C GLY G 120 44.57 -11.33 12.22
N MET G 121 43.82 -12.43 12.23
CA MET G 121 42.58 -12.47 12.99
C MET G 121 42.82 -12.00 14.41
N ILE G 122 43.95 -12.39 15.00
CA ILE G 122 44.29 -11.84 16.31
C ILE G 122 44.50 -10.34 16.19
N LEU G 123 45.31 -9.92 15.23
CA LEU G 123 45.69 -8.52 15.14
C LEU G 123 44.47 -7.62 15.09
N ILE G 124 43.55 -7.90 14.16
CA ILE G 124 42.34 -7.09 14.04
C ILE G 124 41.62 -7.06 15.38
N LEU G 125 41.45 -8.22 15.99
CA LEU G 125 40.86 -8.27 17.31
C LEU G 125 41.70 -7.48 18.30
N ILE G 126 43.01 -7.73 18.32
CA ILE G 126 43.91 -6.95 19.14
C ILE G 126 43.68 -5.48 18.90
N PHE G 127 43.31 -5.15 17.67
CA PHE G 127 43.03 -3.79 17.28
C PHE G 127 41.61 -3.37 17.61
N ALA G 128 40.75 -4.32 17.97
CA ALA G 128 39.36 -3.99 18.24
C ALA G 128 39.18 -3.38 19.63
N GLU G 129 39.79 -3.99 20.65
CA GLU G 129 39.40 -3.68 22.03
C GLU G 129 39.70 -2.24 22.41
N VAL G 130 40.72 -1.66 21.81
CA VAL G 130 41.17 -0.35 22.23
C VAL G 130 40.01 0.62 22.25
N LEU G 131 38.98 0.33 21.45
CA LEU G 131 37.73 1.06 21.56
C LEU G 131 37.26 1.10 22.99
N GLY G 132 37.11 -0.09 23.60
CA GLY G 132 36.74 -0.13 24.99
C GLY G 132 37.69 0.66 25.86
N LEU G 133 38.99 0.44 25.64
CA LEU G 133 40.00 1.15 26.41
C LEU G 133 39.71 2.64 26.45
N TYR G 134 39.35 3.20 25.30
CA TYR G 134 39.05 4.62 25.23
C TYR G 134 37.96 4.98 26.21
N GLY G 135 36.79 4.35 26.07
CA GLY G 135 35.71 4.63 26.99
C GLY G 135 36.16 4.52 28.42
N LEU G 136 36.86 3.43 28.74
CA LEU G 136 37.42 3.30 30.08
C LEU G 136 38.21 4.54 30.43
N ILE G 137 39.15 4.91 29.57
CA ILE G 137 39.92 6.11 29.80
C ILE G 137 39.00 7.30 30.02
N VAL G 138 37.96 7.40 29.19
CA VAL G 138 37.06 8.54 29.31
C VAL G 138 36.48 8.60 30.71
N ALA G 139 35.79 7.54 31.12
CA ALA G 139 35.14 7.56 32.41
C ALA G 139 36.12 7.83 33.52
N LEU G 140 37.27 7.17 33.47
CA LEU G 140 38.29 7.39 34.48
C LEU G 140 38.57 8.87 34.63
N LEU G 141 38.89 9.52 33.53
CA LEU G 141 39.03 10.97 33.54
C LEU G 141 37.80 11.59 34.15
N LEU G 142 36.62 11.21 33.66
CA LEU G 142 35.39 11.73 34.20
C LEU G 142 35.34 11.48 35.70
N ASN G 143 35.61 10.25 36.11
CA ASN G 143 35.68 9.95 37.54
C ASN G 143 36.62 10.92 38.23
N SER G 144 37.82 11.09 37.66
CA SER G 144 38.79 11.97 38.27
C SER G 144 38.21 13.35 38.52
N ARG G 145 37.22 13.74 37.74
CA ARG G 145 36.63 15.05 37.90
C ARG G 145 35.41 15.04 38.81
N ALA G 146 35.10 13.91 39.44
CA ALA G 146 34.11 13.95 40.49
C ALA G 146 34.56 14.82 41.66
N THR G 147 35.83 15.23 41.67
CA THR G 147 36.34 16.11 42.71
C THR G 147 35.82 17.53 42.52
N GLN G 148 36.18 18.41 43.44
CA GLN G 148 35.84 19.83 43.47
C GLN G 148 34.37 20.05 43.86
N ASP G 149 33.54 19.04 43.63
CA ASP G 149 32.43 18.67 44.52
C ASP G 149 31.76 19.87 45.17
N VAL G 150 31.06 20.69 44.38
CA VAL G 150 30.40 21.87 44.93
C VAL G 150 31.42 22.78 45.60
N ALA H 1 17.18 33.95 25.83
CA ALA H 1 17.20 32.66 26.54
C ALA H 1 18.55 31.98 26.34
N PRO H 2 18.54 30.66 26.27
CA PRO H 2 19.83 29.97 26.12
C PRO H 2 20.36 29.44 24.78
N PHE H 3 20.20 30.13 23.65
CA PHE H 3 21.25 30.26 22.64
C PHE H 3 21.67 28.84 22.28
N PHE H 4 20.70 27.94 22.26
CA PHE H 4 20.96 26.53 22.09
C PHE H 4 21.07 26.11 20.64
N GLY H 5 20.67 26.96 19.70
CA GLY H 5 20.68 26.56 18.30
C GLY H 5 22.02 26.05 17.81
N ALA H 6 23.08 26.26 18.58
CA ALA H 6 24.40 25.79 18.16
C ALA H 6 24.40 24.34 17.78
N ILE H 7 23.42 23.56 18.27
CA ILE H 7 23.23 22.21 17.77
C ILE H 7 23.19 22.24 16.25
N GLY H 8 22.64 23.30 15.68
CA GLY H 8 22.73 23.46 14.24
C GLY H 8 24.17 23.46 13.76
N CYS H 9 25.02 24.27 14.39
CA CYS H 9 26.40 24.36 13.97
C CYS H 9 27.00 22.98 13.84
N ALA H 10 26.61 22.08 14.73
CA ALA H 10 26.93 20.68 14.52
C ALA H 10 26.10 20.10 13.40
N SER H 11 24.79 20.39 13.40
CA SER H 11 23.87 19.70 12.50
C SER H 11 24.37 19.72 11.08
N ALA H 12 25.08 20.78 10.68
CA ALA H 12 25.52 20.87 9.30
C ALA H 12 26.58 19.82 9.02
N ILE H 13 27.73 19.93 9.68
CA ILE H 13 28.78 18.95 9.47
C ILE H 13 28.27 17.54 9.71
N ILE H 14 27.20 17.38 10.47
CA ILE H 14 26.74 16.05 10.81
C ILE H 14 26.12 15.42 9.60
N PHE H 15 24.95 15.91 9.20
CA PHE H 15 24.26 15.30 8.08
C PHE H 15 25.13 15.33 6.83
N THR H 16 25.69 16.50 6.53
CA THR H 16 26.53 16.63 5.34
C THR H 16 27.55 15.51 5.28
N SER H 17 28.20 15.23 6.40
CA SER H 17 29.09 14.08 6.46
C SER H 17 28.36 12.84 6.01
N LEU H 18 27.22 12.54 6.64
CA LEU H 18 26.50 11.31 6.34
C LEU H 18 26.33 11.13 4.85
N GLY H 19 25.84 12.17 4.17
CA GLY H 19 25.65 12.06 2.75
C GLY H 19 26.94 11.71 2.07
N ALA H 20 27.95 12.54 2.31
CA ALA H 20 29.25 12.31 1.71
C ALA H 20 29.68 10.86 1.90
N ALA H 21 29.61 10.40 3.14
CA ALA H 21 29.87 9.01 3.43
C ALA H 21 28.99 8.17 2.52
N TYR H 22 27.68 8.25 2.74
CA TYR H 22 26.77 7.43 1.97
C TYR H 22 27.03 7.58 0.48
N GLY H 23 27.31 8.81 0.05
CA GLY H 23 27.71 8.99 -1.33
C GLY H 23 28.98 8.23 -1.65
N THR H 24 30.00 8.42 -0.82
CA THR H 24 31.27 7.76 -1.07
C THR H 24 31.08 6.26 -1.23
N ALA H 25 30.35 5.65 -0.30
CA ALA H 25 30.25 4.21 -0.26
C ALA H 25 29.72 3.64 -1.56
N LYS H 26 28.43 3.83 -1.82
CA LYS H 26 27.83 3.23 -3.01
C LYS H 26 28.53 3.67 -4.27
N SER H 27 29.21 4.81 -4.24
CA SER H 27 30.14 5.13 -5.31
C SER H 27 31.31 4.15 -5.29
N GLY H 28 31.99 4.06 -4.15
CA GLY H 28 33.19 3.25 -4.09
C GLY H 28 32.93 1.79 -4.42
N VAL H 29 31.81 1.25 -3.95
CA VAL H 29 31.56 -0.18 -4.09
C VAL H 29 31.76 -0.60 -5.53
N GLY H 30 31.06 0.06 -6.45
CA GLY H 30 31.26 -0.24 -7.85
C GLY H 30 32.67 0.10 -8.32
N ILE H 31 33.22 1.21 -7.83
CA ILE H 31 34.55 1.65 -8.26
C ILE H 31 35.53 0.50 -8.14
N CYS H 32 35.76 0.01 -6.92
CA CYS H 32 36.59 -1.16 -6.75
C CYS H 32 36.02 -2.36 -7.50
N ALA H 33 34.69 -2.47 -7.56
CA ALA H 33 34.10 -3.60 -8.27
C ALA H 33 34.39 -3.54 -9.76
N THR H 34 34.50 -2.34 -10.32
CA THR H 34 34.79 -2.23 -11.74
C THR H 34 36.27 -2.41 -12.02
N CYS H 35 37.13 -1.88 -11.16
CA CYS H 35 38.56 -1.86 -11.43
C CYS H 35 39.11 -3.25 -11.69
N VAL H 36 38.54 -4.26 -11.03
CA VAL H 36 38.99 -5.64 -11.26
C VAL H 36 38.86 -5.98 -12.74
N LEU H 37 37.77 -5.56 -13.37
CA LEU H 37 37.64 -5.77 -14.80
C LEU H 37 38.58 -4.85 -15.56
N ARG H 38 38.47 -3.54 -15.35
CA ARG H 38 39.35 -2.61 -16.03
C ARG H 38 40.16 -1.85 -14.98
N PRO H 39 41.46 -2.12 -14.86
CA PRO H 39 42.26 -1.37 -13.90
C PRO H 39 42.47 0.08 -14.29
N ASP H 40 42.23 0.44 -15.55
CA ASP H 40 42.54 1.79 -15.99
C ASP H 40 41.59 2.82 -15.42
N LEU H 41 40.30 2.49 -15.38
CA LEU H 41 39.26 3.46 -15.11
C LEU H 41 39.33 4.07 -13.72
N LEU H 42 40.23 3.55 -12.88
CA LEU H 42 40.39 4.04 -11.51
C LEU H 42 40.42 5.55 -11.46
N PHE H 43 41.47 6.15 -11.99
CA PHE H 43 41.61 7.60 -11.95
C PHE H 43 40.39 8.30 -12.54
N LYS H 44 39.76 7.70 -13.54
CA LYS H 44 38.49 8.24 -14.01
C LYS H 44 37.40 8.03 -12.98
N ASN H 45 37.25 6.79 -12.51
CA ASN H 45 36.15 6.47 -11.61
C ASN H 45 36.24 7.20 -10.28
N ILE H 46 37.34 7.89 -10.00
CA ILE H 46 37.43 8.66 -8.78
C ILE H 46 36.54 9.88 -8.80
N VAL H 47 35.99 10.24 -9.95
CA VAL H 47 35.21 11.47 -10.06
C VAL H 47 34.08 11.53 -9.05
N PRO H 48 33.20 10.53 -8.94
CA PRO H 48 32.07 10.70 -8.02
C PRO H 48 32.49 10.99 -6.60
N VAL H 49 33.43 10.22 -6.08
CA VAL H 49 33.82 10.41 -4.69
C VAL H 49 34.41 11.81 -4.51
N ILE H 50 35.36 12.19 -5.37
CA ILE H 50 35.94 13.52 -5.27
C ILE H 50 34.86 14.57 -5.46
N MET H 51 33.91 14.29 -6.35
CA MET H 51 32.70 15.11 -6.37
C MET H 51 32.00 15.02 -5.03
N ALA H 52 31.75 13.79 -4.56
CA ALA H 52 30.95 13.61 -3.37
C ALA H 52 31.53 14.37 -2.21
N GLY H 53 32.82 14.16 -1.93
CA GLY H 53 33.41 14.78 -0.76
C GLY H 53 33.23 16.28 -0.73
N ILE H 54 33.06 16.90 -1.89
CA ILE H 54 32.92 18.35 -1.94
C ILE H 54 31.84 18.81 -0.99
N ILE H 55 30.71 18.09 -0.97
CA ILE H 55 29.58 18.54 -0.16
C ILE H 55 30.01 18.69 1.28
N ALA H 56 30.86 17.79 1.77
CA ALA H 56 31.38 17.91 3.11
C ALA H 56 31.94 19.30 3.34
N ILE H 57 32.79 19.75 2.42
CA ILE H 57 33.46 21.03 2.59
C ILE H 57 32.45 22.10 2.90
N TYR H 58 31.27 22.00 2.30
CA TYR H 58 30.23 23.00 2.53
C TYR H 58 29.95 23.09 4.01
N GLY H 59 29.35 22.04 4.57
CA GLY H 59 28.98 22.07 5.97
C GLY H 59 30.10 22.57 6.85
N LEU H 60 31.32 22.14 6.54
CA LEU H 60 32.48 22.67 7.25
C LEU H 60 32.44 24.18 7.23
N VAL H 61 32.36 24.76 6.04
CA VAL H 61 32.22 26.21 5.93
C VAL H 61 31.03 26.68 6.75
N VAL H 62 29.90 25.99 6.58
CA VAL H 62 28.69 26.37 7.29
C VAL H 62 28.96 26.39 8.79
N SER H 63 29.42 25.26 9.31
CA SER H 63 29.73 25.19 10.72
C SER H 63 30.69 26.30 11.11
N VAL H 64 31.81 26.39 10.40
CA VAL H 64 32.83 27.38 10.73
C VAL H 64 32.20 28.75 10.86
N LEU H 65 31.42 29.14 9.86
CA LEU H 65 30.79 30.45 9.92
C LEU H 65 29.92 30.58 11.17
N VAL H 66 29.03 29.61 11.38
CA VAL H 66 28.15 29.67 12.54
C VAL H 66 28.96 29.70 13.81
N CYS H 67 30.02 28.90 13.85
CA CYS H 67 30.87 28.85 15.04
C CYS H 67 31.26 30.25 15.48
N TYR H 68 31.72 31.07 14.54
CA TYR H 68 32.09 32.43 14.91
C TYR H 68 30.96 33.15 15.61
N SER H 69 29.74 32.81 15.29
CA SER H 69 28.63 33.65 15.69
C SER H 69 27.97 33.22 16.99
N LEU H 70 28.49 32.22 17.68
CA LEU H 70 27.67 31.64 18.74
C LEU H 70 27.62 32.51 19.99
N GLY H 71 28.68 32.52 20.78
CA GLY H 71 28.77 33.42 21.91
C GLY H 71 28.04 32.91 23.14
N GLN H 72 28.56 33.21 24.32
CA GLN H 72 27.93 32.73 25.54
C GLN H 72 26.53 33.27 25.67
N LYS H 73 26.40 34.58 25.73
CA LYS H 73 25.10 35.15 25.46
C LYS H 73 24.87 35.14 23.97
N GLN H 74 23.67 35.52 23.57
CA GLN H 74 23.30 35.60 22.18
C GLN H 74 21.92 36.24 22.16
N ALA H 75 21.35 36.35 20.97
CA ALA H 75 19.95 36.66 20.85
C ALA H 75 19.22 35.38 20.47
N LEU H 76 18.11 35.11 21.14
CA LEU H 76 17.34 33.92 20.79
C LEU H 76 17.11 33.85 19.31
N TYR H 77 16.91 34.99 18.67
CA TYR H 77 16.81 35.00 17.23
C TYR H 77 18.07 34.46 16.58
N THR H 78 19.23 34.72 17.19
CA THR H 78 20.50 34.53 16.51
C THR H 78 20.59 33.10 16.02
N GLY H 79 20.81 32.17 16.92
CA GLY H 79 20.47 30.84 16.51
C GLY H 79 18.97 30.84 16.53
N PHE H 80 18.40 30.80 15.36
CA PHE H 80 17.28 29.96 14.99
C PHE H 80 17.82 29.70 13.63
N ILE H 81 18.08 30.84 13.00
CA ILE H 81 18.72 30.94 11.70
C ILE H 81 19.88 29.97 11.69
N GLN H 82 20.71 30.03 12.74
CA GLN H 82 21.79 29.06 12.84
C GLN H 82 21.25 27.65 12.69
N LEU H 83 20.25 27.29 13.50
CA LEU H 83 19.61 26.00 13.31
C LEU H 83 19.12 25.86 11.90
N GLY H 84 18.40 26.87 11.41
CA GLY H 84 18.01 26.84 10.02
C GLY H 84 19.20 26.63 9.11
N ALA H 85 20.31 27.29 9.42
CA ALA H 85 21.47 27.21 8.56
C ALA H 85 21.89 25.77 8.36
N GLY H 86 22.19 25.09 9.44
CA GLY H 86 22.72 23.76 9.32
C GLY H 86 21.76 22.86 8.58
N LEU H 87 20.54 22.76 9.08
CA LEU H 87 19.55 21.88 8.48
C LEU H 87 19.51 22.08 6.98
N SER H 88 19.45 23.33 6.57
CA SER H 88 19.47 23.69 5.16
C SER H 88 20.60 22.97 4.47
N VAL H 89 21.83 23.33 4.81
CA VAL H 89 22.97 22.69 4.18
C VAL H 89 22.94 21.20 4.42
N GLY H 90 22.78 20.81 5.68
CA GLY H 90 22.94 19.42 6.03
C GLY H 90 21.96 18.53 5.31
N LEU H 91 20.66 18.76 5.49
CA LEU H 91 19.69 17.93 4.82
C LEU H 91 19.92 17.93 3.33
N SER H 92 20.08 19.11 2.75
CA SER H 92 20.39 19.19 1.33
C SER H 92 21.55 18.28 1.00
N GLY H 93 22.66 18.44 1.72
CA GLY H 93 23.75 17.52 1.55
C GLY H 93 23.29 16.08 1.65
N LEU H 94 22.59 15.76 2.74
CA LEU H 94 22.12 14.40 2.92
C LEU H 94 21.35 13.94 1.70
N ALA H 95 20.58 14.83 1.11
CA ALA H 95 20.01 14.51 -0.18
C ALA H 95 21.09 14.42 -1.23
N ALA H 96 21.99 15.39 -1.26
CA ALA H 96 23.01 15.43 -2.30
C ALA H 96 23.74 14.12 -2.38
N GLY H 97 24.30 13.69 -1.26
CA GLY H 97 24.96 12.39 -1.25
C GLY H 97 24.05 11.30 -1.74
N PHE H 98 22.84 11.21 -1.17
CA PHE H 98 21.92 10.16 -1.56
C PHE H 98 21.76 10.11 -3.06
N ALA H 99 21.82 11.26 -3.72
CA ALA H 99 21.87 11.25 -5.17
C ALA H 99 23.22 10.77 -5.67
N ILE H 100 24.29 11.38 -5.17
CA ILE H 100 25.61 11.15 -5.74
C ILE H 100 25.89 9.66 -5.83
N GLY H 101 25.77 8.97 -4.70
CA GLY H 101 26.12 7.56 -4.68
C GLY H 101 25.34 6.74 -5.67
N ILE H 102 24.01 6.91 -5.69
CA ILE H 102 23.18 6.13 -6.60
C ILE H 102 23.70 6.26 -8.02
N VAL H 103 23.69 7.49 -8.55
CA VAL H 103 24.28 7.73 -9.84
C VAL H 103 25.72 7.26 -9.85
N GLY H 104 26.42 7.41 -8.72
CA GLY H 104 27.80 7.01 -8.67
C GLY H 104 28.03 5.59 -9.16
N ASP H 105 27.28 4.64 -8.60
CA ASP H 105 27.44 3.27 -9.05
C ASP H 105 27.11 3.15 -10.53
N ALA H 106 25.99 3.72 -10.95
CA ALA H 106 25.60 3.65 -12.35
C ALA H 106 26.73 4.10 -13.25
N GLY H 107 27.30 5.26 -12.96
CA GLY H 107 28.34 5.81 -13.79
C GLY H 107 29.51 4.86 -13.97
N VAL H 108 30.08 4.40 -12.87
CA VAL H 108 31.23 3.51 -12.98
C VAL H 108 30.80 2.18 -13.59
N ARG H 109 29.64 1.67 -13.20
CA ARG H 109 29.15 0.45 -13.83
C ARG H 109 28.95 0.65 -15.32
N GLY H 110 28.37 1.79 -15.70
CA GLY H 110 28.18 2.06 -17.11
C GLY H 110 29.49 2.27 -17.85
N SER H 111 30.30 3.23 -17.36
CA SER H 111 31.56 3.54 -18.02
C SER H 111 32.40 2.30 -18.25
N SER H 112 32.28 1.31 -17.36
CA SER H 112 32.88 0.01 -17.60
C SER H 112 32.45 -0.53 -18.95
N GLN H 113 31.15 -0.79 -19.11
CA GLN H 113 30.63 -1.32 -20.36
C GLN H 113 31.01 -0.38 -21.52
N GLN H 114 30.49 0.83 -21.51
CA GLN H 114 30.74 1.75 -22.60
C GLN H 114 31.62 2.89 -22.13
N PRO H 115 32.90 2.93 -22.52
CA PRO H 115 33.74 4.07 -22.15
C PRO H 115 33.39 5.31 -22.97
N ARG H 116 32.11 5.65 -22.98
CA ARG H 116 31.58 6.82 -23.68
C ARG H 116 30.77 7.64 -22.70
N LEU H 117 29.73 7.01 -22.15
CA LEU H 117 28.78 7.68 -21.27
C LEU H 117 29.43 8.34 -20.07
N PHE H 118 30.70 8.05 -19.84
CA PHE H 118 31.44 8.63 -18.73
C PHE H 118 31.20 10.13 -18.64
N VAL H 119 31.29 10.83 -19.77
CA VAL H 119 31.01 12.26 -19.80
C VAL H 119 29.59 12.53 -19.33
N GLY H 120 28.63 11.75 -19.81
CA GLY H 120 27.28 11.88 -19.29
C GLY H 120 27.22 11.59 -17.81
N MET H 121 27.77 10.45 -17.41
CA MET H 121 27.86 10.13 -15.99
C MET H 121 28.45 11.28 -15.21
N ILE H 122 29.46 11.94 -15.78
CA ILE H 122 29.97 13.16 -15.15
C ILE H 122 28.87 14.21 -15.13
N LEU H 123 28.26 14.45 -16.28
CA LEU H 123 27.31 15.54 -16.40
C LEU H 123 26.22 15.45 -15.34
N ILE H 124 25.56 14.30 -15.26
CA ILE H 124 24.51 14.11 -14.26
C ILE H 124 25.05 14.42 -12.89
N LEU H 125 26.21 13.84 -12.56
CA LEU H 125 26.84 14.16 -11.30
C LEU H 125 27.14 15.65 -11.21
N ILE H 126 27.77 16.21 -12.25
CA ILE H 126 28.00 17.65 -12.30
C ILE H 126 26.71 18.37 -12.03
N PHE H 127 25.61 17.76 -12.45
CA PHE H 127 24.29 18.32 -12.26
C PHE H 127 23.73 17.99 -10.88
N ALA H 128 24.34 17.06 -10.16
CA ALA H 128 23.81 16.66 -8.86
C ALA H 128 24.15 17.68 -7.77
N GLU H 129 25.41 18.12 -7.70
CA GLU H 129 25.88 18.80 -6.50
C GLU H 129 25.18 20.11 -6.26
N VAL H 130 24.72 20.76 -7.32
CA VAL H 130 24.17 22.09 -7.20
C VAL H 130 23.10 22.11 -6.12
N LEU H 131 22.48 20.95 -5.88
CA LEU H 131 21.60 20.80 -4.73
C LEU H 131 22.29 21.30 -3.48
N GLY H 132 23.46 20.74 -3.18
CA GLY H 132 24.21 21.20 -2.04
C GLY H 132 24.48 22.68 -2.11
N LEU H 133 24.94 23.15 -3.27
CA LEU H 133 25.22 24.56 -3.46
C LEU H 133 24.06 25.41 -2.96
N TYR H 134 22.84 25.02 -3.31
CA TYR H 134 21.67 25.76 -2.89
C TYR H 134 21.64 25.90 -1.37
N GLY H 135 21.63 24.77 -0.68
CA GLY H 135 21.63 24.81 0.77
C GLY H 135 22.73 25.72 1.29
N LEU H 136 23.94 25.53 0.78
CA LEU H 136 25.02 26.42 1.14
C LEU H 136 24.59 27.86 0.96
N ILE H 137 24.12 28.19 -0.24
CA ILE H 137 23.63 29.54 -0.48
C ILE H 137 22.61 29.93 0.55
N VAL H 138 21.69 29.02 0.86
CA VAL H 138 20.63 29.34 1.81
C VAL H 138 21.24 29.77 3.13
N ALA H 139 22.03 28.89 3.74
CA ALA H 139 22.59 29.19 5.05
C ALA H 139 23.38 30.47 5.01
N LEU H 140 24.22 30.64 4.00
CA LEU H 140 25.00 31.85 3.87
C LEU H 140 24.10 33.07 3.99
N LEU H 141 23.07 33.13 3.16
CA LEU H 141 22.07 34.17 3.31
C LEU H 141 21.57 34.22 4.74
N LEU H 142 21.17 33.07 5.26
CA LEU H 142 20.73 33.02 6.65
C LEU H 142 21.79 33.58 7.57
N ASN H 143 23.02 33.11 7.42
CA ASN H 143 24.12 33.67 8.18
C ASN H 143 24.14 35.18 8.05
N SER H 144 24.07 35.66 6.81
CA SER H 144 24.12 37.10 6.58
C SER H 144 23.08 37.82 7.41
N ARG H 145 22.00 37.14 7.75
CA ARG H 145 20.95 37.77 8.53
C ARG H 145 21.11 37.56 10.02
N ALA H 146 22.20 36.95 10.47
CA ALA H 146 22.48 36.97 11.89
C ALA H 146 22.70 38.38 12.40
N THR H 147 22.82 39.36 11.51
CA THR H 147 22.99 40.75 11.89
C THR H 147 21.67 41.31 12.41
N GLN H 148 21.70 42.57 12.85
CA GLN H 148 20.57 43.35 13.37
C GLN H 148 20.18 42.88 14.76
N ASP H 149 20.50 41.64 15.11
CA ASP H 149 20.93 41.23 16.43
C ASP H 149 20.24 41.98 17.56
N VAL H 150 18.94 41.76 17.74
CA VAL H 150 18.20 42.45 18.79
C VAL H 150 18.28 43.95 18.56
N ALA I 1 22.36 26.10 35.28
CA ALA I 1 22.60 25.37 36.51
C ALA I 1 22.68 23.88 36.27
N PRO I 2 22.21 23.43 35.11
CA PRO I 2 22.37 22.00 34.80
C PRO I 2 23.80 21.56 34.50
N PHE I 3 24.56 22.30 33.68
CA PHE I 3 25.87 21.84 33.19
C PHE I 3 25.83 20.39 32.77
N PHE I 4 24.72 19.99 32.16
CA PHE I 4 24.47 18.60 31.84
C PHE I 4 25.06 18.18 30.51
N GLY I 5 25.48 19.13 29.68
CA GLY I 5 25.97 18.77 28.36
C GLY I 5 27.08 17.76 28.36
N ALA I 6 27.67 17.48 29.51
CA ALA I 6 28.76 16.51 29.58
C ALA I 6 28.38 15.19 28.96
N ILE I 7 27.08 14.90 28.86
CA ILE I 7 26.64 13.75 28.06
C ILE I 7 27.30 13.81 26.69
N GLY I 8 27.52 15.00 26.17
CA GLY I 8 28.29 15.12 24.95
C GLY I 8 29.67 14.53 25.10
N CYS I 9 30.38 14.89 26.17
CA CYS I 9 31.73 14.39 26.36
C CYS I 9 31.75 12.88 26.22
N ALA I 10 30.70 12.23 26.68
CA ALA I 10 30.53 10.83 26.35
C ALA I 10 30.14 10.67 24.90
N SER I 11 29.18 11.48 24.43
CA SER I 11 28.59 11.25 23.12
C SER I 11 29.64 11.06 22.05
N ALA I 12 30.79 11.72 22.19
CA ALA I 12 31.80 11.63 21.16
C ALA I 12 32.40 10.24 21.12
N ILE I 13 33.07 9.84 22.21
CA ILE I 13 33.65 8.51 22.25
C ILE I 13 32.61 7.45 21.98
N ILE I 14 31.33 7.76 22.20
CA ILE I 14 30.30 6.75 22.06
C ILE I 14 30.11 6.44 20.59
N PHE I 15 29.53 7.39 19.86
CA PHE I 15 29.25 7.13 18.45
C PHE I 15 30.52 6.81 17.71
N THR I 16 31.55 7.62 17.89
CA THR I 16 32.80 7.40 17.20
C THR I 16 33.25 5.96 17.33
N SER I 17 33.15 5.42 18.54
CA SER I 17 33.43 4.00 18.72
C SER I 17 32.56 3.19 17.78
N LEU I 18 31.25 3.39 17.83
CA LEU I 18 30.34 2.60 17.03
C LEU I 18 30.81 2.51 15.59
N GLY I 19 31.10 3.65 15.00
CA GLY I 19 31.54 3.66 13.63
C GLY I 19 32.77 2.80 13.48
N ALA I 20 33.79 3.12 14.26
CA ALA I 20 35.03 2.35 14.20
C ALA I 20 34.75 0.87 14.27
N ALA I 21 33.96 0.47 15.25
CA ALA I 21 33.52 -0.90 15.34
C ALA I 21 32.90 -1.29 14.01
N TYR I 22 31.77 -0.67 13.69
CA TYR I 22 31.07 -1.01 12.47
C TYR I 22 32.01 -0.97 11.28
N GLY I 23 32.88 0.01 11.24
CA GLY I 23 33.90 0.03 10.22
C GLY I 23 34.79 -1.18 10.29
N THR I 24 35.31 -1.46 11.48
CA THR I 24 36.21 -2.59 11.65
C THR I 24 35.56 -3.86 11.13
N ALA I 25 34.33 -4.12 11.54
CA ALA I 25 33.68 -5.39 11.26
C ALA I 25 33.62 -5.67 9.77
N LYS I 26 32.77 -4.94 9.05
CA LYS I 26 32.59 -5.22 7.63
C LYS I 26 33.91 -5.12 6.88
N SER I 27 34.86 -4.36 7.40
CA SER I 27 36.21 -4.48 6.88
C SER I 27 36.79 -5.85 7.18
N GLY I 28 36.78 -6.23 8.45
CA GLY I 28 37.44 -7.47 8.83
C GLY I 28 36.83 -8.68 8.15
N VAL I 29 35.50 -8.70 8.02
CA VAL I 29 34.82 -9.89 7.51
C VAL I 29 35.47 -10.35 6.22
N GLY I 30 35.58 -9.43 5.24
CA GLY I 30 36.25 -9.78 4.01
C GLY I 30 37.72 -10.07 4.22
N ILE I 31 38.37 -9.31 5.11
CA ILE I 31 39.80 -9.46 5.35
C ILE I 31 40.12 -10.93 5.63
N CYS I 32 39.57 -11.46 6.72
CA CYS I 32 39.73 -12.89 6.97
C CYS I 32 39.15 -13.72 5.83
N ALA I 33 38.06 -13.26 5.22
CA ALA I 33 37.48 -14.02 4.12
C ALA I 33 38.41 -14.09 2.93
N THR I 34 39.19 -13.04 2.71
CA THR I 34 40.11 -13.06 1.58
C THR I 34 41.38 -13.84 1.89
N CYS I 35 41.88 -13.73 3.12
CA CYS I 35 43.17 -14.32 3.46
C CYS I 35 43.21 -15.81 3.17
N VAL I 36 42.08 -16.49 3.33
CA VAL I 36 42.02 -17.92 3.03
C VAL I 36 42.45 -18.16 1.60
N LEU I 37 42.01 -17.32 0.67
CA LEU I 37 42.47 -17.45 -0.69
C LEU I 37 43.93 -17.00 -0.82
N ARG I 38 44.23 -15.77 -0.42
CA ARG I 38 45.59 -15.30 -0.48
C ARG I 38 46.07 -14.96 0.93
N PRO I 39 46.97 -15.76 1.50
CA PRO I 39 47.46 -15.43 2.84
C PRO I 39 48.34 -14.20 2.87
N ASP I 40 48.86 -13.76 1.71
CA ASP I 40 49.82 -12.67 1.70
C ASP I 40 49.17 -11.34 2.03
N LEU I 41 47.99 -11.09 1.48
CA LEU I 41 47.39 -9.76 1.50
C LEU I 41 47.04 -9.27 2.89
N LEU I 42 47.21 -10.11 3.90
CA LEU I 42 46.89 -9.75 5.27
C LEU I 42 47.47 -8.39 5.63
N PHE I 43 48.79 -8.30 5.70
CA PHE I 43 49.43 -7.03 6.07
C PHE I 43 48.96 -5.88 5.20
N LYS I 44 48.67 -6.15 3.93
CA LYS I 44 48.06 -5.12 3.11
C LYS I 44 46.63 -4.86 3.55
N ASN I 45 45.83 -5.92 3.66
CA ASN I 45 44.42 -5.75 3.95
C ASN I 45 44.17 -5.14 5.33
N ILE I 46 45.20 -4.99 6.15
CA ILE I 46 45.01 -4.33 7.44
C ILE I 46 44.75 -2.85 7.29
N VAL I 47 44.96 -2.28 6.10
CA VAL I 47 44.84 -0.84 5.94
C VAL I 47 43.49 -0.31 6.41
N PRO I 48 42.35 -0.84 5.95
CA PRO I 48 41.08 -0.22 6.35
C PRO I 48 40.89 -0.15 7.83
N VAL I 49 41.13 -1.25 8.54
CA VAL I 49 40.90 -1.24 9.97
C VAL I 49 41.82 -0.23 10.65
N ILE I 50 43.11 -0.28 10.33
CA ILE I 50 44.04 0.67 10.92
C ILE I 50 43.65 2.08 10.51
N MET I 51 43.17 2.25 9.29
CA MET I 51 42.51 3.50 8.94
C MET I 51 41.30 3.70 9.83
N ALA I 52 40.43 2.69 9.90
CA ALA I 52 39.18 2.86 10.61
C ALA I 52 39.41 3.29 12.05
N GLY I 53 40.25 2.56 12.77
CA GLY I 53 40.44 2.85 14.17
C GLY I 53 40.85 4.29 14.42
N ILE I 54 41.46 4.93 13.43
CA ILE I 54 41.92 6.30 13.61
C ILE I 54 40.78 7.17 14.12
N ILE I 55 39.58 6.99 13.54
CA ILE I 55 38.48 7.87 13.90
C ILE I 55 38.23 7.82 15.40
N ALA I 56 38.36 6.63 15.98
CA ALA I 56 38.22 6.52 17.42
C ALA I 56 39.09 7.54 18.13
N ILE I 57 40.37 7.59 17.73
CA ILE I 57 41.32 8.46 18.41
C ILE I 57 40.76 9.88 18.48
N TYR I 58 40.03 10.29 17.45
CA TYR I 58 39.48 11.62 17.44
C TYR I 58 38.60 11.82 18.67
N GLY I 59 37.48 11.11 18.71
CA GLY I 59 36.55 11.29 19.81
C GLY I 59 37.25 11.24 21.15
N LEU I 60 38.23 10.35 21.29
CA LEU I 60 39.04 10.33 22.49
C LEU I 60 39.58 11.72 22.76
N VAL I 61 40.28 12.29 21.78
CA VAL I 61 40.75 13.66 21.91
C VAL I 61 39.59 14.58 22.25
N VAL I 62 38.49 14.45 21.51
CA VAL I 62 37.34 15.29 21.74
C VAL I 62 36.89 15.18 23.18
N SER I 63 36.60 13.96 23.61
CA SER I 63 36.19 13.75 24.99
C SER I 63 37.22 14.36 25.93
N VAL I 64 38.48 13.96 25.77
CA VAL I 64 39.53 14.42 26.67
C VAL I 64 39.47 15.93 26.81
N LEU I 65 39.43 16.63 25.68
CA LEU I 65 39.38 18.08 25.72
C LEU I 65 38.17 18.54 26.51
N VAL I 66 36.99 18.05 26.15
CA VAL I 66 35.77 18.46 26.83
C VAL I 66 35.88 18.15 28.32
N CYS I 67 36.42 16.97 28.63
CA CYS I 67 36.55 16.56 30.02
C CYS I 67 37.19 17.65 30.84
N TYR I 68 38.30 18.21 30.36
CA TYR I 68 38.94 19.29 31.10
C TYR I 68 37.98 20.40 31.41
N SER I 69 37.00 20.62 30.56
CA SER I 69 36.24 21.85 30.63
C SER I 69 34.97 21.73 31.45
N LEU I 70 34.69 20.59 32.07
CA LEU I 70 33.33 20.41 32.57
C LEU I 70 33.06 21.22 33.83
N GLY I 71 33.57 20.77 34.98
CA GLY I 71 33.46 21.54 36.20
C GLY I 71 32.14 21.37 36.90
N GLN I 72 32.14 21.42 38.23
CA GLN I 72 30.91 21.23 38.97
C GLN I 72 29.91 22.32 38.63
N LYS I 73 30.27 23.56 38.88
CA LYS I 73 29.55 24.63 38.23
C LYS I 73 30.03 24.73 36.79
N GLN I 74 29.38 25.58 36.04
CA GLN I 74 29.74 25.83 34.66
C GLN I 74 28.87 26.99 34.20
N ALA I 75 28.98 27.34 32.94
CA ALA I 75 28.00 28.21 32.32
C ALA I 75 27.12 27.37 31.44
N LEU I 76 25.81 27.59 31.53
CA LEU I 76 24.90 26.84 30.68
C LEU I 76 25.36 26.88 29.24
N TYR I 77 25.90 28.01 28.81
CA TYR I 77 26.48 28.07 27.49
C TYR I 77 27.59 27.05 27.32
N THR I 78 28.36 26.79 28.38
CA THR I 78 29.62 26.09 28.25
C THR I 78 29.37 24.76 27.57
N GLY I 79 28.79 23.81 28.28
CA GLY I 79 28.21 22.75 27.52
C GLY I 79 26.99 23.38 26.92
N PHE I 80 27.03 23.60 25.64
CA PHE I 80 25.99 23.32 24.70
C PHE I 80 26.94 22.87 23.66
N ILE I 81 27.85 23.79 23.41
CA ILE I 81 28.99 23.61 22.53
C ILE I 81 29.58 22.24 22.81
N GLN I 82 29.78 21.94 24.08
CA GLN I 82 30.27 20.61 24.43
C GLN I 82 29.37 19.56 23.80
N LEU I 83 28.05 19.66 24.04
CA LEU I 83 27.14 18.76 23.36
C LEU I 83 27.33 18.85 21.87
N GLY I 84 27.34 20.06 21.33
CA GLY I 84 27.64 20.22 19.93
C GLY I 84 28.93 19.54 19.56
N ALA I 85 29.93 19.67 20.42
CA ALA I 85 31.24 19.12 20.09
C ALA I 85 31.12 17.62 19.81
N GLY I 86 30.62 16.87 20.77
CA GLY I 86 30.60 15.44 20.61
C GLY I 86 29.83 15.03 19.38
N LEU I 87 28.57 15.47 19.32
CA LEU I 87 27.71 15.09 18.21
C LEU I 87 28.42 15.30 16.90
N SER I 88 29.04 16.47 16.74
CA SER I 88 29.82 16.78 15.56
C SER I 88 30.77 15.65 15.27
N VAL I 89 31.75 15.46 16.15
CA VAL I 89 32.72 14.41 15.92
C VAL I 89 32.03 13.07 15.82
N GLY I 90 31.19 12.78 16.80
CA GLY I 90 30.64 11.45 16.90
C GLY I 90 29.84 11.04 15.69
N LEU I 91 28.79 11.82 15.38
CA LEU I 91 27.98 11.47 14.22
C LEU I 91 28.84 11.39 12.98
N SER I 92 29.68 12.40 12.76
CA SER I 92 30.60 12.35 11.64
C SER I 92 31.35 11.04 11.63
N GLY I 93 31.98 10.71 12.76
CA GLY I 93 32.60 9.41 12.86
C GLY I 93 31.64 8.31 12.48
N LEU I 94 30.46 8.30 13.11
CA LEU I 94 29.49 7.27 12.81
C LEU I 94 29.24 7.18 11.32
N ALA I 95 29.22 8.33 10.65
CA ALA I 95 29.22 8.28 9.20
C ALA I 95 30.53 7.74 8.69
N ALA I 96 31.65 8.25 9.22
CA ALA I 96 32.95 7.87 8.71
C ALA I 96 33.09 6.36 8.68
N GLY I 97 32.87 5.73 9.82
CA GLY I 97 32.90 4.28 9.84
C GLY I 97 31.99 3.67 8.81
N PHE I 98 30.73 4.11 8.83
CA PHE I 98 29.74 3.59 7.90
C PHE I 98 30.31 3.57 6.49
N ALA I 99 31.06 4.60 6.15
CA ALA I 99 31.74 4.59 4.87
C ALA I 99 32.88 3.58 4.88
N ILE I 100 33.75 3.67 5.87
CA ILE I 100 34.99 2.91 5.85
C ILE I 100 34.70 1.44 5.59
N GLY I 101 33.84 0.86 6.41
CA GLY I 101 33.58 -0.57 6.30
C GLY I 101 33.10 -0.97 4.93
N ILE I 102 32.09 -0.25 4.42
CA ILE I 102 31.53 -0.61 3.11
C ILE I 102 32.64 -0.69 2.08
N VAL I 103 33.32 0.43 1.85
CA VAL I 103 34.49 0.41 0.97
C VAL I 103 35.48 -0.63 1.46
N GLY I 104 35.58 -0.79 2.77
CA GLY I 104 36.53 -1.75 3.31
C GLY I 104 36.41 -3.12 2.68
N ASP I 105 35.19 -3.67 2.69
CA ASP I 105 35.01 -4.99 2.08
C ASP I 105 35.36 -4.94 0.61
N ALA I 106 34.86 -3.94 -0.11
CA ALA I 106 35.14 -3.84 -1.53
C ALA I 106 36.64 -3.91 -1.79
N GLY I 107 37.41 -3.09 -1.07
CA GLY I 107 38.84 -3.03 -1.28
C GLY I 107 39.50 -4.38 -1.15
N VAL I 108 39.29 -5.04 -0.03
CA VAL I 108 39.94 -6.33 0.15
C VAL I 108 39.37 -7.35 -0.82
N ARG I 109 38.06 -7.32 -1.05
CA ARG I 109 37.49 -8.22 -2.04
C ARG I 109 38.08 -7.94 -3.42
N GLY I 110 38.20 -6.67 -3.77
CA GLY I 110 38.79 -6.33 -5.05
C GLY I 110 40.25 -6.68 -5.13
N SER I 111 41.05 -6.17 -4.19
CA SER I 111 42.49 -6.42 -4.21
C SER I 111 42.81 -7.90 -4.31
N SER I 112 41.94 -8.73 -3.77
CA SER I 112 42.04 -10.16 -3.99
C SER I 112 42.09 -10.46 -5.48
N GLN I 113 41.02 -10.15 -6.19
CA GLN I 113 40.97 -10.40 -7.62
C GLN I 113 42.14 -9.72 -8.33
N GLN I 114 42.17 -8.39 -8.28
CA GLN I 114 43.21 -7.65 -8.98
C GLN I 114 44.15 -7.00 -7.98
N PRO I 115 45.36 -7.50 -7.80
CA PRO I 115 46.31 -6.81 -6.91
C PRO I 115 46.86 -5.55 -7.55
N ARG I 116 45.95 -4.69 -8.00
CA ARG I 116 46.29 -3.42 -8.60
C ARG I 116 45.49 -2.33 -7.90
N LEU I 117 44.16 -2.46 -7.95
CA LEU I 117 43.25 -1.46 -7.42
C LEU I 117 43.48 -1.15 -5.96
N PHE I 118 44.31 -1.96 -5.27
CA PHE I 118 44.58 -1.73 -3.86
C PHE I 118 44.90 -0.27 -3.62
N VAL I 119 45.79 0.32 -4.44
CA VAL I 119 46.11 1.74 -4.31
C VAL I 119 44.86 2.58 -4.41
N GLY I 120 44.00 2.28 -5.37
CA GLY I 120 42.72 2.96 -5.43
C GLY I 120 41.90 2.72 -4.19
N MET I 121 41.73 1.44 -3.83
CA MET I 121 41.04 1.11 -2.59
C MET I 121 41.61 1.91 -1.43
N ILE I 122 42.93 2.07 -1.40
CA ILE I 122 43.51 2.95 -0.40
C ILE I 122 43.01 4.37 -0.61
N LEU I 123 43.12 4.86 -1.85
CA LEU I 123 42.82 6.25 -2.12
C LEU I 123 41.42 6.62 -1.63
N ILE I 124 40.42 5.85 -2.05
CA ILE I 124 39.05 6.12 -1.63
C ILE I 124 38.98 6.16 -0.11
N LEU I 125 39.56 5.15 0.54
CA LEU I 125 39.63 5.15 1.98
C LEU I 125 40.38 6.37 2.48
N ILE I 126 41.57 6.63 1.91
CA ILE I 126 42.32 7.83 2.24
C ILE I 126 41.42 9.03 2.09
N PHE I 127 40.48 8.96 1.16
CA PHE I 127 39.54 10.02 0.92
C PHE I 127 38.34 9.94 1.84
N ALA I 128 38.18 8.84 2.56
CA ALA I 128 37.01 8.69 3.42
C ALA I 128 37.17 9.45 4.73
N GLU I 129 38.33 9.31 5.38
CA GLU I 129 38.43 9.72 6.78
C GLU I 129 38.23 11.21 6.97
N VAL I 130 38.59 12.00 5.96
CA VAL I 130 38.59 13.45 6.12
C VAL I 130 37.25 13.90 6.65
N LEU I 131 36.20 13.11 6.39
CA LEU I 131 34.91 13.35 7.03
C LEU I 131 35.10 13.50 8.52
N GLY I 132 35.70 12.48 9.14
CA GLY I 132 35.97 12.58 10.56
C GLY I 132 36.78 13.81 10.90
N LEU I 133 37.84 14.05 10.14
CA LEU I 133 38.68 15.21 10.37
C LEU I 133 37.84 16.46 10.51
N TYR I 134 36.86 16.62 9.62
CA TYR I 134 36.01 17.80 9.68
C TYR I 134 35.35 17.91 11.05
N GLY I 135 34.60 16.88 11.44
CA GLY I 135 33.97 16.93 12.74
C GLY I 135 34.96 17.27 13.83
N LEU I 136 36.11 16.60 13.82
CA LEU I 136 37.16 16.94 14.76
C LEU I 136 37.43 18.43 14.72
N ILE I 137 37.71 18.94 13.51
CA ILE I 137 37.93 20.37 13.36
C ILE I 137 36.77 21.14 13.94
N VAL I 138 35.55 20.70 13.67
CA VAL I 138 34.40 21.43 14.16
C VAL I 138 34.45 21.56 15.67
N ALA I 139 34.50 20.42 16.35
CA ALA I 139 34.46 20.45 17.81
C ALA I 139 35.60 21.27 18.36
N LEU I 140 36.80 21.08 17.81
CA LEU I 140 37.95 21.85 18.26
C LEU I 140 37.62 23.33 18.25
N LEU I 141 37.18 23.82 17.09
CA LEU I 141 36.69 25.19 17.03
C LEU I 141 35.67 25.44 18.12
N LEU I 142 34.68 24.56 18.20
CA LEU I 142 33.68 24.69 19.23
C LEU I 142 34.33 24.75 20.60
N ASN I 143 35.22 23.80 20.87
CA ASN I 143 35.97 23.83 22.11
C ASN I 143 36.62 25.19 22.30
N SER I 144 37.30 25.67 21.26
CA SER I 144 37.98 26.95 21.36
C SER I 144 37.04 28.04 21.82
N ARG I 145 35.75 27.88 21.56
CA ARG I 145 34.79 28.89 21.95
C ARG I 145 34.17 28.62 23.30
N ALA I 146 34.62 27.59 24.01
CA ALA I 146 34.23 27.48 25.41
C ALA I 146 34.70 28.66 26.23
N THR I 147 35.57 29.51 25.68
CA THR I 147 36.04 30.70 26.35
C THR I 147 34.95 31.76 26.40
N GLN I 148 35.25 32.88 27.05
CA GLN I 148 34.41 34.06 27.21
C GLN I 148 33.27 33.80 28.20
N ASP I 149 32.91 32.53 28.40
CA ASP I 149 32.51 31.97 29.67
C ASP I 149 31.72 32.93 30.55
N VAL I 150 30.51 33.28 30.15
CA VAL I 150 29.70 34.22 30.90
C VAL I 150 30.43 35.54 31.03
N TYR J 1 -50.76 33.68 -10.91
CA TYR J 1 -49.65 33.69 -9.95
C TYR J 1 -48.30 33.48 -10.59
N THR J 2 -47.64 34.59 -10.95
CA THR J 2 -46.20 34.63 -11.17
C THR J 2 -45.83 33.48 -12.10
N VAL J 3 -45.05 32.51 -11.64
CA VAL J 3 -44.56 31.40 -12.44
C VAL J 3 -45.70 30.76 -13.22
N VAL J 4 -46.83 30.57 -12.53
CA VAL J 4 -47.84 29.63 -12.99
C VAL J 4 -48.16 29.86 -14.46
N GLY J 5 -48.39 31.11 -14.84
CA GLY J 5 -48.83 31.39 -16.20
C GLY J 5 -47.93 30.77 -17.24
N VAL J 6 -46.62 30.82 -17.00
CA VAL J 6 -45.69 30.26 -17.97
C VAL J 6 -46.03 28.81 -18.23
N PHE J 7 -45.99 28.00 -17.16
CA PHE J 7 -46.36 26.60 -17.28
C PHE J 7 -47.66 26.45 -18.04
N ILE J 8 -48.64 27.29 -17.70
CA ILE J 8 -49.87 27.33 -18.48
C ILE J 8 -49.54 27.66 -19.92
N VAL J 9 -48.89 28.80 -20.13
CA VAL J 9 -48.55 29.20 -21.49
C VAL J 9 -47.69 28.16 -22.15
N VAL J 10 -46.97 27.37 -21.36
CA VAL J 10 -46.13 26.33 -21.96
C VAL J 10 -46.92 25.34 -22.79
N SER J 11 -47.73 24.52 -22.13
CA SER J 11 -48.26 23.32 -22.77
C SER J 11 -49.20 23.67 -23.91
N ALA J 12 -50.38 24.19 -23.55
CA ALA J 12 -51.42 24.45 -24.55
C ALA J 12 -50.95 25.45 -25.59
N MET J 13 -50.11 26.40 -25.19
CA MET J 13 -49.53 27.31 -26.17
C MET J 13 -48.20 26.84 -26.70
N SER J 14 -47.69 25.72 -26.22
CA SER J 14 -46.85 24.93 -27.12
C SER J 14 -47.69 24.21 -28.16
N VAL J 15 -49.02 24.31 -28.06
CA VAL J 15 -49.96 23.51 -28.85
C VAL J 15 -49.73 22.10 -28.32
N LEU J 16 -49.05 22.02 -27.19
CA LEU J 16 -48.42 20.83 -26.65
C LEU J 16 -47.12 20.53 -27.40
N PHE J 17 -46.79 21.26 -28.46
CA PHE J 17 -45.66 21.08 -29.39
C PHE J 17 -45.94 19.99 -30.40
N TRP J 18 -46.93 19.15 -30.18
CA TRP J 18 -47.68 18.59 -31.27
C TRP J 18 -48.57 19.77 -31.65
N ILE J 19 -49.37 19.71 -32.72
CA ILE J 19 -49.34 18.74 -33.77
C ILE J 19 -48.84 19.63 -34.90
N MET J 20 -48.91 19.17 -36.15
CA MET J 20 -48.11 19.71 -37.25
C MET J 20 -46.65 19.31 -37.08
N ALA J 21 -46.44 18.03 -36.77
CA ALA J 21 -45.15 17.40 -36.64
C ALA J 21 -44.83 16.52 -37.84
N PRO J 22 -43.67 16.67 -38.37
CA PRO J 22 -43.32 16.09 -39.68
C PRO J 22 -43.15 14.59 -39.70
N LYS J 23 -44.19 13.86 -40.09
CA LYS J 23 -44.23 12.39 -40.01
C LYS J 23 -42.92 11.71 -40.37
N ASN J 24 -42.15 12.29 -41.27
CA ASN J 24 -40.82 11.74 -41.54
C ASN J 24 -39.92 12.08 -40.37
N ASN J 25 -39.40 11.05 -39.70
CA ASN J 25 -38.57 11.17 -38.52
C ASN J 25 -39.37 11.73 -37.34
N GLN J 26 -40.64 12.04 -37.55
CA GLN J 26 -41.46 12.77 -36.57
C GLN J 26 -41.31 12.25 -35.17
N ALA J 27 -41.39 10.94 -35.02
CA ALA J 27 -41.45 10.32 -33.70
C ALA J 27 -40.41 10.93 -32.77
N VAL J 28 -39.14 10.78 -33.12
CA VAL J 28 -38.09 11.46 -32.38
C VAL J 28 -38.40 12.94 -32.30
N TRP J 29 -38.60 13.55 -33.46
CA TRP J 29 -38.78 14.98 -33.54
C TRP J 29 -39.97 15.42 -32.68
N ARG J 30 -40.93 14.53 -32.46
CA ARG J 30 -41.90 14.78 -31.41
C ARG J 30 -41.26 14.92 -30.05
N SER J 31 -40.74 13.80 -29.52
CA SER J 31 -40.47 13.71 -28.10
C SER J 31 -39.26 14.50 -27.67
N THR J 32 -38.38 14.88 -28.59
CA THR J 32 -37.26 15.72 -28.19
C THR J 32 -37.76 17.05 -27.64
N VAL J 33 -38.52 17.77 -28.47
CA VAL J 33 -38.88 19.13 -28.13
C VAL J 33 -39.79 19.18 -26.92
N ILE J 34 -40.92 18.46 -26.99
CA ILE J 34 -42.00 18.68 -26.05
C ILE J 34 -41.47 18.70 -24.62
N LEU J 35 -40.50 17.84 -24.32
CA LEU J 35 -39.86 17.90 -23.00
C LEU J 35 -38.74 18.92 -22.97
N THR J 36 -37.98 19.02 -24.06
CA THR J 36 -36.84 19.91 -24.09
C THR J 36 -37.22 21.27 -23.57
N LEU J 37 -38.33 21.82 -24.09
CA LEU J 37 -38.82 23.06 -23.55
C LEU J 37 -39.09 22.90 -22.07
N ALA J 38 -39.94 21.94 -21.71
CA ALA J 38 -40.24 21.70 -20.30
C ALA J 38 -38.96 21.54 -19.50
N MET J 39 -38.02 20.77 -20.03
CA MET J 39 -36.71 20.70 -19.40
C MET J 39 -36.23 22.11 -19.10
N MET J 40 -36.01 22.90 -20.15
CA MET J 40 -35.68 24.30 -19.95
C MET J 40 -36.64 24.93 -18.96
N PHE J 41 -37.93 24.69 -19.15
CA PHE J 41 -38.88 25.26 -18.21
C PHE J 41 -38.62 24.76 -16.80
N LEU J 42 -38.13 23.54 -16.65
CA LEU J 42 -37.85 23.10 -15.30
C LEU J 42 -36.64 23.81 -14.74
N MET J 43 -35.85 24.42 -15.59
CA MET J 43 -34.68 25.18 -15.17
C MET J 43 -35.07 26.54 -14.70
N TRP J 44 -36.36 26.76 -14.61
CA TRP J 44 -36.88 28.08 -14.38
C TRP J 44 -36.48 28.50 -12.98
N ALA J 45 -37.07 27.88 -11.96
CA ALA J 45 -36.61 28.05 -10.60
C ALA J 45 -36.36 29.52 -10.30
N ILE J 46 -37.40 30.32 -10.50
CA ILE J 46 -37.32 31.73 -10.10
C ILE J 46 -36.78 31.83 -8.69
N THR J 47 -37.26 30.97 -7.81
CA THR J 47 -36.96 31.10 -6.39
C THR J 47 -37.37 32.53 -6.04
N PHE J 48 -36.51 33.24 -5.31
CA PHE J 48 -36.62 34.68 -5.15
C PHE J 48 -38.03 35.01 -4.68
N LEU J 49 -38.64 36.08 -5.17
CA LEU J 49 -40.03 36.40 -4.96
C LEU J 49 -40.30 36.67 -3.49
N CYS J 50 -39.37 36.22 -2.67
CA CYS J 50 -39.41 36.25 -1.22
C CYS J 50 -38.19 35.51 -0.72
N GLN J 51 -38.08 35.46 0.60
CA GLN J 51 -37.29 34.52 1.35
C GLN J 51 -35.80 34.72 1.17
N LEU J 52 -35.38 35.54 0.22
CA LEU J 52 -33.97 35.73 -0.02
C LEU J 52 -33.25 36.11 1.27
N HIS J 53 -32.10 35.50 1.49
CA HIS J 53 -31.23 36.09 2.50
C HIS J 53 -29.86 36.29 1.88
N PRO J 54 -29.80 36.96 0.73
CA PRO J 54 -28.52 37.22 0.06
C PRO J 54 -27.91 38.60 0.25
N LEU J 55 -26.95 38.88 -0.64
CA LEU J 55 -26.62 40.22 -1.10
C LEU J 55 -25.68 41.06 -0.25
N VAL J 56 -25.32 40.61 0.94
CA VAL J 56 -24.29 41.32 1.68
C VAL J 56 -22.98 40.58 1.56
N ALA J 57 -21.95 41.22 1.02
CA ALA J 57 -22.00 42.60 0.56
C ALA J 57 -21.18 42.77 -0.71
N PHE K 3 9.46 34.55 16.24
CA PHE K 3 9.91 34.69 14.85
C PHE K 3 10.70 33.48 14.39
N PHE K 4 10.27 32.31 14.83
CA PHE K 4 11.00 31.08 14.60
C PHE K 4 10.68 30.42 13.28
N GLY K 5 9.62 30.85 12.60
CA GLY K 5 9.22 30.19 11.38
C GLY K 5 10.31 30.10 10.34
N ALA K 6 11.41 30.84 10.52
CA ALA K 6 12.50 30.80 9.56
C ALA K 6 12.95 29.38 9.27
N ILE K 7 12.69 28.45 10.17
CA ILE K 7 12.89 27.04 9.85
C ILE K 7 12.23 26.71 8.53
N GLY K 8 11.11 27.36 8.24
CA GLY K 8 10.52 27.24 6.92
C GLY K 8 11.49 27.64 5.83
N CYS K 9 12.10 28.82 5.98
CA CYS K 9 13.02 29.30 4.95
C CYS K 9 14.03 28.24 4.61
N ALA K 10 14.45 27.48 5.60
CA ALA K 10 15.20 26.27 5.32
C ALA K 10 14.31 25.21 4.71
N SER K 11 13.13 25.00 5.31
CA SER K 11 12.31 23.86 4.96
C SER K 11 12.13 23.74 3.46
N ALA K 12 12.10 24.86 2.76
CA ALA K 12 11.86 24.81 1.33
C ALA K 12 13.04 24.18 0.62
N ILE K 13 14.20 24.82 0.67
CA ILE K 13 15.37 24.27 0.03
C ILE K 13 15.64 22.86 0.52
N ILE K 14 15.16 22.49 1.70
CA ILE K 14 15.48 21.20 2.26
C ILE K 14 14.74 20.13 1.47
N PHE K 15 13.43 20.08 1.64
CA PHE K 15 12.66 19.03 0.98
C PHE K 15 12.84 19.10 -0.52
N THR K 16 12.69 20.30 -1.08
CA THR K 16 12.82 20.46 -2.52
C THR K 16 14.09 19.80 -3.02
N SER K 17 15.20 20.02 -2.31
CA SER K 17 16.42 19.31 -2.63
C SER K 17 16.17 17.81 -2.66
N LEU K 18 15.62 17.28 -1.57
CA LEU K 18 15.43 15.84 -1.46
C LEU K 18 14.76 15.29 -2.71
N GLY K 19 13.67 15.90 -3.11
CA GLY K 19 12.95 15.44 -4.28
C GLY K 19 13.88 15.44 -5.47
N ALA K 20 14.46 16.60 -5.74
CA ALA K 20 15.36 16.72 -6.87
C ALA K 20 16.39 15.62 -6.85
N ALA K 21 17.04 15.43 -5.71
CA ALA K 21 17.94 14.33 -5.53
C ALA K 21 17.21 13.05 -5.90
N TYR K 22 16.21 12.70 -5.11
CA TYR K 22 15.48 11.46 -5.36
C TYR K 22 15.03 11.37 -6.79
N GLY K 23 14.57 12.49 -7.35
CA GLY K 23 14.25 12.50 -8.76
C GLY K 23 15.47 12.21 -9.60
N THR K 24 16.56 12.92 -9.35
CA THR K 24 17.77 12.72 -10.13
C THR K 24 18.17 11.26 -10.14
N ALA K 25 18.21 10.64 -8.96
CA ALA K 25 18.75 9.30 -8.84
C ALA K 25 18.03 8.30 -9.73
N LYS K 26 16.79 7.97 -9.37
CA LYS K 26 16.08 6.95 -10.13
C LYS K 26 15.95 7.33 -11.59
N SER K 27 16.03 8.62 -11.90
CA SER K 27 16.22 9.00 -13.29
C SER K 27 17.58 8.54 -13.78
N GLY K 28 18.64 8.94 -13.08
CA GLY K 28 19.97 8.66 -13.57
C GLY K 28 20.25 7.18 -13.70
N VAL K 29 19.75 6.38 -12.74
CA VAL K 29 20.09 4.96 -12.70
C VAL K 29 19.84 4.33 -14.07
N GLY K 30 18.62 4.49 -14.59
CA GLY K 30 18.33 3.99 -15.91
C GLY K 30 19.14 4.69 -16.98
N ILE K 31 19.33 6.00 -16.83
CA ILE K 31 20.04 6.78 -17.84
C ILE K 31 21.37 6.12 -18.16
N CYS K 32 22.25 6.03 -17.15
CA CYS K 32 23.49 5.29 -17.35
C CYS K 32 23.22 3.84 -17.72
N ALA K 33 22.17 3.24 -17.16
CA ALA K 33 21.87 1.86 -17.48
C ALA K 33 21.47 1.70 -18.95
N THR K 34 20.83 2.70 -19.53
CA THR K 34 20.44 2.60 -20.93
C THR K 34 21.61 2.90 -21.85
N CYS K 35 22.44 3.88 -21.49
CA CYS K 35 23.48 4.36 -22.40
C CYS K 35 24.40 3.23 -22.84
N VAL K 36 24.63 2.25 -21.96
CA VAL K 36 25.47 1.12 -22.33
C VAL K 36 24.91 0.43 -23.57
N LEU K 37 23.59 0.29 -23.63
CA LEU K 37 22.99 -0.26 -24.85
C LEU K 37 23.06 0.75 -25.99
N ARG K 38 22.51 1.94 -25.79
CA ARG K 38 22.57 2.96 -26.81
C ARG K 38 23.32 4.16 -26.28
N PRO K 39 24.54 4.41 -26.77
CA PRO K 39 25.28 5.58 -26.30
C PRO K 39 24.68 6.89 -26.79
N ASP K 40 23.83 6.86 -27.80
CA ASP K 40 23.33 8.10 -28.40
C ASP K 40 22.35 8.82 -27.47
N LEU K 41 21.46 8.06 -26.83
CA LEU K 41 20.32 8.65 -26.14
C LEU K 41 20.70 9.51 -24.96
N LEU K 42 21.98 9.55 -24.61
CA LEU K 42 22.47 10.34 -23.48
C LEU K 42 21.87 11.74 -23.50
N PHE K 43 22.27 12.55 -24.48
CA PHE K 43 21.79 13.92 -24.55
C PHE K 43 20.27 14.00 -24.53
N LYS K 44 19.60 13.00 -25.10
CA LYS K 44 18.15 12.94 -24.95
C LYS K 44 17.78 12.58 -23.53
N ASN K 45 18.36 11.50 -23.00
CA ASN K 45 17.97 11.02 -21.70
C ASN K 45 18.28 11.99 -20.57
N ILE K 46 19.00 13.07 -20.85
CA ILE K 46 19.26 14.08 -19.83
C ILE K 46 18.01 14.87 -19.48
N VAL K 47 16.94 14.74 -20.26
CA VAL K 47 15.76 15.56 -20.03
C VAL K 47 15.23 15.42 -18.60
N PRO K 48 14.97 14.22 -18.08
CA PRO K 48 14.36 14.16 -16.74
C PRO K 48 15.15 14.89 -15.70
N VAL K 49 16.45 14.64 -15.64
CA VAL K 49 17.25 15.27 -14.60
C VAL K 49 17.23 16.78 -14.75
N ILE K 50 17.48 17.27 -15.96
CA ILE K 50 17.44 18.71 -16.18
C ILE K 50 16.05 19.23 -15.88
N MET K 51 15.03 18.45 -16.22
CA MET K 51 13.70 18.75 -15.71
C MET K 51 13.71 18.71 -14.19
N ALA K 52 14.21 17.61 -13.64
CA ALA K 52 14.13 17.41 -12.20
C ALA K 52 14.76 18.57 -11.45
N GLY K 53 16.00 18.90 -11.79
CA GLY K 53 16.70 19.92 -11.05
C GLY K 53 15.95 21.23 -10.98
N ILE K 54 15.06 21.48 -11.96
CA ILE K 54 14.33 22.74 -11.99
C ILE K 54 13.65 22.97 -10.64
N ILE K 55 13.04 21.93 -10.09
CA ILE K 55 12.27 22.10 -8.87
C ILE K 55 13.14 22.70 -7.78
N ALA K 56 14.41 22.29 -7.73
CA ALA K 56 15.32 22.88 -6.77
C ALA K 56 15.29 24.39 -6.87
N ILE K 57 15.42 24.91 -8.09
CA ILE K 57 15.50 26.34 -8.29
C ILE K 57 14.35 27.03 -7.58
N TYR K 58 13.19 26.39 -7.57
CA TYR K 58 12.03 26.97 -6.91
C TYR K 58 12.37 27.27 -5.47
N GLY K 59 12.55 26.22 -4.67
CA GLY K 59 12.80 26.42 -3.26
C GLY K 59 13.86 27.46 -3.01
N LEU K 60 14.91 27.44 -3.83
CA LEU K 60 15.92 28.49 -3.75
C LEU K 60 15.25 29.85 -3.79
N VAL K 61 14.45 30.09 -4.83
CA VAL K 61 13.69 31.33 -4.90
C VAL K 61 12.87 31.50 -3.65
N VAL K 62 12.16 30.45 -3.26
CA VAL K 62 11.31 30.51 -2.07
C VAL K 62 12.13 30.94 -0.88
N SER K 63 13.19 30.19 -0.59
CA SER K 63 14.06 30.55 0.52
C SER K 63 14.52 31.98 0.39
N VAL K 64 15.11 32.32 -0.76
CA VAL K 64 15.66 33.64 -0.97
C VAL K 64 14.64 34.69 -0.60
N LEU K 65 13.42 34.55 -1.13
CA LEU K 65 12.38 35.53 -0.83
C LEU K 65 12.14 35.60 0.67
N VAL K 66 11.90 34.45 1.29
CA VAL K 66 11.64 34.43 2.73
C VAL K 66 12.80 35.05 3.48
N CYS K 67 14.02 34.70 3.06
CA CYS K 67 15.20 35.21 3.72
C CYS K 67 15.13 36.72 3.88
N TYR K 68 14.77 37.43 2.81
CA TYR K 68 14.66 38.88 2.94
C TYR K 68 13.73 39.27 4.06
N SER K 69 12.74 38.46 4.35
CA SER K 69 11.65 38.90 5.19
C SER K 69 11.82 38.57 6.66
N LEU K 70 12.95 37.99 7.06
CA LEU K 70 12.95 37.39 8.39
C LEU K 70 13.05 38.44 9.50
N GLY K 71 14.23 39.01 9.71
CA GLY K 71 14.39 40.10 10.65
C GLY K 71 14.51 39.63 12.08
N GLN K 72 15.29 40.36 12.89
CA GLN K 72 15.48 39.96 14.27
C GLN K 72 14.18 39.98 15.02
N LYS K 73 13.54 41.14 15.09
CA LYS K 73 12.14 41.13 15.44
C LYS K 73 11.35 40.71 14.21
N GLN K 74 10.06 40.53 14.41
CA GLN K 74 9.14 40.18 13.35
C GLN K 74 7.75 40.26 13.94
N ALA K 75 6.77 39.90 13.15
CA ALA K 75 5.44 39.64 13.68
C ALA K 75 5.24 38.15 13.71
N LEU K 76 4.72 37.65 14.83
CA LEU K 76 4.46 36.22 14.91
C LEU K 76 3.68 35.75 13.69
N TYR K 77 2.78 36.58 13.19
CA TYR K 77 2.11 36.23 11.96
C TYR K 77 3.10 36.05 10.82
N THR K 78 4.18 36.85 10.81
CA THR K 78 5.02 36.98 9.63
C THR K 78 5.49 35.61 9.20
N GLY K 79 6.42 35.03 9.93
CA GLY K 79 6.54 33.61 9.75
C GLY K 79 5.33 33.08 10.46
N PHE K 80 4.39 32.58 9.69
CA PHE K 80 3.69 31.35 9.90
C PHE K 80 3.69 31.02 8.45
N ILE K 81 3.15 32.00 7.74
CA ILE K 81 3.11 32.03 6.29
C ILE K 81 4.46 31.58 5.78
N GLN K 82 5.53 32.14 6.33
CA GLN K 82 6.85 31.68 5.95
C GLN K 82 6.95 30.17 6.11
N LEU K 83 6.61 29.67 7.29
CA LEU K 83 6.55 28.23 7.46
C LEU K 83 5.63 27.61 6.43
N GLY K 84 4.43 28.16 6.30
CA GLY K 84 3.56 27.70 5.25
C GLY K 84 4.24 27.74 3.90
N ALA K 85 4.99 28.80 3.64
CA ALA K 85 5.61 28.96 2.35
C ALA K 85 6.47 27.75 2.01
N GLY K 86 7.44 27.48 2.86
CA GLY K 86 8.39 26.43 2.56
C GLY K 86 7.68 25.10 2.36
N LEU K 87 6.92 24.69 3.38
CA LEU K 87 6.25 23.41 3.32
C LEU K 87 5.53 23.25 2.01
N SER K 88 4.78 24.28 1.62
CA SER K 88 4.07 24.31 0.37
C SER K 88 5.02 23.90 -0.75
N VAL K 89 5.99 24.75 -1.02
CA VAL K 89 6.94 24.44 -2.09
C VAL K 89 7.64 23.13 -1.82
N GLY K 90 8.17 22.99 -0.62
CA GLY K 90 9.02 21.86 -0.34
C GLY K 90 8.32 20.54 -0.50
N LEU K 91 7.24 20.34 0.25
CA LEU K 91 6.52 19.08 0.13
C LEU K 91 6.10 18.83 -1.30
N SER K 92 5.50 19.84 -1.92
CA SER K 92 5.14 19.72 -3.33
C SER K 92 6.33 19.25 -4.14
N GLY K 93 7.45 19.94 -4.00
CA GLY K 93 8.66 19.45 -4.64
C GLY K 93 8.92 18.01 -4.28
N LEU K 94 8.93 17.70 -3.00
CA LEU K 94 9.20 16.33 -2.57
C LEU K 94 8.27 15.38 -3.29
N ALA K 95 7.02 15.78 -3.48
CA ALA K 95 6.16 15.00 -4.36
C ALA K 95 6.66 15.08 -5.78
N ALA K 96 6.97 16.29 -6.25
CA ALA K 96 7.34 16.46 -7.65
C ALA K 96 8.46 15.51 -8.01
N GLY K 97 9.56 15.56 -7.27
CA GLY K 97 10.64 14.63 -7.51
C GLY K 97 10.15 13.20 -7.51
N PHE K 98 9.43 12.84 -6.45
CA PHE K 98 8.89 11.51 -6.27
C PHE K 98 8.19 11.04 -7.51
N ALA K 99 7.56 11.94 -8.23
CA ALA K 99 7.01 11.63 -9.53
C ALA K 99 8.10 11.57 -10.59
N ILE K 100 8.92 12.62 -10.66
CA ILE K 100 9.85 12.75 -11.76
C ILE K 100 10.66 11.48 -11.93
N GLY K 101 11.32 11.05 -10.86
CA GLY K 101 12.20 9.91 -10.95
C GLY K 101 11.50 8.67 -11.46
N ILE K 102 10.35 8.35 -10.87
CA ILE K 102 9.63 7.14 -11.26
C ILE K 102 9.41 7.15 -12.77
N VAL K 103 8.68 8.14 -13.26
CA VAL K 103 8.52 8.29 -14.70
C VAL K 103 9.89 8.38 -15.35
N GLY K 104 10.85 9.00 -14.67
CA GLY K 104 12.17 9.15 -15.25
C GLY K 104 12.73 7.84 -15.75
N ASP K 105 12.76 6.83 -14.88
CA ASP K 105 13.27 5.53 -15.32
C ASP K 105 12.46 4.99 -16.47
N ALA K 106 11.14 5.02 -16.34
CA ALA K 106 10.28 4.51 -17.40
C ALA K 106 10.64 5.13 -18.73
N GLY K 107 10.74 6.45 -18.77
CA GLY K 107 11.02 7.15 -20.01
C GLY K 107 12.28 6.66 -20.68
N VAL K 108 13.40 6.69 -19.94
CA VAL K 108 14.65 6.26 -20.55
C VAL K 108 14.60 4.78 -20.85
N ARG K 109 14.04 3.99 -19.96
CA ARG K 109 13.89 2.57 -20.25
C ARG K 109 13.05 2.36 -21.50
N GLY K 110 11.94 3.10 -21.59
CA GLY K 110 11.09 2.97 -22.77
C GLY K 110 11.77 3.46 -24.03
N SER K 111 12.23 4.72 -24.00
CA SER K 111 12.84 5.32 -25.18
C SER K 111 13.96 4.45 -25.73
N SER K 112 14.63 3.70 -24.86
CA SER K 112 15.57 2.68 -25.31
C SER K 112 14.89 1.74 -26.29
N GLN K 113 13.88 1.01 -25.82
CA GLN K 113 13.17 0.08 -26.68
C GLN K 113 12.62 0.79 -27.91
N GLN K 114 11.69 1.73 -27.69
CA GLN K 114 11.05 2.42 -28.80
C GLN K 114 11.50 3.87 -28.83
N PRO K 115 12.36 4.28 -29.76
CA PRO K 115 12.70 5.69 -29.86
C PRO K 115 11.58 6.51 -30.46
N ARG K 116 10.38 6.36 -29.89
CA ARG K 116 9.20 7.09 -30.31
C ARG K 116 8.58 7.74 -29.09
N LEU K 117 8.23 6.92 -28.10
CA LEU K 117 7.53 7.38 -26.90
C LEU K 117 8.28 8.47 -26.16
N PHE K 118 9.54 8.72 -26.50
CA PHE K 118 10.31 9.76 -25.83
C PHE K 118 9.51 11.05 -25.73
N VAL K 119 8.87 11.46 -26.81
CA VAL K 119 8.03 12.65 -26.76
C VAL K 119 6.96 12.49 -25.70
N GLY K 120 6.31 11.33 -25.65
CA GLY K 120 5.38 11.09 -24.58
C GLY K 120 6.06 11.13 -23.23
N MET K 121 7.14 10.37 -23.09
CA MET K 121 7.92 10.42 -21.86
C MET K 121 8.24 11.85 -21.48
N ILE K 122 8.55 12.68 -22.47
CA ILE K 122 8.71 14.11 -22.18
C ILE K 122 7.39 14.67 -21.69
N LEU K 123 6.32 14.41 -22.43
CA LEU K 123 5.04 15.05 -22.14
C LEU K 123 4.63 14.80 -20.70
N ILE K 124 4.62 13.54 -20.28
CA ILE K 124 4.24 13.21 -18.91
C ILE K 124 5.11 13.98 -17.94
N LEU K 125 6.42 13.95 -18.18
CA LEU K 125 7.33 14.74 -17.35
C LEU K 125 6.99 16.21 -17.46
N ILE K 126 6.84 16.72 -18.69
CA ILE K 126 6.41 18.10 -18.88
C ILE K 126 5.16 18.34 -18.07
N PHE K 127 4.35 17.31 -17.90
CA PHE K 127 3.13 17.39 -17.14
C PHE K 127 3.36 17.18 -15.66
N ALA K 128 4.55 16.72 -15.28
CA ALA K 128 4.82 16.45 -13.88
C ALA K 128 5.11 17.72 -13.09
N GLU K 129 5.98 18.58 -13.62
CA GLU K 129 6.56 19.64 -12.79
C GLU K 129 5.54 20.62 -12.29
N VAL K 130 4.47 20.83 -13.05
CA VAL K 130 3.52 21.87 -12.71
C VAL K 130 3.08 21.73 -11.27
N LEU K 131 3.16 20.51 -10.73
CA LEU K 131 2.98 20.31 -9.31
C LEU K 131 3.85 21.28 -8.53
N GLY K 132 5.15 21.25 -8.80
CA GLY K 132 6.03 22.19 -8.14
C GLY K 132 5.60 23.61 -8.37
N LEU K 133 5.30 23.94 -9.62
CA LEU K 133 4.86 25.29 -9.96
C LEU K 133 3.77 25.76 -9.01
N TYR K 134 2.81 24.88 -8.75
CA TYR K 134 1.72 25.24 -7.86
C TYR K 134 2.26 25.68 -6.50
N GLY K 135 3.00 24.79 -5.84
CA GLY K 135 3.57 25.15 -4.56
C GLY K 135 4.29 26.48 -4.63
N LEU K 136 5.15 26.63 -5.64
CA LEU K 136 5.81 27.91 -5.85
C LEU K 136 4.78 29.02 -5.85
N ILE K 137 3.77 28.90 -6.71
CA ILE K 137 2.71 29.89 -6.74
C ILE K 137 2.13 30.10 -5.36
N VAL K 138 1.90 29.01 -4.63
CA VAL K 138 1.31 29.12 -3.31
C VAL K 138 2.15 30.02 -2.44
N ALA K 139 3.41 29.64 -2.24
CA ALA K 139 4.26 30.40 -1.33
C ALA K 139 4.36 31.84 -1.78
N LEU K 140 4.55 32.07 -3.07
CA LEU K 140 4.63 33.42 -3.57
C LEU K 140 3.45 34.24 -3.09
N LEU K 141 2.24 33.73 -3.35
CA LEU K 141 1.06 34.36 -2.79
C LEU K 141 1.22 34.54 -1.30
N LEU K 142 1.59 33.46 -0.61
CA LEU K 142 1.80 33.56 0.82
C LEU K 142 2.81 34.64 1.14
N ASN K 143 3.94 34.62 0.45
CA ASN K 143 4.92 35.69 0.60
C ASN K 143 4.25 37.04 0.43
N SER K 144 3.49 37.18 -0.65
CA SER K 144 2.84 38.46 -0.92
C SER K 144 2.03 38.92 0.27
N ARG K 145 1.57 37.99 1.09
CA ARG K 145 0.78 38.35 2.25
C ARG K 145 1.61 38.54 3.51
N ALA K 146 2.93 38.47 3.41
CA ALA K 146 3.73 38.90 4.55
C ALA K 146 3.53 40.38 4.86
N THR K 147 2.85 41.11 3.98
CA THR K 147 2.56 42.51 4.21
C THR K 147 1.47 42.67 5.26
N GLN K 148 1.15 43.91 5.59
CA GLN K 148 0.12 44.33 6.55
C GLN K 148 0.55 44.07 7.98
N ASP K 149 1.47 43.12 8.18
CA ASP K 149 2.54 43.19 9.18
C ASP K 149 2.12 43.87 10.47
N VAL K 150 1.23 43.24 11.23
CA VAL K 150 0.76 43.83 12.48
C VAL K 150 0.11 45.18 12.20
N PHE L 3 -4.24 32.41 14.73
CA PHE L 3 -4.48 32.42 13.29
C PHE L 3 -3.53 31.51 12.54
N PHE L 4 -3.23 30.38 13.15
CA PHE L 4 -2.21 29.47 12.64
C PHE L 4 -2.74 28.49 11.62
N GLY L 5 -4.05 28.38 11.47
CA GLY L 5 -4.60 27.39 10.56
C GLY L 5 -4.09 27.50 9.14
N ALA L 6 -3.41 28.60 8.81
CA ALA L 6 -2.89 28.77 7.46
C ALA L 6 -2.06 27.59 7.02
N ILE L 7 -1.53 26.80 7.97
CA ILE L 7 -0.92 25.53 7.62
C ILE L 7 -1.85 24.73 6.73
N GLY L 8 -3.16 24.87 6.96
CA GLY L 8 -4.10 24.29 6.04
C GLY L 8 -3.91 24.79 4.62
N CYS L 9 -3.83 26.12 4.46
CA CYS L 9 -3.69 26.68 3.14
C CYS L 9 -2.56 26.00 2.39
N ALA L 10 -1.51 25.66 3.11
CA ALA L 10 -0.50 24.77 2.54
C ALA L 10 -1.05 23.36 2.42
N SER L 11 -1.69 22.86 3.48
CA SER L 11 -2.04 21.46 3.55
C SER L 11 -2.74 21.00 2.29
N ALA L 12 -3.50 21.87 1.66
CA ALA L 12 -4.25 21.46 0.48
C ALA L 12 -3.30 21.16 -0.67
N ILE L 13 -2.60 22.18 -1.15
CA ILE L 13 -1.66 21.97 -2.23
C ILE L 13 -0.68 20.87 -1.90
N ILE L 14 -0.46 20.60 -0.61
CA ILE L 14 0.56 19.64 -0.23
C ILE L 14 0.08 18.25 -0.58
N PHE L 15 -0.91 17.76 0.16
CA PHE L 15 -1.37 16.40 -0.08
C PHE L 15 -1.85 16.24 -1.51
N THR L 16 -2.69 17.16 -1.97
CA THR L 16 -3.22 17.08 -3.32
C THR L 16 -2.10 16.84 -4.31
N SER L 17 -1.01 17.57 -4.17
CA SER L 17 0.16 17.30 -5.00
C SER L 17 0.55 15.83 -4.89
N LEU L 18 0.76 15.36 -3.66
CA LEU L 18 1.23 14.00 -3.45
C LEU L 18 0.40 13.02 -4.26
N GLY L 19 -0.91 13.11 -4.14
CA GLY L 19 -1.76 12.20 -4.87
C GLY L 19 -1.48 12.30 -6.34
N ALA L 20 -1.59 13.52 -6.86
CA ALA L 20 -1.35 13.73 -8.28
C ALA L 20 -0.04 13.09 -8.71
N ALA L 21 1.01 13.38 -7.96
CA ALA L 21 2.28 12.72 -8.18
C ALA L 21 2.05 11.23 -8.17
N TYR L 22 1.68 10.70 -7.01
CA TYR L 22 1.51 9.27 -6.89
C TYR L 22 0.59 8.74 -7.96
N GLY L 23 -0.46 9.49 -8.27
CA GLY L 23 -1.29 9.11 -9.40
C GLY L 23 -0.50 9.11 -10.69
N THR L 24 0.20 10.20 -10.96
CA THR L 24 0.96 10.30 -12.20
C THR L 24 1.88 9.10 -12.36
N ALA L 25 2.64 8.79 -11.32
CA ALA L 25 3.68 7.78 -11.41
C ALA L 25 3.13 6.45 -11.88
N LYS L 26 2.40 5.76 -11.00
CA LYS L 26 1.93 4.43 -11.35
C LYS L 26 1.08 4.44 -12.60
N SER L 27 0.49 5.59 -12.95
CA SER L 27 -0.06 5.74 -14.28
C SER L 27 1.06 5.71 -15.31
N GLY L 28 2.04 6.59 -15.16
CA GLY L 28 3.06 6.70 -16.18
C GLY L 28 3.83 5.43 -16.39
N VAL L 29 4.14 4.72 -15.30
CA VAL L 29 5.00 3.54 -15.40
C VAL L 29 4.51 2.61 -16.49
N GLY L 30 3.24 2.22 -16.42
CA GLY L 30 2.68 1.40 -17.47
C GLY L 30 2.64 2.12 -18.80
N ILE L 31 2.31 3.42 -18.78
CA ILE L 31 2.18 4.19 -20.00
C ILE L 31 3.42 4.00 -20.87
N CYS L 32 4.56 4.43 -20.37
CA CYS L 32 5.81 4.16 -21.09
C CYS L 32 6.02 2.66 -21.26
N ALA L 33 5.63 1.85 -20.28
CA ALA L 33 5.82 0.42 -20.41
C ALA L 33 4.98 -0.16 -21.54
N THR L 34 3.81 0.41 -21.79
CA THR L 34 2.98 -0.10 -22.88
C THR L 34 3.44 0.42 -24.23
N CYS L 35 3.86 1.69 -24.30
CA CYS L 35 4.17 2.32 -25.57
C CYS L 35 5.20 1.53 -26.37
N VAL L 36 6.14 0.89 -25.66
CA VAL L 36 7.14 0.08 -26.35
C VAL L 36 6.46 -0.98 -27.19
N LEU L 37 5.41 -1.60 -26.66
CA LEU L 37 4.67 -2.55 -27.47
C LEU L 37 3.85 -1.83 -28.54
N ARG L 38 3.00 -0.90 -28.13
CA ARG L 38 2.22 -0.16 -29.10
C ARG L 38 2.56 1.32 -28.98
N PRO L 39 3.26 1.88 -29.96
CA PRO L 39 3.57 3.32 -29.89
C PRO L 39 2.36 4.21 -30.08
N ASP L 40 1.27 3.66 -30.61
CA ASP L 40 0.11 4.51 -30.94
C ASP L 40 -0.61 4.99 -29.70
N LEU L 41 -0.78 4.11 -28.72
CA LEU L 41 -1.69 4.36 -27.59
C LEU L 41 -1.25 5.53 -26.72
N LEU L 42 -0.06 6.09 -26.98
CA LEU L 42 0.46 7.20 -26.20
C LEU L 42 -0.60 8.26 -25.98
N PHE L 43 -1.01 8.96 -27.04
CA PHE L 43 -1.99 10.02 -26.91
C PHE L 43 -3.26 9.54 -26.23
N LYS L 44 -3.63 8.29 -26.43
CA LYS L 44 -4.73 7.74 -25.65
C LYS L 44 -4.32 7.55 -24.20
N ASN L 45 -3.19 6.88 -23.97
CA ASN L 45 -2.80 6.55 -22.61
C ASN L 45 -2.49 7.78 -21.77
N ILE L 46 -2.46 8.97 -22.36
CA ILE L 46 -2.25 10.17 -21.57
C ILE L 46 -3.46 10.51 -20.71
N VAL L 47 -4.59 9.87 -20.94
CA VAL L 47 -5.80 10.23 -20.22
C VAL L 47 -5.61 10.20 -18.71
N PRO L 48 -5.14 9.11 -18.10
CA PRO L 48 -5.08 9.10 -16.63
C PRO L 48 -4.30 10.25 -16.05
N VAL L 49 -3.10 10.51 -16.58
CA VAL L 49 -2.28 11.56 -16.02
C VAL L 49 -2.98 12.91 -16.16
N ILE L 50 -3.46 13.21 -17.37
CA ILE L 50 -4.17 14.46 -17.57
C ILE L 50 -5.40 14.51 -16.70
N MET L 51 -6.07 13.36 -16.53
CA MET L 51 -7.07 13.26 -15.49
C MET L 51 -6.44 13.51 -14.14
N ALA L 52 -5.36 12.80 -13.84
CA ALA L 52 -4.77 12.87 -12.51
C ALA L 52 -4.43 14.31 -12.15
N GLY L 53 -3.69 14.98 -13.01
CA GLY L 53 -3.23 16.31 -12.67
C GLY L 53 -4.35 17.25 -12.30
N ILE L 54 -5.56 16.97 -12.78
CA ILE L 54 -6.69 17.84 -12.50
C ILE L 54 -6.81 18.08 -11.01
N ILE L 55 -6.66 17.01 -10.22
CA ILE L 55 -6.87 17.14 -8.79
C ILE L 55 -5.98 18.21 -8.22
N ALA L 56 -4.75 18.30 -8.72
CA ALA L 56 -3.86 19.35 -8.27
C ALA L 56 -4.53 20.70 -8.38
N ILE L 57 -5.13 20.97 -9.54
CA ILE L 57 -5.73 22.29 -9.77
C ILE L 57 -6.66 22.63 -8.64
N TYR L 58 -7.36 21.63 -8.11
CA TYR L 58 -8.28 21.88 -7.01
C TYR L 58 -7.56 22.56 -5.87
N GLY L 59 -6.65 21.83 -5.23
CA GLY L 59 -5.96 22.37 -4.07
C GLY L 59 -5.41 23.75 -4.35
N LEU L 60 -4.88 23.95 -5.54
CA LEU L 60 -4.45 25.28 -5.94
C LEU L 60 -5.57 26.27 -5.70
N VAL L 61 -6.74 26.00 -6.28
CA VAL L 61 -7.90 26.85 -6.03
C VAL L 61 -8.15 26.95 -4.54
N VAL L 62 -8.13 25.81 -3.86
CA VAL L 62 -8.39 25.80 -2.42
C VAL L 62 -7.41 26.72 -1.72
N SER L 63 -6.12 26.48 -1.92
CA SER L 63 -5.12 27.33 -1.32
C SER L 63 -5.37 28.78 -1.67
N VAL L 64 -5.47 29.06 -2.97
CA VAL L 64 -5.66 30.44 -3.42
C VAL L 64 -6.78 31.10 -2.65
N LEU L 65 -7.93 30.43 -2.59
CA LEU L 65 -9.06 31.01 -1.87
C LEU L 65 -8.69 31.27 -0.42
N VAL L 66 -8.17 30.26 0.26
CA VAL L 66 -7.81 30.44 1.67
C VAL L 66 -6.80 31.55 1.81
N CYS L 67 -5.83 31.60 0.90
CA CYS L 67 -4.80 32.62 0.96
C CYS L 67 -5.41 34.01 1.11
N TYR L 68 -6.42 34.32 0.30
CA TYR L 68 -7.05 35.62 0.43
C TYR L 68 -7.53 35.87 1.84
N SER L 69 -7.90 34.82 2.56
CA SER L 69 -8.64 35.01 3.78
C SER L 69 -7.77 35.04 5.02
N LEU L 70 -6.45 35.00 4.90
CA LEU L 70 -5.67 34.72 6.10
C LEU L 70 -5.57 35.93 7.03
N GLY L 71 -4.75 36.92 6.68
CA GLY L 71 -4.70 38.14 7.44
C GLY L 71 -3.83 38.05 8.67
N GLN L 72 -3.16 39.15 9.04
CA GLN L 72 -2.28 39.12 10.20
C GLN L 72 -3.07 38.82 11.45
N LYS L 73 -4.04 39.65 11.77
CA LYS L 73 -5.05 39.22 12.71
C LYS L 73 -6.01 38.31 11.97
N GLN L 74 -6.92 37.73 12.72
CA GLN L 74 -7.96 36.87 12.18
C GLN L 74 -8.89 36.55 13.33
N ALA L 75 -9.88 35.72 13.07
CA ALA L 75 -10.64 35.12 14.13
C ALA L 75 -10.19 33.68 14.27
N LEU L 76 -9.96 33.26 15.52
CA LEU L 76 -9.56 31.88 15.73
C LEU L 76 -10.48 30.93 15.00
N TYR L 77 -11.77 31.26 14.93
CA TYR L 77 -12.68 30.48 14.13
C TYR L 77 -12.24 30.44 12.68
N THR L 78 -11.68 31.55 12.18
CA THR L 78 -11.52 31.73 10.74
C THR L 78 -10.74 30.57 10.18
N GLY L 79 -9.46 30.52 10.42
CA GLY L 79 -8.85 29.23 10.24
C GLY L 79 -9.34 28.45 11.41
N PHE L 80 -10.21 27.51 11.15
CA PHE L 80 -10.21 26.17 11.67
C PHE L 80 -10.65 25.59 10.39
N ILE L 81 -11.77 26.15 9.97
CA ILE L 81 -12.40 25.88 8.69
C ILE L 81 -11.31 25.84 7.64
N GLN L 82 -10.45 26.85 7.64
CA GLN L 82 -9.32 26.84 6.72
C GLN L 82 -8.57 25.52 6.85
N LEU L 83 -8.17 25.17 8.06
CA LEU L 83 -7.56 23.87 8.27
C LEU L 83 -8.48 22.78 7.77
N GLY L 84 -9.73 22.83 8.17
CA GLY L 84 -10.68 21.88 7.63
C GLY L 84 -10.68 21.90 6.12
N ALA L 85 -10.59 23.09 5.54
CA ALA L 85 -10.66 23.20 4.10
C ALA L 85 -9.61 22.36 3.44
N GLY L 86 -8.35 22.61 3.77
CA GLY L 86 -7.27 21.93 3.10
C GLY L 86 -7.39 20.43 3.25
N LEU L 87 -7.43 19.98 4.51
CA LEU L 87 -7.49 18.56 4.78
C LEU L 87 -8.54 17.90 3.94
N SER L 88 -9.73 18.50 3.90
CA SER L 88 -10.82 18.02 3.09
C SER L 88 -10.33 17.77 1.68
N VAL L 89 -9.98 18.84 0.98
CA VAL L 89 -9.51 18.69 -0.39
C VAL L 89 -8.30 17.79 -0.43
N GLY L 90 -7.31 18.09 0.41
CA GLY L 90 -6.04 17.42 0.30
C GLY L 90 -6.15 15.93 0.49
N LEU L 91 -6.64 15.51 1.64
CA LEU L 91 -6.77 14.07 1.88
C LEU L 91 -7.60 13.42 0.79
N SER L 92 -8.75 14.01 0.49
CA SER L 92 -9.55 13.50 -0.61
C SER L 92 -8.71 13.33 -1.86
N GLY L 93 -8.01 14.39 -2.25
CA GLY L 93 -7.08 14.25 -3.35
C GLY L 93 -6.13 13.10 -3.12
N LEU L 94 -5.48 13.08 -1.96
CA LEU L 94 -4.54 12.00 -1.67
C LEU L 94 -5.20 10.66 -1.89
N ALA L 95 -6.46 10.54 -1.51
CA ALA L 95 -7.20 9.35 -1.91
C ALA L 95 -7.39 9.32 -3.41
N ALA L 96 -7.81 10.44 -3.99
CA ALA L 96 -8.13 10.47 -5.40
C ALA L 96 -6.97 9.92 -6.22
N GLY L 97 -5.80 10.51 -6.04
CA GLY L 97 -4.63 10.00 -6.72
C GLY L 97 -4.45 8.52 -6.47
N PHE L 98 -4.41 8.12 -5.19
CA PHE L 98 -4.21 6.71 -4.88
C PHE L 98 -5.12 5.85 -5.74
N ALA L 99 -6.34 6.30 -5.95
CA ALA L 99 -7.20 5.57 -6.86
C ALA L 99 -6.69 5.69 -8.29
N ILE L 100 -6.48 6.93 -8.73
CA ILE L 100 -6.20 7.17 -10.15
C ILE L 100 -5.09 6.27 -10.63
N GLY L 101 -3.96 6.32 -9.95
CA GLY L 101 -2.79 5.58 -10.41
C GLY L 101 -3.07 4.09 -10.53
N ILE L 102 -3.64 3.51 -9.48
CA ILE L 102 -3.90 2.07 -9.50
C ILE L 102 -4.68 1.70 -10.75
N VAL L 103 -5.88 2.24 -10.88
CA VAL L 103 -6.64 2.05 -12.11
C VAL L 103 -5.83 2.48 -13.29
N GLY L 104 -5.01 3.53 -13.12
CA GLY L 104 -4.23 4.02 -14.23
C GLY L 104 -3.42 2.95 -14.91
N ASP L 105 -2.64 2.19 -14.12
CA ASP L 105 -1.86 1.12 -14.72
C ASP L 105 -2.78 0.10 -15.38
N ALA L 106 -3.82 -0.32 -14.68
CA ALA L 106 -4.74 -1.30 -15.24
C ALA L 106 -5.22 -0.87 -16.61
N GLY L 107 -5.70 0.36 -16.71
CA GLY L 107 -6.25 0.86 -17.95
C GLY L 107 -5.28 0.74 -19.10
N VAL L 108 -4.09 1.31 -18.95
CA VAL L 108 -3.13 1.25 -20.03
C VAL L 108 -2.68 -0.18 -20.26
N ARG L 109 -2.46 -0.94 -19.19
CA ARG L 109 -2.12 -2.34 -19.37
C ARG L 109 -3.23 -3.08 -20.10
N GLY L 110 -4.47 -2.82 -19.71
CA GLY L 110 -5.59 -3.47 -20.38
C GLY L 110 -5.74 -3.01 -21.82
N SER L 111 -5.86 -1.70 -22.02
CA SER L 111 -6.07 -1.17 -23.36
C SER L 111 -5.02 -1.68 -24.33
N SER L 112 -3.81 -1.94 -23.83
CA SER L 112 -2.82 -2.63 -24.63
C SER L 112 -3.38 -3.92 -25.20
N GLN L 113 -3.72 -4.85 -24.32
CA GLN L 113 -4.27 -6.13 -24.76
C GLN L 113 -5.50 -5.91 -25.62
N GLN L 114 -6.56 -5.36 -25.04
CA GLN L 114 -7.80 -5.17 -25.76
C GLN L 114 -8.04 -3.69 -26.01
N PRO L 115 -7.87 -3.19 -27.23
CA PRO L 115 -8.20 -1.79 -27.50
C PRO L 115 -9.70 -1.57 -27.56
N ARG L 116 -10.40 -2.01 -26.50
CA ARG L 116 -11.83 -1.86 -26.36
C ARG L 116 -12.12 -1.25 -25.01
N LEU L 117 -11.68 -1.93 -23.95
CA LEU L 117 -11.96 -1.52 -22.58
C LEU L 117 -11.49 -0.11 -22.26
N PHE L 118 -10.72 0.49 -23.16
CA PHE L 118 -10.23 1.85 -22.99
C PHE L 118 -11.35 2.76 -22.51
N VAL L 119 -12.50 2.70 -23.17
CA VAL L 119 -13.65 3.49 -22.76
C VAL L 119 -14.04 3.17 -21.33
N GLY L 120 -14.08 1.89 -20.99
CA GLY L 120 -14.32 1.53 -19.60
C GLY L 120 -13.24 2.08 -18.70
N MET L 121 -11.98 1.80 -19.03
CA MET L 121 -10.87 2.37 -18.28
C MET L 121 -11.05 3.86 -18.11
N ILE L 122 -11.52 4.55 -19.15
CA ILE L 122 -11.86 5.96 -18.98
C ILE L 122 -12.98 6.10 -17.97
N LEU L 123 -14.04 5.34 -18.16
CA LEU L 123 -15.23 5.52 -17.34
C LEU L 123 -14.89 5.42 -15.86
N ILE L 124 -14.22 4.34 -15.46
CA ILE L 124 -13.85 4.18 -14.05
C ILE L 124 -13.06 5.39 -13.59
N LEU L 125 -12.06 5.78 -14.38
CA LEU L 125 -11.32 6.99 -14.06
C LEU L 125 -12.23 8.19 -14.03
N ILE L 126 -13.06 8.35 -15.08
CA ILE L 126 -14.06 9.41 -15.08
C ILE L 126 -14.85 9.36 -13.80
N PHE L 127 -15.03 8.15 -13.28
CA PHE L 127 -15.77 7.94 -12.06
C PHE L 127 -14.89 8.12 -10.83
N ALA L 128 -13.58 8.20 -11.00
CA ALA L 128 -12.69 8.32 -9.86
C ALA L 128 -12.65 9.75 -9.31
N GLU L 129 -12.51 10.74 -10.18
CA GLU L 129 -12.12 12.07 -9.73
C GLU L 129 -13.17 12.70 -8.84
N VAL L 130 -14.43 12.36 -9.04
CA VAL L 130 -15.51 13.03 -8.33
C VAL L 130 -15.24 13.03 -6.85
N LEU L 131 -14.45 12.06 -6.39
CA LEU L 131 -13.95 12.09 -5.02
C LEU L 131 -13.33 13.44 -4.73
N GLY L 132 -12.35 13.82 -5.54
CA GLY L 132 -11.74 15.12 -5.36
C GLY L 132 -12.77 16.23 -5.40
N LEU L 133 -13.65 16.17 -6.40
CA LEU L 133 -14.70 17.18 -6.53
C LEU L 133 -15.40 17.40 -5.20
N TYR L 134 -15.74 16.31 -4.52
CA TYR L 134 -16.42 16.42 -3.25
C TYR L 134 -15.62 17.27 -2.28
N GLY L 135 -14.39 16.86 -2.01
CA GLY L 135 -13.55 17.64 -1.12
C GLY L 135 -13.53 19.10 -1.52
N LEU L 136 -13.29 19.35 -2.81
CA LEU L 136 -13.35 20.71 -3.31
C LEU L 136 -14.65 21.36 -2.88
N ILE L 137 -15.77 20.72 -3.19
CA ILE L 137 -17.06 21.23 -2.77
C ILE L 137 -17.07 21.49 -1.28
N VAL L 138 -16.52 20.55 -0.51
CA VAL L 138 -16.53 20.71 0.94
C VAL L 138 -15.86 22.00 1.33
N ALA L 139 -14.59 22.13 0.96
CA ALA L 139 -13.84 23.31 1.37
C ALA L 139 -14.52 24.58 0.91
N LEU L 140 -14.97 24.60 -0.34
CA LEU L 140 -15.66 25.77 -0.85
C LEU L 140 -16.77 26.18 0.10
N LEU L 141 -17.65 25.24 0.41
CA LEU L 141 -18.65 25.49 1.42
C LEU L 141 -18.00 26.01 2.69
N LEU L 142 -16.99 25.29 3.16
CA LEU L 142 -16.28 25.73 4.34
C LEU L 142 -15.77 27.15 4.16
N ASN L 143 -15.11 27.40 3.04
CA ASN L 143 -14.68 28.77 2.73
C ASN L 143 -15.85 29.72 2.84
N SER L 144 -16.97 29.37 2.21
CA SER L 144 -18.12 30.24 2.24
C SER L 144 -18.50 30.60 3.66
N ARG L 145 -18.17 29.75 4.62
CA ARG L 145 -18.51 30.02 5.99
C ARG L 145 -17.41 30.74 6.75
N ALA L 146 -16.33 31.13 6.08
CA ALA L 146 -15.39 32.04 6.73
C ALA L 146 -16.03 33.37 7.07
N THR L 147 -17.24 33.63 6.58
CA THR L 147 -17.97 34.85 6.88
C THR L 147 -18.50 34.80 8.31
N GLN L 148 -19.15 35.89 8.73
CA GLN L 148 -19.77 36.09 10.03
C GLN L 148 -18.74 36.29 11.13
N ASP L 149 -17.52 35.79 10.92
CA ASP L 149 -16.27 36.43 11.33
C ASP L 149 -16.38 37.15 12.66
N VAL L 150 -16.54 36.41 13.75
CA VAL L 150 -16.67 37.02 15.07
C VAL L 150 -17.87 37.96 15.08
N UNK M 1 -1.53 30.32 -48.69
CA UNK M 1 -2.56 31.32 -48.43
C UNK M 1 -3.12 31.13 -47.03
N UNK M 2 -3.30 29.87 -46.64
CA UNK M 2 -3.83 29.57 -45.32
C UNK M 2 -3.02 30.25 -44.23
N UNK M 3 -1.72 30.01 -44.22
CA UNK M 3 -0.87 30.65 -43.24
C UNK M 3 -0.91 32.16 -43.33
N UNK M 4 -1.09 32.72 -44.53
CA UNK M 4 -1.10 34.17 -44.69
C UNK M 4 -2.09 34.82 -43.75
N UNK M 5 -3.00 34.02 -43.21
CA UNK M 5 -3.85 34.47 -42.12
C UNK M 5 -3.05 34.59 -40.84
N UNK M 6 -2.49 33.47 -40.36
CA UNK M 6 -2.09 33.34 -38.96
C UNK M 6 -1.35 34.56 -38.47
N UNK M 7 -0.33 35.00 -39.21
CA UNK M 7 0.33 36.26 -38.92
C UNK M 7 -0.72 37.36 -38.95
N UNK M 8 -1.33 37.58 -40.10
CA UNK M 8 -2.32 38.64 -40.25
C UNK M 8 -3.37 38.59 -39.14
N UNK M 9 -3.79 37.39 -38.76
CA UNK M 9 -4.73 37.30 -37.65
C UNK M 9 -4.02 37.54 -36.32
N UNK M 10 -2.89 36.88 -36.09
CA UNK M 10 -2.14 37.14 -34.87
C UNK M 10 -1.87 38.61 -34.69
N UNK M 11 -1.79 39.34 -35.81
CA UNK M 11 -1.62 40.79 -35.77
C UNK M 11 -2.72 41.45 -34.98
N UNK M 12 -3.95 41.39 -35.48
CA UNK M 12 -5.04 42.13 -34.88
C UNK M 12 -5.09 41.93 -33.37
N UNK M 13 -5.02 40.68 -32.92
CA UNK M 13 -5.04 40.36 -31.50
C UNK M 13 -3.92 41.07 -30.78
N UNK M 14 -2.68 40.73 -31.14
CA UNK M 14 -1.56 41.44 -30.57
C UNK M 14 -1.83 42.93 -30.63
N UNK M 15 -2.32 43.41 -31.78
CA UNK M 15 -2.75 44.79 -31.86
C UNK M 15 -3.93 45.05 -30.95
N UNK M 16 -4.75 44.04 -30.69
CA UNK M 16 -5.98 44.28 -29.95
C UNK M 16 -5.70 44.65 -28.51
N UNK M 17 -5.01 43.78 -27.78
CA UNK M 17 -4.84 44.01 -26.36
C UNK M 17 -4.24 45.38 -26.10
N UNK M 18 -3.47 45.89 -27.05
CA UNK M 18 -2.97 47.25 -26.96
C UNK M 18 -4.09 48.21 -26.60
N UNK M 19 -5.22 48.07 -27.28
CA UNK M 19 -6.40 48.81 -26.85
C UNK M 19 -6.65 48.55 -25.39
N UNK M 20 -6.78 47.26 -25.02
CA UNK M 20 -7.14 46.91 -23.65
C UNK M 20 -6.28 47.66 -22.65
N UNK M 21 -4.98 47.70 -22.91
CA UNK M 21 -4.11 48.59 -22.16
C UNK M 21 -4.60 50.02 -22.28
N UNK M 22 -4.46 50.59 -23.48
CA UNK M 22 -4.91 51.97 -23.69
C UNK M 22 -6.37 52.13 -23.31
N UNK M 23 -7.10 51.02 -23.22
CA UNK M 23 -8.41 51.03 -22.59
C UNK M 23 -8.33 50.91 -21.08
N UNK M 24 -7.47 50.03 -20.56
CA UNK M 24 -7.34 49.93 -19.12
C UNK M 24 -7.16 51.31 -18.52
N UNK M 25 -6.52 52.20 -19.27
CA UNK M 25 -6.40 53.59 -18.89
C UNK M 25 -7.74 54.22 -18.55
N UNK M 26 -8.80 53.85 -19.27
CA UNK M 26 -10.11 54.40 -18.95
C UNK M 26 -10.39 54.15 -17.49
N UNK M 27 -10.43 52.88 -17.10
CA UNK M 27 -10.83 52.52 -15.76
C UNK M 27 -9.78 52.94 -14.74
N UNK M 28 -10.23 53.30 -13.55
CA UNK M 28 -9.32 53.61 -12.47
C UNK M 28 -9.07 52.38 -11.60
N UNK M 29 -10.04 52.02 -10.79
CA UNK M 29 -9.85 51.03 -9.75
C UNK M 29 -10.22 49.65 -10.26
N UNK M 30 -9.37 48.68 -9.97
CA UNK M 30 -9.69 47.28 -10.23
C UNK M 30 -10.20 46.55 -8.99
N UNK M 31 -10.37 47.24 -7.87
CA UNK M 31 -10.90 46.62 -6.65
C UNK M 31 -11.49 47.67 -5.71
N UNK M 32 -16.30 50.94 -20.66
CA UNK M 32 -14.91 50.51 -20.66
C UNK M 32 -14.79 49.02 -20.87
N UNK M 33 -15.74 48.28 -20.31
CA UNK M 33 -15.77 46.85 -20.52
C UNK M 33 -15.89 46.51 -22.00
N UNK M 34 -16.46 47.42 -22.79
CA UNK M 34 -16.60 47.17 -24.22
C UNK M 34 -15.27 46.77 -24.80
N UNK M 35 -14.19 47.32 -24.27
CA UNK M 35 -12.87 46.80 -24.58
C UNK M 35 -12.74 45.36 -24.10
N UNK M 36 -12.93 45.14 -22.81
CA UNK M 36 -12.82 43.80 -22.29
C UNK M 36 -13.68 42.85 -23.09
N UNK M 37 -14.83 43.32 -23.54
CA UNK M 37 -15.60 42.58 -24.52
C UNK M 37 -14.71 42.31 -25.73
N UNK M 38 -14.32 43.38 -26.41
CA UNK M 38 -13.45 43.23 -27.58
C UNK M 38 -12.22 42.41 -27.23
N UNK M 39 -11.74 42.58 -26.01
CA UNK M 39 -10.52 41.90 -25.61
C UNK M 39 -10.64 40.40 -25.83
N UNK M 40 -11.60 39.77 -25.18
CA UNK M 40 -11.84 38.38 -25.48
C UNK M 40 -12.34 38.20 -26.90
N UNK M 41 -12.89 39.25 -27.50
CA UNK M 41 -13.52 39.10 -28.79
C UNK M 41 -12.48 38.92 -29.86
N UNK M 42 -11.73 39.97 -30.17
CA UNK M 42 -10.70 39.84 -31.17
C UNK M 42 -9.76 38.69 -30.86
N UNK M 43 -9.67 38.32 -29.59
CA UNK M 43 -8.78 37.27 -29.16
C UNK M 43 -9.03 35.96 -29.87
N UNK M 44 -10.16 35.31 -29.52
CA UNK M 44 -10.30 33.88 -29.76
C UNK M 44 -9.86 33.52 -31.17
N UNK M 45 -10.18 34.40 -32.13
CA UNK M 45 -9.72 34.19 -33.50
C UNK M 45 -8.23 33.89 -33.51
N UNK M 46 -7.45 34.78 -32.92
CA UNK M 46 -6.02 34.53 -32.81
C UNK M 46 -5.79 33.23 -32.07
N UNK M 47 -6.35 33.13 -30.88
CA UNK M 47 -6.22 31.89 -30.11
C UNK M 47 -6.63 30.71 -30.95
N UNK M 48 -7.57 30.90 -31.86
CA UNK M 48 -7.76 29.90 -32.90
C UNK M 48 -6.66 29.99 -33.94
N UNK M 49 -6.39 31.19 -34.44
CA UNK M 49 -5.49 31.34 -35.57
C UNK M 49 -4.14 30.71 -35.30
N UNK M 50 -3.51 31.10 -34.19
CA UNK M 50 -2.23 30.50 -33.84
C UNK M 50 -2.37 29.00 -33.74
N UNK M 51 -3.44 28.51 -33.13
CA UNK M 51 -3.71 27.09 -33.18
C UNK M 51 -4.13 26.65 -34.57
N UNK M 52 -4.63 27.57 -35.40
CA UNK M 52 -5.10 27.16 -36.72
C UNK M 52 -3.93 26.83 -37.64
N UNK M 53 -2.87 27.63 -37.59
CA UNK M 53 -1.79 27.45 -38.55
C UNK M 53 -1.04 26.16 -38.28
N UNK M 54 -0.76 25.87 -37.02
CA UNK M 54 0.08 24.73 -36.66
C UNK M 54 -0.61 23.42 -36.95
N VAL N 1 -3.45 -0.87 3.92
CA VAL N 1 -2.57 -0.97 2.78
C VAL N 1 -2.94 -2.17 1.91
N TYR N 2 -3.63 -3.14 2.51
CA TYR N 2 -3.96 -4.37 1.80
C TYR N 2 -5.22 -5.05 2.33
N PHE N 3 -6.02 -5.72 1.49
CA PHE N 3 -6.05 -5.67 0.02
C PHE N 3 -4.74 -5.97 -0.73
N ASN N 4 -4.51 -5.17 -1.77
CA ASN N 4 -3.30 -5.19 -2.58
C ASN N 4 -3.43 -4.15 -3.66
N ILE N 5 -2.32 -3.67 -4.19
CA ILE N 5 -2.36 -2.59 -5.18
C ILE N 5 -1.78 -3.11 -6.49
N ASP N 6 -0.47 -3.32 -6.51
CA ASP N 6 0.21 -3.76 -7.73
C ASP N 6 -0.32 -5.10 -8.22
N ASN N 7 -0.51 -6.05 -7.30
CA ASN N 7 -1.05 -7.35 -7.68
C ASN N 7 -2.39 -7.23 -8.37
N GLY N 8 -3.08 -6.11 -8.21
CA GLY N 8 -4.46 -5.98 -8.63
C GLY N 8 -4.77 -6.36 -10.05
N PHE N 9 -4.06 -5.79 -11.01
CA PHE N 9 -4.45 -6.02 -12.40
C PHE N 9 -4.25 -7.46 -12.81
N ILE N 10 -3.27 -8.14 -12.21
CA ILE N 10 -2.92 -9.46 -12.70
C ILE N 10 -3.97 -10.48 -12.28
N GLU N 11 -4.36 -10.46 -11.01
CA GLU N 11 -5.36 -11.42 -10.54
C GLU N 11 -6.54 -11.47 -11.48
N GLY N 12 -7.05 -10.32 -11.87
CA GLY N 12 -8.12 -10.28 -12.83
C GLY N 12 -7.74 -10.98 -14.11
N VAL N 13 -6.66 -10.53 -14.75
CA VAL N 13 -6.21 -11.19 -15.98
C VAL N 13 -6.06 -12.68 -15.73
N VAL N 14 -5.32 -13.04 -14.70
CA VAL N 14 -5.08 -14.43 -14.35
C VAL N 14 -6.41 -15.16 -14.32
N ARG N 15 -7.26 -14.80 -13.36
CA ARG N 15 -8.55 -15.46 -13.23
C ARG N 15 -9.27 -15.48 -14.57
N GLY N 16 -9.11 -14.44 -15.37
CA GLY N 16 -9.68 -14.43 -16.69
C GLY N 16 -9.16 -15.56 -17.54
N TYR N 17 -7.84 -15.66 -17.68
CA TYR N 17 -7.25 -16.73 -18.48
C TYR N 17 -7.77 -18.08 -18.04
N ARG N 18 -7.69 -18.36 -16.73
CA ARG N 18 -8.18 -19.63 -16.23
C ARG N 18 -9.64 -19.82 -16.58
N ASN N 19 -10.43 -18.76 -16.46
CA ASN N 19 -11.81 -18.82 -16.91
C ASN N 19 -11.92 -19.18 -18.38
N GLY N 20 -10.80 -19.15 -19.09
CA GLY N 20 -10.75 -19.67 -20.45
C GLY N 20 -10.02 -20.99 -20.62
N LEU N 21 -9.65 -21.66 -19.52
CA LEU N 21 -9.10 -23.00 -19.66
C LEU N 21 -10.11 -23.89 -20.37
N LEU N 22 -9.61 -24.81 -21.18
CA LEU N 22 -10.47 -25.55 -22.09
C LEU N 22 -11.55 -26.31 -21.32
N SER N 23 -12.70 -26.45 -21.95
CA SER N 23 -13.91 -26.88 -21.27
C SER N 23 -14.00 -28.40 -21.23
N ASN N 24 -14.32 -28.93 -20.03
CA ASN N 24 -14.50 -30.37 -19.88
C ASN N 24 -15.43 -30.93 -20.93
N ASN N 25 -16.54 -30.24 -21.19
CA ASN N 25 -17.42 -30.60 -22.30
C ASN N 25 -16.72 -30.45 -23.64
N GLN N 26 -15.74 -29.56 -23.74
CA GLN N 26 -15.05 -29.39 -25.00
C GLN N 26 -14.01 -30.49 -25.23
N TYR N 27 -13.41 -31.01 -24.17
CA TYR N 27 -12.44 -32.09 -24.36
C TYR N 27 -13.11 -33.28 -25.03
N ILE N 28 -14.23 -33.73 -24.46
CA ILE N 28 -15.05 -34.72 -25.16
C ILE N 28 -15.32 -34.24 -26.57
N ASN N 29 -15.72 -32.97 -26.71
CA ASN N 29 -15.93 -32.42 -28.04
C ASN N 29 -14.65 -32.52 -28.86
N LEU N 30 -13.52 -32.18 -28.26
CA LEU N 30 -12.26 -32.40 -28.96
C LEU N 30 -11.97 -33.89 -29.10
N THR N 31 -12.55 -34.72 -28.25
CA THR N 31 -12.24 -36.14 -28.31
C THR N 31 -12.80 -36.79 -29.56
N GLN N 32 -13.89 -36.25 -30.10
CA GLN N 32 -14.59 -36.89 -31.20
C GLN N 32 -14.07 -36.45 -32.56
N CYS N 33 -12.95 -35.74 -32.61
CA CYS N 33 -12.57 -34.83 -33.69
C CYS N 33 -11.91 -35.51 -34.86
N ASP N 34 -12.05 -36.83 -35.03
CA ASP N 34 -11.06 -37.69 -35.68
C ASP N 34 -10.36 -37.11 -36.90
N THR N 35 -11.03 -36.27 -37.66
CA THR N 35 -10.31 -35.57 -38.72
C THR N 35 -9.20 -34.72 -38.12
N LEU N 36 -7.98 -34.93 -38.59
CA LEU N 36 -6.84 -34.25 -38.00
C LEU N 36 -7.04 -32.75 -38.00
N GLU N 37 -7.43 -32.19 -39.15
CA GLU N 37 -7.69 -30.75 -39.22
C GLU N 37 -8.78 -30.34 -38.27
N ASP N 38 -9.77 -31.22 -38.06
CA ASP N 38 -10.83 -30.90 -37.11
C ASP N 38 -10.27 -30.65 -35.72
N LEU N 39 -9.15 -31.27 -35.39
CA LEU N 39 -8.49 -30.92 -34.15
C LEU N 39 -8.13 -29.44 -34.12
N LYS N 40 -7.83 -28.87 -35.28
CA LYS N 40 -7.60 -27.42 -35.33
C LYS N 40 -8.91 -26.65 -35.31
N LEU N 41 -9.86 -27.04 -36.17
CA LEU N 41 -11.09 -26.28 -36.27
C LEU N 41 -11.82 -26.27 -34.94
N GLN N 42 -12.16 -27.45 -34.43
CA GLN N 42 -12.86 -27.52 -33.16
C GLN N 42 -12.09 -26.81 -32.07
N LEU N 43 -10.77 -26.83 -32.12
CA LEU N 43 -9.99 -26.03 -31.19
C LEU N 43 -10.17 -24.56 -31.50
N SER N 44 -10.06 -24.18 -32.77
CA SER N 44 -10.22 -22.79 -33.16
C SER N 44 -11.57 -22.25 -32.79
N SER N 45 -12.50 -23.11 -32.42
CA SER N 45 -13.76 -22.67 -31.86
C SER N 45 -13.60 -22.28 -30.40
N THR N 46 -12.71 -22.93 -29.68
CA THR N 46 -12.67 -22.75 -28.23
C THR N 46 -12.13 -21.37 -27.89
N ASP N 47 -12.14 -21.06 -26.61
CA ASP N 47 -11.62 -19.78 -26.13
C ASP N 47 -10.12 -19.70 -26.26
N TYR N 48 -9.50 -20.79 -26.69
CA TYR N 48 -8.08 -20.90 -26.87
C TYR N 48 -7.65 -20.65 -28.31
N GLY N 49 -8.59 -20.31 -29.18
CA GLY N 49 -8.41 -20.46 -30.61
C GLY N 49 -7.82 -19.26 -31.30
N ASN N 50 -7.81 -19.36 -32.63
CA ASN N 50 -7.28 -18.43 -33.64
C ASN N 50 -5.76 -18.53 -33.79
N PHE N 51 -5.08 -19.34 -32.97
CA PHE N 51 -3.63 -19.42 -33.06
C PHE N 51 -3.20 -20.25 -34.26
N LEU N 52 -3.79 -21.41 -34.42
CA LEU N 52 -3.32 -22.31 -35.46
C LEU N 52 -3.74 -21.83 -36.84
N SER N 53 -4.74 -20.96 -36.92
CA SER N 53 -5.35 -20.60 -38.19
C SER N 53 -4.35 -20.02 -39.18
N SER N 54 -3.17 -19.63 -38.74
CA SER N 54 -2.17 -19.14 -39.68
C SER N 54 -1.53 -20.29 -40.44
N VAL N 55 -0.80 -21.13 -39.74
CA VAL N 55 0.00 -22.17 -40.37
C VAL N 55 -0.86 -23.38 -40.64
N SER N 56 -2.16 -23.25 -40.38
CA SER N 56 -3.08 -24.37 -40.43
C SER N 56 -3.15 -25.01 -41.80
N SER N 57 -2.47 -24.44 -42.80
CA SER N 57 -2.67 -24.89 -44.16
C SER N 57 -1.94 -26.22 -44.34
N GLU N 58 -2.71 -27.30 -44.47
CA GLU N 58 -2.26 -28.62 -44.89
C GLU N 58 -0.91 -29.00 -44.28
N SER N 59 -0.70 -28.64 -43.02
CA SER N 59 0.62 -28.76 -42.43
C SER N 59 0.58 -29.50 -41.11
N LEU N 60 -0.20 -28.96 -40.18
CA LEU N 60 0.04 -29.15 -38.75
C LEU N 60 0.27 -30.61 -38.42
N THR N 61 1.38 -30.87 -37.75
CA THR N 61 1.69 -32.15 -37.16
C THR N 61 1.48 -32.06 -35.66
N THR N 62 1.63 -33.20 -34.99
CA THR N 62 1.51 -33.20 -33.55
C THR N 62 2.44 -32.17 -32.92
N SER N 63 3.68 -32.13 -33.39
CA SER N 63 4.67 -31.25 -32.78
C SER N 63 4.25 -29.80 -32.86
N LEU N 64 4.08 -29.29 -34.07
CA LEU N 64 3.68 -27.89 -34.22
C LEU N 64 2.41 -27.63 -33.43
N ILE N 65 1.43 -28.52 -33.56
CA ILE N 65 0.20 -28.39 -32.79
C ILE N 65 0.54 -28.25 -31.31
N GLN N 66 1.50 -29.03 -30.84
CA GLN N 66 1.94 -28.86 -29.46
C GLN N 66 2.90 -27.69 -29.32
N GLU N 67 3.76 -27.48 -30.32
CA GLU N 67 4.72 -26.40 -30.20
C GLU N 67 4.03 -25.05 -30.20
N TYR N 68 3.25 -24.77 -31.23
CA TYR N 68 2.52 -23.52 -31.28
C TYR N 68 1.51 -23.42 -30.15
N ALA N 69 1.13 -24.55 -29.57
CA ALA N 69 0.25 -24.48 -28.41
C ALA N 69 0.93 -23.77 -27.26
N SER N 70 2.08 -24.28 -26.83
CA SER N 70 2.74 -23.73 -25.65
C SER N 70 3.10 -22.27 -25.88
N SER N 71 3.49 -21.93 -27.10
CA SER N 71 3.98 -20.58 -27.37
C SER N 71 2.98 -19.52 -26.95
N LYS N 72 1.69 -19.85 -26.88
CA LYS N 72 0.75 -18.92 -26.28
C LYS N 72 1.10 -18.70 -24.81
N LEU N 73 1.10 -19.78 -24.01
CA LEU N 73 1.45 -19.64 -22.60
C LEU N 73 2.77 -18.91 -22.44
N TYR N 74 3.84 -19.52 -22.94
CA TYR N 74 5.17 -18.96 -22.77
C TYR N 74 5.19 -17.49 -23.16
N HIS N 75 4.37 -17.09 -24.12
CA HIS N 75 4.25 -15.66 -24.40
C HIS N 75 3.34 -14.98 -23.38
N GLU N 76 2.19 -15.57 -23.11
CA GLU N 76 1.27 -14.95 -22.16
C GLU N 76 1.96 -14.75 -20.82
N PHE N 77 2.62 -15.80 -20.33
CA PHE N 77 3.25 -15.73 -19.02
C PHE N 77 4.15 -14.51 -18.92
N ASN N 78 4.82 -14.16 -20.02
CA ASN N 78 5.60 -12.94 -20.00
C ASN N 78 4.71 -11.73 -19.80
N TYR N 79 3.58 -11.69 -20.49
CA TYR N 79 2.69 -10.55 -20.35
C TYR N 79 2.25 -10.36 -18.91
N ILE N 80 2.21 -11.44 -18.13
CA ILE N 80 2.00 -11.28 -16.69
C ILE N 80 3.29 -10.82 -16.03
N ARG N 81 4.40 -11.47 -16.35
CA ARG N 81 5.67 -11.02 -15.80
C ARG N 81 5.92 -9.58 -16.18
N ASP N 82 5.93 -9.29 -17.48
CA ASP N 82 6.33 -7.98 -17.92
C ASP N 82 5.40 -6.90 -17.37
N GLN N 83 4.15 -7.24 -17.06
CA GLN N 83 3.22 -6.27 -16.53
C GLN N 83 3.15 -6.28 -15.01
N SER N 84 3.98 -7.08 -14.35
CA SER N 84 4.02 -7.14 -12.90
C SER N 84 5.16 -6.29 -12.39
N SER N 85 4.92 -5.56 -11.30
CA SER N 85 5.92 -4.66 -10.74
C SER N 85 5.98 -4.83 -9.24
N GLY N 86 7.18 -5.04 -8.71
CA GLY N 86 7.36 -5.21 -7.29
C GLY N 86 7.46 -6.67 -6.87
N SER N 87 7.16 -6.89 -5.59
CA SER N 87 7.34 -8.20 -4.97
C SER N 87 6.72 -9.31 -5.80
N THR N 88 5.62 -9.03 -6.48
CA THR N 88 5.04 -10.03 -7.36
C THR N 88 6.06 -10.51 -8.37
N ARG N 89 6.85 -9.59 -8.93
CA ARG N 89 7.80 -9.97 -9.97
C ARG N 89 8.71 -11.10 -9.49
N LYS N 90 9.27 -10.96 -8.29
CA LYS N 90 10.11 -12.01 -7.75
C LYS N 90 9.40 -13.35 -7.79
N PHE N 91 8.20 -13.42 -7.20
CA PHE N 91 7.45 -14.68 -7.24
C PHE N 91 7.34 -15.19 -8.66
N MET N 92 7.00 -14.31 -9.59
CA MET N 92 7.00 -14.71 -10.98
C MET N 92 8.38 -15.23 -11.36
N ASP N 93 9.43 -14.51 -10.98
CA ASP N 93 10.78 -14.98 -11.28
C ASP N 93 11.03 -16.35 -10.67
N TYR N 94 10.76 -16.49 -9.38
CA TYR N 94 11.01 -17.78 -8.74
C TYR N 94 10.20 -18.89 -9.38
N ILE N 95 9.13 -18.58 -10.10
CA ILE N 95 8.47 -19.62 -10.87
C ILE N 95 9.30 -19.96 -12.10
N THR N 96 10.07 -19.01 -12.60
CA THR N 96 10.91 -19.29 -13.75
C THR N 96 12.18 -20.03 -13.35
N TYR N 97 12.77 -19.68 -12.21
CA TYR N 97 14.03 -20.28 -11.79
C TYR N 97 13.94 -21.78 -11.78
N GLY N 98 13.19 -22.34 -10.81
CA GLY N 98 13.09 -23.79 -10.70
C GLY N 98 12.74 -24.44 -12.02
N TYR N 99 12.00 -23.73 -12.86
CA TYR N 99 11.72 -24.19 -14.21
C TYR N 99 12.92 -24.03 -15.12
N MET N 100 13.84 -23.12 -14.81
CA MET N 100 15.02 -22.96 -15.65
C MET N 100 16.08 -24.00 -15.35
N ILE N 101 16.15 -24.47 -14.11
CA ILE N 101 17.21 -25.36 -13.66
C ILE N 101 17.22 -26.60 -14.52
N ASP N 102 16.21 -27.45 -14.35
CA ASP N 102 16.11 -28.67 -15.14
C ASP N 102 16.22 -28.36 -16.62
N ASN N 103 15.67 -27.23 -17.04
CA ASN N 103 15.90 -26.77 -18.39
C ASN N 103 17.40 -26.76 -18.69
N VAL N 104 18.16 -26.05 -17.86
CA VAL N 104 19.61 -26.00 -18.07
C VAL N 104 20.21 -27.39 -17.99
N ALA N 105 19.71 -28.20 -17.06
CA ALA N 105 20.20 -29.58 -16.95
C ALA N 105 20.06 -30.30 -18.28
N LEU N 106 18.96 -30.06 -19.00
CA LEU N 106 18.70 -30.81 -20.21
C LEU N 106 19.82 -30.63 -21.22
N MET N 107 20.11 -29.38 -21.59
CA MET N 107 21.05 -29.15 -22.68
C MET N 107 22.38 -29.83 -22.41
N ILE N 108 22.85 -29.80 -21.17
CA ILE N 108 24.10 -30.47 -20.83
C ILE N 108 23.98 -31.96 -21.09
N THR N 109 22.99 -32.59 -20.45
CA THR N 109 22.79 -34.03 -20.57
C THR N 109 22.47 -34.43 -22.00
N LEU N 121 19.39 -26.28 -29.58
CA LEU N 121 18.44 -27.19 -29.00
C LEU N 121 18.39 -27.05 -27.48
N GLN N 122 18.81 -25.90 -26.98
CA GLN N 122 18.64 -25.62 -25.56
C GLN N 122 17.16 -25.65 -25.23
N ARG N 123 16.84 -26.18 -24.06
CA ARG N 123 15.46 -26.48 -23.75
C ARG N 123 15.06 -25.95 -22.39
N CYS N 124 13.77 -25.72 -22.17
CA CYS N 124 12.77 -25.53 -23.22
C CYS N 124 11.84 -24.48 -22.69
N HIS N 125 11.62 -23.40 -23.45
CA HIS N 125 10.77 -22.33 -22.98
C HIS N 125 11.49 -21.65 -21.81
N PRO N 126 11.01 -20.51 -21.31
CA PRO N 126 11.92 -19.47 -20.83
C PRO N 126 13.02 -19.98 -19.90
N LEU N 127 14.23 -19.50 -20.14
CA LEU N 127 15.36 -19.72 -19.25
C LEU N 127 16.40 -18.65 -19.51
N GLY N 128 17.25 -18.42 -18.52
CA GLY N 128 18.27 -17.39 -18.66
C GLY N 128 19.19 -17.68 -19.83
N TRP N 129 19.28 -16.72 -20.74
CA TRP N 129 19.79 -17.00 -22.08
C TRP N 129 21.23 -17.49 -22.04
N PHE N 130 22.07 -16.89 -21.19
CA PHE N 130 23.49 -17.27 -21.19
C PHE N 130 23.67 -18.77 -21.02
N ASP N 131 22.63 -19.46 -20.55
CA ASP N 131 22.62 -20.90 -20.55
C ASP N 131 22.76 -21.47 -21.95
N THR N 132 22.57 -20.67 -22.99
CA THR N 132 22.88 -21.16 -24.32
C THR N 132 24.33 -21.58 -24.44
N LEU N 133 25.20 -21.02 -23.62
CA LEU N 133 26.62 -21.32 -23.66
C LEU N 133 26.87 -22.78 -23.27
N PRO N 134 26.12 -23.31 -22.32
CA PRO N 134 26.47 -24.62 -21.74
C PRO N 134 26.61 -25.71 -22.78
N THR N 135 26.01 -25.49 -23.94
CA THR N 135 26.15 -26.45 -25.01
C THR N 135 27.55 -26.35 -25.60
N UNK N 153 34.46 -25.64 -15.51
CA UNK N 153 33.34 -26.35 -14.93
C UNK N 153 32.04 -25.59 -15.15
N UNK N 154 30.91 -26.26 -14.91
CA UNK N 154 29.63 -25.58 -15.00
C UNK N 154 29.56 -24.38 -14.08
N UNK N 155 30.34 -24.39 -13.00
CA UNK N 155 30.45 -23.22 -12.16
C UNK N 155 31.26 -22.11 -12.82
N UNK N 156 31.88 -22.36 -13.97
CA UNK N 156 32.45 -21.26 -14.73
C UNK N 156 31.36 -20.50 -15.48
N UNK N 157 30.52 -21.21 -16.20
CA UNK N 157 29.47 -20.55 -16.99
C UNK N 157 28.28 -20.16 -16.15
N UNK N 158 27.76 -21.08 -15.34
CA UNK N 158 26.51 -20.81 -14.64
C UNK N 158 26.70 -19.83 -13.50
N UNK N 159 27.94 -19.63 -13.02
CA UNK N 159 28.16 -18.89 -11.78
C UNK N 159 27.45 -17.55 -11.79
N UNK N 160 27.63 -16.76 -12.84
CA UNK N 160 27.00 -15.46 -12.87
C UNK N 160 25.52 -15.55 -13.19
N UNK N 161 25.03 -16.68 -13.69
CA UNK N 161 23.62 -16.79 -14.03
C UNK N 161 22.79 -16.50 -12.79
N UNK N 162 22.75 -17.45 -11.87
CA UNK N 162 22.41 -17.22 -10.48
C UNK N 162 21.31 -16.16 -10.29
N UNK N 163 20.05 -16.42 -10.65
CA UNK N 163 19.49 -17.66 -11.12
C UNK N 163 19.84 -18.84 -10.24
N UNK N 164 20.11 -19.97 -10.87
CA UNK N 164 20.30 -21.18 -10.10
C UNK N 164 21.58 -21.11 -9.29
N UNK N 165 22.70 -20.83 -9.95
CA UNK N 165 24.01 -21.09 -9.35
C UNK N 165 24.15 -20.47 -7.97
N UNK N 166 23.40 -19.40 -7.71
CA UNK N 166 23.35 -18.89 -6.35
C UNK N 166 22.83 -19.93 -5.37
N UNK N 167 22.13 -20.95 -5.86
CA UNK N 167 21.59 -21.96 -4.97
C UNK N 167 22.61 -23.01 -4.57
N UNK N 168 23.45 -23.45 -5.51
CA UNK N 168 24.30 -24.61 -5.26
C UNK N 168 25.54 -24.29 -4.45
N UNK N 169 26.23 -23.20 -4.76
CA UNK N 169 27.58 -23.01 -4.26
C UNK N 169 27.62 -22.89 -2.74
N UNK N 170 26.66 -22.18 -2.15
CA UNK N 170 26.66 -21.98 -0.71
C UNK N 170 26.74 -23.31 0.03
N UNK N 171 26.25 -24.38 -0.57
CA UNK N 171 26.42 -25.71 -0.02
C UNK N 171 27.71 -26.38 -0.47
N UNK N 172 28.52 -25.72 -1.28
CA UNK N 172 29.79 -26.29 -1.72
C UNK N 172 30.85 -25.23 -1.93
N ASN N 173 28.02 -36.54 -12.05
CA ASN N 173 26.67 -37.08 -12.03
C ASN N 173 25.64 -35.97 -12.21
N ILE N 174 25.31 -35.68 -13.48
CA ILE N 174 24.40 -34.58 -13.78
C ILE N 174 23.08 -34.76 -13.06
N GLU N 175 22.60 -36.00 -12.99
CA GLU N 175 21.40 -36.27 -12.20
C GLU N 175 21.58 -35.77 -10.77
N ILE N 176 22.67 -36.18 -10.13
CA ILE N 176 22.99 -35.64 -8.82
C ILE N 176 23.07 -34.13 -8.88
N ILE N 177 23.64 -33.60 -9.96
CA ILE N 177 23.78 -32.16 -10.10
C ILE N 177 22.40 -31.49 -10.10
N ARG N 178 21.58 -31.84 -11.08
CA ARG N 178 20.27 -31.19 -11.21
C ARG N 178 19.45 -31.39 -9.96
N ASN N 179 19.33 -32.65 -9.51
CA ASN N 179 18.58 -32.92 -8.30
C ASN N 179 19.05 -32.05 -7.16
N LYS N 180 20.36 -32.04 -6.90
CA LYS N 180 20.88 -31.21 -5.82
C LYS N 180 20.57 -29.74 -6.07
N LEU N 181 20.72 -29.29 -7.32
CA LEU N 181 20.26 -27.96 -7.68
C LEU N 181 18.78 -27.80 -7.37
N TYR N 182 17.97 -28.67 -7.96
CA TYR N 182 16.53 -28.59 -7.83
C TYR N 182 16.08 -28.57 -6.39
N LYS N 183 16.93 -29.04 -5.48
CA LYS N 183 16.70 -28.87 -4.06
C LYS N 183 16.57 -27.39 -3.70
N ALA N 184 17.68 -26.67 -3.79
CA ALA N 184 17.72 -25.33 -3.22
C ALA N 184 16.79 -24.38 -3.95
N TYR N 185 16.88 -24.35 -5.28
CA TYR N 185 15.97 -23.49 -6.05
C TYR N 185 14.53 -23.78 -5.71
N LEU N 186 14.22 -24.97 -5.20
CA LEU N 186 12.96 -25.15 -4.52
C LEU N 186 13.04 -24.66 -3.08
N GLU N 187 14.13 -24.96 -2.38
CA GLU N 187 14.22 -24.65 -0.97
C GLU N 187 14.03 -23.16 -0.70
N ASP N 188 15.01 -22.35 -1.09
CA ASP N 188 14.96 -20.91 -0.79
C ASP N 188 13.64 -20.32 -1.27
N PHE N 189 13.15 -20.81 -2.40
CA PHE N 189 11.81 -20.47 -2.86
C PHE N 189 10.80 -20.65 -1.75
N TYR N 190 10.82 -21.82 -1.11
CA TYR N 190 9.87 -22.07 -0.03
C TYR N 190 10.04 -21.04 1.07
N ASN N 191 11.27 -20.86 1.54
CA ASN N 191 11.51 -19.83 2.54
C ASN N 191 11.14 -18.45 2.02
N PHE N 192 11.13 -18.27 0.69
CA PHE N 192 10.76 -16.97 0.16
C PHE N 192 9.26 -16.78 0.14
N VAL N 193 8.48 -17.86 0.01
CA VAL N 193 7.04 -17.73 -0.11
C VAL N 193 6.42 -17.04 1.08
N THR N 194 7.16 -16.90 2.17
CA THR N 194 6.62 -16.36 3.41
C THR N 194 6.83 -14.86 3.56
N GLU N 195 7.48 -14.21 2.59
CA GLU N 195 7.53 -12.76 2.56
C GLU N 195 6.46 -12.14 1.66
N GLU N 196 5.77 -12.93 0.84
CA GLU N 196 4.79 -12.43 -0.10
C GLU N 196 3.35 -12.58 0.37
N ILE N 197 3.10 -13.32 1.44
CA ILE N 197 1.79 -13.93 1.60
C ILE N 197 1.13 -13.36 2.84
N PRO N 198 0.14 -12.49 2.70
CA PRO N 198 -0.71 -12.14 3.83
C PRO N 198 -2.01 -12.94 3.81
N UNK N 199 -1.37 -15.03 1.49
CA UNK N 199 -1.93 -16.37 1.55
C UNK N 199 -0.83 -17.42 1.44
N UNK N 200 -0.16 -17.67 2.57
CA UNK N 200 0.92 -18.64 2.66
C UNK N 200 0.47 -20.05 2.30
N UNK N 201 -0.42 -20.60 3.11
CA UNK N 201 -0.72 -22.03 3.08
C UNK N 201 -1.12 -22.49 1.69
N UNK N 202 -2.15 -21.86 1.09
CA UNK N 202 -2.58 -22.25 -0.23
C UNK N 202 -1.42 -22.24 -1.23
N UNK N 203 -0.46 -21.33 -1.03
CA UNK N 203 0.80 -21.40 -1.77
C UNK N 203 1.77 -22.36 -1.12
N UNK N 204 1.79 -22.42 0.22
CA UNK N 204 2.77 -23.25 0.92
C UNK N 204 2.61 -24.71 0.53
N UNK N 205 1.41 -25.26 0.74
CA UNK N 205 1.17 -26.63 0.30
C UNK N 205 1.35 -26.74 -1.20
N UNK N 206 1.15 -25.65 -1.94
CA UNK N 206 1.22 -25.71 -3.39
C UNK N 206 2.60 -26.15 -3.85
N UNK N 207 3.65 -25.41 -3.45
CA UNK N 207 4.99 -25.86 -3.76
C UNK N 207 5.25 -27.23 -3.14
N UNK N 208 4.65 -27.50 -1.98
CA UNK N 208 4.85 -28.77 -1.32
C UNK N 208 4.32 -29.92 -2.17
N UNK N 209 3.04 -29.87 -2.53
CA UNK N 209 2.46 -30.93 -3.36
C UNK N 209 3.21 -31.09 -4.66
N UNK N 210 3.94 -30.08 -5.10
CA UNK N 210 4.99 -30.31 -6.09
C UNK N 210 6.23 -30.86 -5.44
N UNK N 211 6.67 -30.27 -4.34
CA UNK N 211 7.92 -30.65 -3.73
C UNK N 211 7.96 -32.15 -3.47
N UNK N 212 6.97 -32.66 -2.73
CA UNK N 212 6.95 -34.07 -2.42
C UNK N 212 7.02 -34.92 -3.69
N UNK N 213 6.38 -34.46 -4.76
CA UNK N 213 6.44 -35.19 -6.01
C UNK N 213 7.83 -35.24 -6.60
N UNK N 214 8.75 -34.42 -6.10
CA UNK N 214 10.13 -34.56 -6.53
C UNK N 214 10.79 -35.75 -5.86
N UNK N 215 10.63 -35.85 -4.54
CA UNK N 215 11.30 -36.90 -3.77
C UNK N 215 10.85 -38.28 -4.22
N UNK N 216 9.54 -38.55 -4.11
CA UNK N 216 9.01 -39.83 -4.54
C UNK N 216 9.52 -40.19 -5.93
N UNK N 217 9.48 -39.22 -6.84
CA UNK N 217 10.07 -39.45 -8.15
C UNK N 217 11.54 -39.82 -8.02
N UNK N 218 12.33 -38.96 -7.38
CA UNK N 218 13.73 -39.26 -7.17
C UNK N 218 13.89 -40.59 -6.46
N UNK N 219 13.05 -40.86 -5.48
CA UNK N 219 13.09 -42.15 -4.80
C UNK N 219 12.92 -43.29 -5.79
N UNK N 220 11.87 -43.20 -6.61
CA UNK N 220 11.76 -44.15 -7.72
C UNK N 220 12.97 -44.06 -8.62
N UNK N 221 13.45 -42.85 -8.87
CA UNK N 221 14.64 -42.71 -9.70
C UNK N 221 15.84 -43.38 -9.06
N UNK N 222 15.89 -43.42 -7.73
CA UNK N 222 16.98 -44.06 -7.04
C UNK N 222 16.68 -45.50 -6.64
N UNK N 223 15.51 -46.01 -7.00
CA UNK N 223 15.17 -47.39 -6.66
C UNK N 223 15.95 -48.36 -7.53
N UNK N 224 21.16 -33.87 -0.23
CA UNK N 224 20.59 -33.87 -1.57
C UNK N 224 19.68 -35.06 -1.75
N UNK N 225 19.82 -36.04 -0.85
CA UNK N 225 18.88 -37.14 -0.84
C UNK N 225 17.46 -36.61 -0.62
N UNK N 226 16.54 -37.02 -1.50
CA UNK N 226 15.15 -36.58 -1.45
C UNK N 226 15.02 -35.07 -1.44
N UNK N 227 15.69 -34.40 -2.38
CA UNK N 227 15.64 -32.95 -2.52
C UNK N 227 16.25 -32.26 -1.32
N UNK N 228 16.71 -33.04 -0.34
CA UNK N 228 17.20 -32.50 0.92
C UNK N 228 16.14 -31.67 1.62
N UNK N 229 14.89 -31.91 1.24
CA UNK N 229 13.72 -31.20 1.77
C UNK N 229 12.52 -31.73 1.04
N UNK N 230 7.35 -35.50 2.08
CA UNK N 230 6.31 -35.27 3.06
C UNK N 230 6.91 -34.79 4.36
N UNK N 231 7.28 -33.51 4.38
CA UNK N 231 7.84 -32.83 5.55
C UNK N 231 9.08 -33.58 6.04
N UNK N 232 9.30 -33.70 7.34
CA UNK N 232 10.50 -34.33 7.88
C UNK N 232 10.43 -35.85 7.94
N UNK N 233 9.28 -36.40 8.37
CA UNK N 233 9.22 -37.81 8.72
C UNK N 233 9.52 -38.70 7.53
N UNK N 234 8.73 -38.56 6.47
CA UNK N 234 8.89 -39.43 5.31
C UNK N 234 10.25 -39.28 4.65
N UNK N 235 10.96 -38.18 4.93
CA UNK N 235 12.30 -38.04 4.39
C UNK N 235 13.22 -39.14 4.90
N UNK N 236 13.12 -39.49 6.18
CA UNK N 236 14.00 -40.48 6.77
C UNK N 236 13.90 -41.81 6.03
N UNK N 237 12.68 -42.32 5.88
CA UNK N 237 12.52 -43.60 5.19
C UNK N 237 12.91 -43.49 3.73
N UNK N 238 12.72 -42.30 3.13
CA UNK N 238 12.98 -42.14 1.70
C UNK N 238 14.41 -42.50 1.34
N UNK N 239 15.36 -42.14 2.20
CA UNK N 239 16.75 -42.48 1.96
C UNK N 239 17.24 -43.45 3.02
N LEU N 240 1.09 -43.80 -11.51
CA LEU N 240 2.22 -43.06 -10.97
C LEU N 240 2.30 -41.69 -11.61
N GLU N 241 3.00 -41.63 -12.74
CA GLU N 241 3.18 -40.36 -13.45
C GLU N 241 1.83 -39.72 -13.75
N ASP N 242 0.98 -40.44 -14.47
CA ASP N 242 -0.39 -39.97 -14.66
C ASP N 242 -1.06 -39.74 -13.31
N HIS N 243 -1.11 -40.77 -12.48
CA HIS N 243 -1.81 -40.67 -11.21
C HIS N 243 -1.30 -39.50 -10.39
N PHE N 244 -0.02 -39.14 -10.54
CA PHE N 244 0.51 -37.98 -9.83
C PHE N 244 -0.21 -36.70 -10.25
N TYR N 245 -0.27 -36.46 -11.56
CA TYR N 245 -0.78 -35.19 -12.05
C TYR N 245 -2.17 -34.90 -11.51
N GLN N 246 -3.04 -35.91 -11.47
CA GLN N 246 -4.40 -35.69 -10.99
C GLN N 246 -4.44 -35.18 -9.57
N LEU N 247 -3.36 -35.33 -8.81
CA LEU N 247 -3.27 -34.64 -7.52
C LEU N 247 -2.84 -33.19 -7.69
N GLU N 248 -2.07 -32.89 -8.74
CA GLU N 248 -1.52 -31.55 -8.88
C GLU N 248 -2.60 -30.53 -9.21
N MET N 249 -3.34 -30.78 -10.29
CA MET N 249 -4.42 -29.86 -10.66
C MET N 249 -5.47 -29.81 -9.56
N GLU N 250 -5.86 -30.96 -9.03
CA GLU N 250 -6.79 -30.97 -7.90
C GLU N 250 -6.27 -30.09 -6.77
N LEU N 251 -4.98 -30.21 -6.47
CA LEU N 251 -4.39 -29.34 -5.47
C LEU N 251 -4.49 -27.88 -5.89
N CYS N 252 -4.31 -27.60 -7.18
CA CYS N 252 -4.41 -26.22 -7.63
C CYS N 252 -5.85 -25.76 -7.67
N ARG N 253 -6.75 -26.61 -8.17
CA ARG N 253 -8.14 -26.20 -8.37
C ARG N 253 -8.78 -25.74 -7.08
N ASP N 254 -8.47 -26.39 -5.97
CA ASP N 254 -8.94 -25.89 -4.69
C ASP N 254 -8.13 -24.68 -4.25
N ALA N 255 -6.84 -24.66 -4.57
CA ALA N 255 -6.04 -23.47 -4.29
C ALA N 255 -6.37 -22.35 -5.25
N PHE N 256 -7.09 -22.65 -6.33
CA PHE N 256 -7.38 -21.64 -7.33
C PHE N 256 -8.22 -20.50 -6.79
N THR N 257 -8.93 -20.70 -5.69
CA THR N 257 -9.78 -19.65 -5.16
C THR N 257 -9.23 -19.19 -3.82
N GLN N 258 -8.59 -18.03 -3.83
CA GLN N 258 -8.56 -17.13 -2.70
C GLN N 258 -8.60 -15.73 -3.27
N GLN N 259 -9.62 -14.95 -2.90
CA GLN N 259 -9.79 -13.65 -3.53
C GLN N 259 -8.67 -12.72 -3.14
N PHE N 260 -8.19 -11.94 -4.11
CA PHE N 260 -7.08 -11.01 -3.90
C PHE N 260 -5.86 -11.74 -3.35
N ALA N 261 -5.52 -12.86 -3.97
CA ALA N 261 -4.41 -13.69 -3.52
C ALA N 261 -3.51 -14.03 -4.71
N ILE N 262 -2.26 -13.55 -4.65
CA ILE N 262 -1.37 -13.61 -5.80
C ILE N 262 -0.86 -15.01 -6.09
N SER N 263 -1.17 -16.00 -5.26
CA SER N 263 -0.69 -17.34 -5.53
C SER N 263 -1.48 -18.02 -6.64
N THR N 264 -2.52 -17.39 -7.17
CA THR N 264 -3.27 -18.00 -8.25
C THR N 264 -2.38 -18.27 -9.46
N VAL N 265 -1.43 -17.37 -9.71
CA VAL N 265 -0.64 -17.44 -10.94
C VAL N 265 -0.02 -18.82 -11.11
N TRP N 266 0.62 -19.33 -10.07
CA TRP N 266 1.27 -20.62 -10.21
C TRP N 266 0.26 -21.70 -10.55
N ALA N 267 -0.87 -21.72 -9.86
CA ALA N 267 -1.92 -22.66 -10.20
C ALA N 267 -2.27 -22.57 -11.67
N TRP N 268 -2.53 -21.35 -12.13
CA TRP N 268 -2.79 -21.15 -13.55
C TRP N 268 -1.69 -21.76 -14.40
N MET N 269 -0.44 -21.43 -14.10
CA MET N 269 0.67 -21.87 -14.94
C MET N 269 0.68 -23.38 -15.07
N LYS N 270 0.78 -24.08 -13.94
CA LYS N 270 0.82 -25.53 -14.00
C LYS N 270 -0.44 -26.09 -14.64
N SER N 271 -1.58 -25.46 -14.36
CA SER N 271 -2.82 -25.91 -14.97
C SER N 271 -2.70 -25.85 -16.48
N LYS N 272 -2.66 -24.63 -17.02
CA LYS N 272 -2.62 -24.48 -18.47
C LYS N 272 -1.46 -25.24 -19.07
N GLU N 273 -0.41 -25.49 -18.29
CA GLU N 273 0.61 -26.42 -18.73
C GLU N 273 -0.05 -27.75 -19.02
N GLN N 274 -0.50 -28.45 -17.97
CA GLN N 274 -1.08 -29.76 -18.21
C GLN N 274 -2.32 -29.71 -19.08
N GLU N 275 -2.85 -28.52 -19.32
CA GLU N 275 -3.79 -28.38 -20.41
C GLU N 275 -3.10 -28.67 -21.73
N VAL N 276 -1.92 -28.09 -21.94
CA VAL N 276 -1.24 -28.26 -23.21
C VAL N 276 -1.04 -29.74 -23.51
N ARG N 277 -0.36 -30.43 -22.60
CA ARG N 277 -0.11 -31.85 -22.80
C ARG N 277 -1.39 -32.59 -23.12
N ASN N 278 -2.49 -32.20 -22.50
CA ASN N 278 -3.77 -32.82 -22.81
C ASN N 278 -4.06 -32.72 -24.30
N ILE N 279 -4.12 -31.50 -24.82
CA ILE N 279 -4.25 -31.33 -26.26
C ILE N 279 -3.15 -32.10 -26.97
N THR N 280 -1.93 -32.04 -26.43
CA THR N 280 -0.81 -32.70 -27.08
C THR N 280 -1.03 -34.20 -27.15
N TRP N 281 -1.22 -34.84 -26.00
CA TRP N 281 -1.44 -36.29 -26.03
C TRP N 281 -2.63 -36.64 -26.90
N ILE N 282 -3.68 -35.84 -26.83
CA ILE N 282 -4.85 -36.10 -27.65
C ILE N 282 -4.52 -35.93 -29.13
N ALA N 283 -3.82 -34.84 -29.46
CA ALA N 283 -3.39 -34.64 -30.83
C ALA N 283 -2.70 -35.88 -31.36
N GLU N 284 -1.76 -36.41 -30.58
CA GLU N 284 -1.10 -37.66 -30.93
C GLU N 284 -2.14 -38.73 -31.23
N CYS N 285 -3.03 -38.97 -30.28
CA CYS N 285 -4.09 -39.96 -30.49
C CYS N 285 -4.81 -39.69 -31.80
N ILE N 286 -5.13 -38.43 -32.06
CA ILE N 286 -5.88 -38.09 -33.27
C ILE N 286 -5.10 -38.50 -34.51
N ALA N 287 -3.86 -38.02 -34.62
CA ALA N 287 -3.09 -38.29 -35.83
C ALA N 287 -2.55 -39.72 -35.83
N GLN N 288 -2.13 -40.22 -34.69
CA GLN N 288 -1.53 -41.55 -34.65
C GLN N 288 -2.57 -42.65 -34.59
N ASN N 289 -3.85 -42.30 -34.66
CA ASN N 289 -4.92 -43.28 -34.64
C ASN N 289 -4.82 -44.16 -33.40
N GLN N 290 -4.98 -43.50 -32.26
CA GLN N 290 -4.89 -44.16 -30.97
C GLN N 290 -6.27 -44.32 -30.35
N ARG N 291 -6.46 -45.45 -29.71
CA ARG N 291 -7.69 -45.80 -29.04
C ARG N 291 -7.42 -45.85 -27.55
N GLU N 292 -8.40 -46.36 -26.80
CA GLU N 292 -8.32 -46.39 -25.34
C GLU N 292 -8.28 -44.93 -24.89
N ARG N 293 -7.28 -44.51 -24.14
CA ARG N 293 -7.24 -43.16 -23.63
C ARG N 293 -6.67 -42.19 -24.66
N ILE N 294 -7.18 -40.96 -24.84
CA ILE N 294 -8.51 -40.39 -24.52
C ILE N 294 -8.99 -40.22 -23.08
N ASN N 295 -8.29 -40.79 -22.11
CA ASN N 295 -8.63 -40.60 -20.71
C ASN N 295 -7.65 -39.68 -19.99
N ASN N 296 -6.58 -39.24 -20.63
CA ASN N 296 -5.54 -38.54 -19.90
C ASN N 296 -5.94 -37.14 -19.46
N TYR N 297 -7.10 -36.66 -19.90
CA TYR N 297 -7.53 -35.31 -19.61
C TYR N 297 -7.45 -34.96 -18.12
#